data_2CRQ
#
_entry.id   2CRQ
#
_entity_poly.entity_id   1
_entity_poly.type   'polypeptide(L)'
_entity_poly.pdbx_seq_one_letter_code
;GSSGSSGPKTGPTMTKELVFSSNIGQHDLDTKSKQIQQWIEKKYHVQVTIKRRKDAEQSEEETEEIFNQILQTMPDIATF
SSRPKAIRGGTASMCVFRHLSKKEEKSGPSSG
;
_entity_poly.pdbx_strand_id   A
#
# COMPACT_ATOMS: atom_id res chain seq x y z
N GLY A 1 -4.42 25.35 18.21
CA GLY A 1 -5.55 24.59 18.69
C GLY A 1 -6.05 23.58 17.67
N SER A 2 -6.42 22.40 18.13
CA SER A 2 -6.90 21.34 17.24
C SER A 2 -8.27 20.82 17.71
N SER A 3 -9.16 20.58 16.76
CA SER A 3 -10.50 20.08 17.07
C SER A 3 -11.04 19.24 15.92
N GLY A 4 -11.35 17.99 16.21
CA GLY A 4 -11.88 17.09 15.20
C GLY A 4 -11.84 15.64 15.63
N SER A 5 -13.01 15.07 15.89
CA SER A 5 -13.11 13.67 16.32
C SER A 5 -14.22 12.96 15.56
N SER A 6 -13.85 12.30 14.47
CA SER A 6 -14.81 11.57 13.65
C SER A 6 -15.48 10.47 14.45
N GLY A 7 -14.67 9.59 15.02
CA GLY A 7 -15.20 8.50 15.82
C GLY A 7 -14.48 7.18 15.57
N PRO A 8 -14.33 6.37 16.62
CA PRO A 8 -13.66 5.07 16.53
C PRO A 8 -14.46 4.05 15.72
N LYS A 9 -14.05 3.84 14.48
CA LYS A 9 -14.73 2.89 13.60
C LYS A 9 -13.72 2.06 12.81
N THR A 10 -13.71 0.76 13.07
CA THR A 10 -12.79 -0.15 12.38
C THR A 10 -13.15 -0.28 10.90
N GLY A 11 -14.43 -0.07 10.58
CA GLY A 11 -14.88 -0.16 9.21
C GLY A 11 -15.46 -1.52 8.88
N PRO A 12 -16.38 -1.55 7.90
CA PRO A 12 -17.04 -2.80 7.47
C PRO A 12 -16.08 -3.73 6.74
N THR A 13 -16.62 -4.81 6.19
CA THR A 13 -15.82 -5.78 5.46
C THR A 13 -15.69 -5.41 4.00
N MET A 14 -14.67 -4.62 3.68
CA MET A 14 -14.44 -4.19 2.30
C MET A 14 -12.96 -4.31 1.94
N THR A 15 -12.68 -4.50 0.65
CA THR A 15 -11.32 -4.64 0.17
C THR A 15 -11.06 -3.71 -1.01
N LYS A 16 -9.86 -3.13 -1.06
CA LYS A 16 -9.49 -2.23 -2.13
C LYS A 16 -8.40 -2.85 -3.01
N GLU A 17 -8.25 -2.32 -4.22
CA GLU A 17 -7.25 -2.82 -5.15
C GLU A 17 -6.67 -1.69 -5.99
N LEU A 18 -5.39 -1.78 -6.31
CA LEU A 18 -4.71 -0.77 -7.10
C LEU A 18 -3.81 -1.41 -8.15
N VAL A 19 -3.94 -0.96 -9.39
CA VAL A 19 -3.14 -1.49 -10.49
C VAL A 19 -2.56 -0.36 -11.33
N PHE A 20 -1.26 -0.45 -11.60
CA PHE A 20 -0.57 0.57 -12.40
C PHE A 20 0.70 0.00 -13.02
N SER A 21 1.32 0.79 -13.90
CA SER A 21 2.55 0.37 -14.57
C SER A 21 3.77 0.93 -13.86
N SER A 22 4.92 0.29 -14.07
CA SER A 22 6.17 0.73 -13.45
C SER A 22 6.60 2.09 -13.99
N ASN A 23 6.19 2.39 -15.22
CA ASN A 23 6.54 3.65 -15.85
C ASN A 23 6.26 4.83 -14.92
N ILE A 24 5.17 4.72 -14.16
CA ILE A 24 4.80 5.77 -13.23
C ILE A 24 6.02 6.45 -12.63
N GLY A 25 6.02 7.77 -12.62
CA GLY A 25 7.15 8.52 -12.08
C GLY A 25 6.93 8.92 -10.63
N GLN A 26 7.85 9.70 -10.09
CA GLN A 26 7.75 10.16 -8.71
C GLN A 26 6.53 11.07 -8.52
N HIS A 27 6.35 12.00 -9.45
CA HIS A 27 5.22 12.93 -9.39
C HIS A 27 3.89 12.16 -9.30
N ASP A 28 3.72 11.20 -10.20
CA ASP A 28 2.50 10.40 -10.23
C ASP A 28 2.43 9.47 -9.02
N LEU A 29 3.40 8.57 -8.91
CA LEU A 29 3.45 7.63 -7.80
C LEU A 29 3.10 8.32 -6.48
N ASP A 30 3.57 9.55 -6.33
CA ASP A 30 3.31 10.31 -5.11
C ASP A 30 1.81 10.31 -4.78
N THR A 31 0.99 10.48 -5.80
CA THR A 31 -0.46 10.50 -5.62
C THR A 31 -0.99 9.10 -5.30
N LYS A 32 -0.55 8.12 -6.08
CA LYS A 32 -0.99 6.74 -5.88
C LYS A 32 -0.85 6.34 -4.42
N SER A 33 0.29 6.65 -3.83
CA SER A 33 0.54 6.31 -2.43
C SER A 33 -0.47 6.99 -1.51
N LYS A 34 -0.58 8.30 -1.65
CA LYS A 34 -1.52 9.07 -0.83
C LYS A 34 -2.86 8.36 -0.72
N GLN A 35 -3.38 7.91 -1.86
CA GLN A 35 -4.66 7.21 -1.88
C GLN A 35 -4.62 5.96 -0.99
N ILE A 36 -3.61 5.12 -1.21
CA ILE A 36 -3.45 3.90 -0.43
C ILE A 36 -3.41 4.20 1.07
N GLN A 37 -2.58 5.18 1.44
CA GLN A 37 -2.44 5.57 2.84
C GLN A 37 -3.80 5.81 3.48
N GLN A 38 -4.59 6.69 2.87
CA GLN A 38 -5.92 7.01 3.38
C GLN A 38 -6.70 5.74 3.68
N TRP A 39 -6.57 4.74 2.80
CA TRP A 39 -7.27 3.48 2.97
C TRP A 39 -6.76 2.74 4.21
N ILE A 40 -5.46 2.42 4.20
CA ILE A 40 -4.86 1.71 5.32
C ILE A 40 -5.35 2.25 6.65
N GLU A 41 -5.55 3.56 6.72
CA GLU A 41 -6.03 4.21 7.94
C GLU A 41 -7.19 3.43 8.54
N LYS A 42 -8.20 3.16 7.71
CA LYS A 42 -9.38 2.42 8.17
C LYS A 42 -9.15 0.92 8.08
N LYS A 43 -7.89 0.51 8.25
CA LYS A 43 -7.53 -0.90 8.20
C LYS A 43 -8.08 -1.56 6.94
N TYR A 44 -7.97 -0.85 5.81
CA TYR A 44 -8.45 -1.37 4.53
C TYR A 44 -7.36 -2.17 3.82
N HIS A 45 -7.68 -3.40 3.46
CA HIS A 45 -6.73 -4.27 2.77
C HIS A 45 -6.56 -3.83 1.31
N VAL A 46 -5.46 -3.14 1.04
CA VAL A 46 -5.18 -2.65 -0.31
C VAL A 46 -4.25 -3.61 -1.05
N GLN A 47 -4.68 -4.08 -2.21
CA GLN A 47 -3.88 -4.99 -3.01
C GLN A 47 -3.22 -4.27 -4.17
N VAL A 48 -1.90 -4.17 -4.12
CA VAL A 48 -1.14 -3.51 -5.17
C VAL A 48 -0.57 -4.51 -6.17
N THR A 49 -0.54 -4.11 -7.45
CA THR A 49 -0.02 -4.98 -8.50
C THR A 49 0.73 -4.17 -9.55
N ILE A 50 2.05 -4.36 -9.61
CA ILE A 50 2.88 -3.65 -10.57
C ILE A 50 2.98 -4.43 -11.88
N LYS A 51 2.79 -3.72 -12.99
CA LYS A 51 2.87 -4.34 -14.30
C LYS A 51 4.13 -3.92 -15.04
N ARG A 52 4.84 -4.89 -15.61
CA ARG A 52 6.08 -4.61 -16.33
C ARG A 52 5.92 -4.93 -17.82
N ARG A 53 6.75 -4.30 -18.65
CA ARG A 53 6.69 -4.52 -20.08
C ARG A 53 7.05 -5.96 -20.43
N LYS A 54 7.01 -6.28 -21.72
CA LYS A 54 7.33 -7.62 -22.19
C LYS A 54 8.76 -8.00 -21.84
N ASP A 55 8.97 -8.51 -20.64
CA ASP A 55 10.30 -8.91 -20.19
C ASP A 55 11.25 -7.72 -20.20
N ALA A 56 10.77 -6.58 -19.73
CA ALA A 56 11.59 -5.36 -19.68
C ALA A 56 13.03 -5.68 -19.31
N GLU A 57 13.95 -4.80 -19.71
CA GLU A 57 15.36 -4.99 -19.41
C GLU A 57 15.66 -4.67 -17.95
N GLN A 58 14.93 -5.31 -17.04
CA GLN A 58 15.13 -5.09 -15.61
C GLN A 58 14.87 -6.36 -14.82
N SER A 59 15.59 -6.53 -13.72
CA SER A 59 15.45 -7.72 -12.88
C SER A 59 14.38 -7.49 -11.81
N GLU A 60 14.05 -8.56 -11.09
CA GLU A 60 13.05 -8.48 -10.04
C GLU A 60 13.42 -7.43 -9.00
N GLU A 61 14.70 -7.39 -8.65
CA GLU A 61 15.19 -6.43 -7.67
C GLU A 61 14.66 -5.02 -7.96
N GLU A 62 14.53 -4.71 -9.24
CA GLU A 62 14.04 -3.40 -9.67
C GLU A 62 12.54 -3.26 -9.37
N THR A 63 11.80 -4.33 -9.66
CA THR A 63 10.36 -4.33 -9.44
C THR A 63 10.03 -4.21 -7.94
N GLU A 64 10.98 -4.60 -7.10
CA GLU A 64 10.79 -4.54 -5.66
C GLU A 64 10.88 -3.10 -5.17
N GLU A 65 11.65 -2.28 -5.87
CA GLU A 65 11.83 -0.88 -5.51
C GLU A 65 10.48 -0.19 -5.33
N ILE A 66 9.74 -0.08 -6.43
CA ILE A 66 8.43 0.56 -6.41
C ILE A 66 7.69 0.27 -5.10
N PHE A 67 7.58 -1.01 -4.76
CA PHE A 67 6.91 -1.42 -3.53
C PHE A 67 7.40 -0.59 -2.35
N ASN A 68 8.71 -0.65 -2.09
CA ASN A 68 9.31 0.08 -0.98
C ASN A 68 9.01 1.57 -1.09
N GLN A 69 9.14 2.10 -2.31
CA GLN A 69 8.88 3.52 -2.55
C GLN A 69 7.52 3.93 -1.98
N ILE A 70 6.59 2.99 -1.96
CA ILE A 70 5.25 3.27 -1.44
C ILE A 70 5.22 3.12 0.08
N LEU A 71 5.79 2.03 0.58
CA LEU A 71 5.82 1.78 2.02
C LEU A 71 6.69 2.81 2.73
N GLN A 72 7.54 3.48 1.97
CA GLN A 72 8.42 4.50 2.53
C GLN A 72 7.64 5.73 2.98
N THR A 73 6.36 5.77 2.61
CA THR A 73 5.49 6.89 2.97
C THR A 73 4.65 6.55 4.18
N MET A 74 4.39 5.26 4.39
CA MET A 74 3.60 4.81 5.53
C MET A 74 4.33 3.74 6.31
N PRO A 75 5.63 3.96 6.56
CA PRO A 75 6.47 3.03 7.31
C PRO A 75 6.10 2.96 8.79
N ASP A 76 5.35 3.96 9.25
CA ASP A 76 4.91 4.00 10.65
C ASP A 76 3.40 3.90 10.74
N ILE A 77 2.74 3.70 9.62
CA ILE A 77 1.29 3.58 9.58
C ILE A 77 0.87 2.29 8.88
N ALA A 78 1.76 1.74 8.07
CA ALA A 78 1.47 0.50 7.34
C ALA A 78 2.71 -0.38 7.25
N THR A 79 2.51 -1.64 6.90
CA THR A 79 3.62 -2.59 6.77
C THR A 79 3.34 -3.61 5.66
N PHE A 80 4.38 -4.33 5.26
CA PHE A 80 4.25 -5.34 4.21
C PHE A 80 3.35 -6.48 4.66
N SER A 81 2.04 -6.23 4.66
CA SER A 81 1.07 -7.24 5.07
C SER A 81 1.38 -8.58 4.42
N SER A 82 1.58 -8.56 3.11
CA SER A 82 1.88 -9.79 2.38
C SER A 82 3.08 -9.59 1.45
N ARG A 83 4.23 -10.13 1.85
CA ARG A 83 5.44 -10.02 1.06
C ARG A 83 5.14 -10.16 -0.44
N PRO A 84 5.76 -9.29 -1.25
CA PRO A 84 5.58 -9.29 -2.70
C PRO A 84 6.20 -10.52 -3.36
N LYS A 85 5.51 -11.08 -4.34
CA LYS A 85 6.00 -12.26 -5.05
C LYS A 85 5.78 -12.10 -6.55
N ALA A 86 6.45 -12.96 -7.32
CA ALA A 86 6.33 -12.92 -8.78
C ALA A 86 5.05 -13.60 -9.25
N ILE A 87 4.11 -12.81 -9.76
CA ILE A 87 2.85 -13.35 -10.24
C ILE A 87 2.76 -13.29 -11.75
N ARG A 88 1.81 -14.03 -12.32
CA ARG A 88 1.63 -14.06 -13.77
C ARG A 88 2.90 -14.54 -14.47
N GLY A 89 3.67 -15.36 -13.76
CA GLY A 89 4.90 -15.87 -14.34
C GLY A 89 6.10 -15.00 -14.03
N GLY A 90 5.89 -13.97 -13.21
CA GLY A 90 6.96 -13.07 -12.86
C GLY A 90 6.87 -11.73 -13.57
N THR A 91 6.10 -11.71 -14.67
CA THR A 91 5.92 -10.49 -15.44
C THR A 91 5.43 -9.34 -14.56
N ALA A 92 4.82 -9.69 -13.44
CA ALA A 92 4.31 -8.68 -12.51
C ALA A 92 4.43 -9.16 -11.06
N SER A 93 4.10 -8.28 -10.13
CA SER A 93 4.17 -8.62 -8.71
C SER A 93 2.93 -8.12 -7.98
N MET A 94 2.51 -8.89 -6.97
CA MET A 94 1.33 -8.54 -6.19
C MET A 94 1.65 -8.49 -4.70
N CYS A 95 1.05 -7.55 -3.99
CA CYS A 95 1.28 -7.41 -2.55
C CYS A 95 0.12 -6.67 -1.89
N VAL A 96 0.13 -6.65 -0.56
CA VAL A 96 -0.93 -5.99 0.20
C VAL A 96 -0.34 -5.16 1.35
N PHE A 97 -1.06 -4.13 1.75
CA PHE A 97 -0.62 -3.26 2.84
C PHE A 97 -1.62 -3.25 3.98
N ARG A 98 -1.13 -3.39 5.21
CA ARG A 98 -1.99 -3.41 6.38
C ARG A 98 -1.45 -2.46 7.45
N HIS A 99 -2.17 -2.38 8.57
CA HIS A 99 -1.78 -1.50 9.66
C HIS A 99 -0.80 -2.22 10.60
N LEU A 100 0.06 -1.43 11.25
CA LEU A 100 1.04 -1.99 12.17
C LEU A 100 0.37 -2.60 13.40
N SER A 101 0.28 -3.93 13.41
CA SER A 101 -0.35 -4.64 14.52
C SER A 101 0.26 -4.21 15.85
N LYS A 102 1.47 -3.65 15.79
CA LYS A 102 2.17 -3.20 16.99
C LYS A 102 1.74 -1.78 17.37
N LYS A 103 1.88 -1.46 18.66
CA LYS A 103 1.50 -0.14 19.14
C LYS A 103 2.50 0.93 18.68
N GLU A 104 2.56 1.14 17.37
CA GLU A 104 3.47 2.13 16.80
C GLU A 104 2.74 3.03 15.82
N GLU A 105 2.39 4.24 16.27
CA GLU A 105 1.70 5.20 15.42
C GLU A 105 2.33 6.58 15.53
N LYS A 106 3.06 6.97 14.49
CA LYS A 106 3.73 8.26 14.46
C LYS A 106 2.93 9.27 13.64
N SER A 107 1.60 9.10 13.63
CA SER A 107 0.73 9.98 12.89
C SER A 107 -0.46 10.43 13.76
N GLY A 108 -0.62 11.74 13.90
CA GLY A 108 -1.71 12.27 14.70
C GLY A 108 -1.26 12.68 16.08
N PRO A 109 -2.21 12.75 17.02
CA PRO A 109 -1.94 13.13 18.41
C PRO A 109 -1.14 12.06 19.16
N SER A 110 -0.35 12.49 20.13
CA SER A 110 0.46 11.58 20.92
C SER A 110 -0.40 10.48 21.54
N SER A 111 -0.59 9.39 20.80
CA SER A 111 -1.40 8.27 21.28
C SER A 111 -0.92 7.82 22.65
N GLY A 112 -1.82 7.87 23.64
CA GLY A 112 -1.48 7.46 24.98
C GLY A 112 -2.69 7.05 25.79
N GLY A 1 0.33 26.40 10.67
CA GLY A 1 -0.11 25.05 10.39
C GLY A 1 -1.62 24.91 10.45
N SER A 2 -2.09 23.69 10.67
CA SER A 2 -3.52 23.42 10.74
C SER A 2 -3.82 22.39 11.82
N SER A 3 -5.11 22.13 12.04
CA SER A 3 -5.54 21.16 13.03
C SER A 3 -6.94 20.64 12.72
N GLY A 4 -7.15 19.35 12.98
CA GLY A 4 -8.44 18.74 12.72
C GLY A 4 -8.75 17.59 13.65
N SER A 5 -9.76 16.81 13.31
CA SER A 5 -10.16 15.66 14.14
C SER A 5 -9.83 14.36 13.43
N SER A 6 -9.99 13.24 14.14
CA SER A 6 -9.70 11.93 13.59
C SER A 6 -10.38 10.83 14.41
N GLY A 7 -10.89 9.81 13.73
CA GLY A 7 -11.56 8.72 14.41
C GLY A 7 -12.22 7.76 13.45
N PRO A 8 -11.42 6.83 12.89
CA PRO A 8 -11.93 5.83 11.95
C PRO A 8 -12.83 4.79 12.62
N LYS A 9 -13.34 3.85 11.82
CA LYS A 9 -14.21 2.81 12.33
C LYS A 9 -14.22 1.60 11.41
N THR A 10 -14.45 0.43 11.99
CA THR A 10 -14.48 -0.81 11.21
C THR A 10 -15.77 -0.95 10.43
N GLY A 11 -15.68 -0.88 9.11
CA GLY A 11 -16.86 -1.00 8.27
C GLY A 11 -17.07 -2.41 7.76
N PRO A 12 -17.96 -2.56 6.77
CA PRO A 12 -18.27 -3.86 6.17
C PRO A 12 -17.11 -4.42 5.35
N THR A 13 -17.24 -5.67 4.93
CA THR A 13 -16.20 -6.32 4.13
C THR A 13 -15.88 -5.51 2.88
N MET A 14 -14.94 -4.58 3.01
CA MET A 14 -14.54 -3.74 1.89
C MET A 14 -13.05 -3.91 1.58
N THR A 15 -12.73 -4.06 0.30
CA THR A 15 -11.35 -4.24 -0.12
C THR A 15 -11.04 -3.40 -1.35
N LYS A 16 -9.85 -2.81 -1.38
CA LYS A 16 -9.43 -1.98 -2.51
C LYS A 16 -8.30 -2.65 -3.27
N GLU A 17 -8.14 -2.26 -4.54
CA GLU A 17 -7.10 -2.82 -5.39
C GLU A 17 -6.44 -1.73 -6.23
N LEU A 18 -5.12 -1.76 -6.29
CA LEU A 18 -4.37 -0.77 -7.07
C LEU A 18 -3.48 -1.46 -8.09
N VAL A 19 -3.36 -0.85 -9.28
CA VAL A 19 -2.53 -1.39 -10.34
C VAL A 19 -1.82 -0.28 -11.10
N PHE A 20 -0.55 -0.52 -11.43
CA PHE A 20 0.24 0.46 -12.17
C PHE A 20 1.59 -0.13 -12.58
N SER A 21 2.00 0.17 -13.80
CA SER A 21 3.27 -0.34 -14.33
C SER A 21 4.45 0.18 -13.51
N SER A 22 5.56 -0.54 -13.56
CA SER A 22 6.75 -0.16 -12.82
C SER A 22 7.41 1.07 -13.43
N ASN A 23 6.84 1.54 -14.53
CA ASN A 23 7.36 2.72 -15.22
C ASN A 23 6.52 3.95 -14.91
N ILE A 24 6.03 4.02 -13.68
CA ILE A 24 5.20 5.15 -13.25
C ILE A 24 6.07 6.34 -12.84
N GLY A 25 5.71 7.52 -13.31
CA GLY A 25 6.46 8.72 -12.98
C GLY A 25 6.47 9.01 -11.50
N GLN A 26 7.42 9.84 -11.06
CA GLN A 26 7.54 10.19 -9.65
C GLN A 26 6.37 11.04 -9.20
N HIS A 27 5.87 11.88 -10.10
CA HIS A 27 4.74 12.75 -9.80
C HIS A 27 3.44 11.95 -9.68
N ASP A 28 3.35 10.87 -10.45
CA ASP A 28 2.17 10.02 -10.44
C ASP A 28 2.22 9.05 -9.28
N LEU A 29 3.35 8.35 -9.12
CA LEU A 29 3.52 7.38 -8.05
C LEU A 29 3.22 8.02 -6.70
N ASP A 30 3.73 9.23 -6.50
CA ASP A 30 3.52 9.95 -5.25
C ASP A 30 2.07 9.85 -4.79
N THR A 31 1.16 10.34 -5.64
CA THR A 31 -0.27 10.31 -5.32
C THR A 31 -0.71 8.90 -4.96
N LYS A 32 -0.36 7.93 -5.79
CA LYS A 32 -0.72 6.53 -5.55
C LYS A 32 -0.50 6.16 -4.09
N SER A 33 0.64 6.55 -3.54
CA SER A 33 0.97 6.25 -2.16
C SER A 33 -0.02 6.91 -1.22
N LYS A 34 -0.24 8.21 -1.40
CA LYS A 34 -1.17 8.96 -0.57
C LYS A 34 -2.52 8.25 -0.49
N GLN A 35 -3.05 7.84 -1.64
CA GLN A 35 -4.33 7.16 -1.70
C GLN A 35 -4.31 5.91 -0.83
N ILE A 36 -3.31 5.07 -1.03
CA ILE A 36 -3.18 3.82 -0.26
C ILE A 36 -3.19 4.11 1.23
N GLN A 37 -2.41 5.10 1.66
CA GLN A 37 -2.34 5.47 3.06
C GLN A 37 -3.72 5.73 3.64
N GLN A 38 -4.49 6.58 2.96
CA GLN A 38 -5.84 6.92 3.40
C GLN A 38 -6.66 5.66 3.63
N TRP A 39 -6.50 4.68 2.76
CA TRP A 39 -7.23 3.41 2.86
C TRP A 39 -6.78 2.63 4.09
N ILE A 40 -5.47 2.39 4.19
CA ILE A 40 -4.92 1.65 5.31
C ILE A 40 -5.46 2.16 6.63
N GLU A 41 -5.55 3.48 6.76
CA GLU A 41 -6.06 4.10 7.98
C GLU A 41 -7.29 3.36 8.49
N LYS A 42 -8.23 3.07 7.58
CA LYS A 42 -9.45 2.36 7.94
C LYS A 42 -9.25 0.85 7.84
N LYS A 43 -8.04 0.39 8.18
CA LYS A 43 -7.73 -1.03 8.13
C LYS A 43 -8.26 -1.66 6.85
N TYR A 44 -8.03 -1.00 5.72
CA TYR A 44 -8.48 -1.51 4.43
C TYR A 44 -7.37 -2.27 3.72
N HIS A 45 -7.69 -3.48 3.27
CA HIS A 45 -6.72 -4.32 2.57
C HIS A 45 -6.49 -3.81 1.15
N VAL A 46 -5.36 -3.15 0.94
CA VAL A 46 -5.01 -2.62 -0.37
C VAL A 46 -4.10 -3.57 -1.14
N GLN A 47 -4.64 -4.17 -2.19
CA GLN A 47 -3.88 -5.11 -3.01
C GLN A 47 -3.23 -4.40 -4.19
N VAL A 48 -1.92 -4.23 -4.13
CA VAL A 48 -1.18 -3.57 -5.20
C VAL A 48 -0.62 -4.58 -6.19
N THR A 49 -0.66 -4.23 -7.48
CA THR A 49 -0.16 -5.11 -8.53
C THR A 49 0.60 -4.32 -9.59
N ILE A 50 1.87 -4.67 -9.78
CA ILE A 50 2.70 -4.00 -10.77
C ILE A 50 2.87 -4.85 -12.02
N LYS A 51 2.97 -4.19 -13.17
CA LYS A 51 3.14 -4.88 -14.44
C LYS A 51 4.40 -4.43 -15.15
N ARG A 52 5.16 -5.39 -15.67
CA ARG A 52 6.40 -5.09 -16.37
C ARG A 52 6.22 -5.18 -17.88
N ARG A 53 6.98 -4.39 -18.62
CA ARG A 53 6.89 -4.38 -20.08
C ARG A 53 7.51 -5.65 -20.66
N LYS A 54 6.81 -6.25 -21.62
CA LYS A 54 7.27 -7.47 -22.27
C LYS A 54 8.75 -7.35 -22.64
N ASP A 55 9.14 -6.19 -23.16
CA ASP A 55 10.52 -5.96 -23.55
C ASP A 55 11.16 -4.89 -22.67
N ALA A 56 10.75 -4.83 -21.41
CA ALA A 56 11.27 -3.85 -20.47
C ALA A 56 12.79 -3.90 -20.42
N GLU A 57 13.39 -2.89 -19.81
CA GLU A 57 14.84 -2.82 -19.70
C GLU A 57 15.29 -3.00 -18.25
N GLN A 58 14.46 -2.54 -17.32
CA GLN A 58 14.76 -2.66 -15.90
C GLN A 58 14.67 -4.11 -15.44
N SER A 59 15.34 -4.42 -14.34
CA SER A 59 15.34 -5.77 -13.80
C SER A 59 14.23 -5.93 -12.76
N GLU A 60 13.84 -7.18 -12.51
CA GLU A 60 12.79 -7.48 -11.54
C GLU A 60 13.03 -6.72 -10.24
N GLU A 61 14.28 -6.71 -9.79
CA GLU A 61 14.65 -6.04 -8.55
C GLU A 61 13.87 -4.73 -8.41
N GLU A 62 13.96 -3.88 -9.42
CA GLU A 62 13.28 -2.59 -9.41
C GLU A 62 11.82 -2.76 -8.98
N THR A 63 11.09 -3.63 -9.67
CA THR A 63 9.69 -3.87 -9.37
C THR A 63 9.46 -3.93 -7.86
N GLU A 64 10.20 -4.81 -7.19
CA GLU A 64 10.07 -4.96 -5.74
C GLU A 64 10.28 -3.62 -5.04
N GLU A 65 11.40 -2.97 -5.32
CA GLU A 65 11.72 -1.68 -4.71
C GLU A 65 10.48 -0.79 -4.66
N ILE A 66 9.67 -0.85 -5.70
CA ILE A 66 8.46 -0.05 -5.78
C ILE A 66 7.69 -0.09 -4.46
N PHE A 67 7.21 -1.27 -4.10
CA PHE A 67 6.45 -1.44 -2.86
C PHE A 67 7.09 -0.65 -1.72
N ASN A 68 8.40 -0.80 -1.57
CA ASN A 68 9.13 -0.09 -0.52
C ASN A 68 8.95 1.42 -0.65
N GLN A 69 9.03 1.92 -1.88
CA GLN A 69 8.87 3.34 -2.14
C GLN A 69 7.51 3.84 -1.64
N ILE A 70 6.53 2.95 -1.64
CA ILE A 70 5.19 3.30 -1.19
C ILE A 70 5.08 3.22 0.33
N LEU A 71 5.93 2.39 0.94
CA LEU A 71 5.93 2.22 2.39
C LEU A 71 6.72 3.34 3.06
N GLN A 72 7.50 4.07 2.26
CA GLN A 72 8.30 5.16 2.79
C GLN A 72 7.41 6.33 3.23
N THR A 73 6.13 6.22 2.94
CA THR A 73 5.17 7.27 3.30
C THR A 73 4.36 6.87 4.52
N MET A 74 4.33 5.57 4.80
CA MET A 74 3.59 5.06 5.96
C MET A 74 4.43 4.08 6.75
N PRO A 75 5.70 4.42 6.97
CA PRO A 75 6.64 3.58 7.73
C PRO A 75 6.29 3.50 9.21
N ASP A 76 5.29 4.26 9.62
CA ASP A 76 4.85 4.28 11.01
C ASP A 76 3.34 4.09 11.12
N ILE A 77 2.71 3.76 9.99
CA ILE A 77 1.27 3.55 9.95
C ILE A 77 0.92 2.29 9.17
N ALA A 78 1.65 2.05 8.08
CA ALA A 78 1.42 0.88 7.25
C ALA A 78 2.63 -0.05 7.24
N THR A 79 2.41 -1.30 6.89
CA THR A 79 3.48 -2.28 6.84
C THR A 79 3.20 -3.37 5.81
N PHE A 80 4.25 -4.06 5.38
CA PHE A 80 4.12 -5.13 4.39
C PHE A 80 3.27 -6.27 4.93
N SER A 81 2.06 -6.40 4.39
CA SER A 81 1.15 -7.46 4.82
C SER A 81 1.46 -8.77 4.11
N SER A 82 1.64 -8.69 2.79
CA SER A 82 1.94 -9.88 1.99
C SER A 82 3.14 -9.62 1.08
N ARG A 83 4.29 -10.19 1.47
CA ARG A 83 5.51 -10.03 0.69
C ARG A 83 5.23 -10.17 -0.80
N PRO A 84 5.82 -9.25 -1.59
CA PRO A 84 5.65 -9.24 -3.05
C PRO A 84 6.35 -10.42 -3.72
N LYS A 85 5.57 -11.21 -4.46
CA LYS A 85 6.12 -12.37 -5.16
C LYS A 85 5.71 -12.37 -6.62
N ALA A 86 6.43 -13.13 -7.44
CA ALA A 86 6.13 -13.22 -8.87
C ALA A 86 4.79 -13.89 -9.11
N ILE A 87 3.88 -13.17 -9.76
CA ILE A 87 2.56 -13.69 -10.06
C ILE A 87 2.38 -13.92 -11.56
N ARG A 88 1.29 -14.58 -11.93
CA ARG A 88 1.01 -14.86 -13.33
C ARG A 88 2.29 -15.16 -14.10
N GLY A 89 3.12 -16.02 -13.54
CA GLY A 89 4.37 -16.37 -14.18
C GLY A 89 5.57 -15.66 -13.57
N GLY A 90 5.45 -14.35 -13.40
CA GLY A 90 6.53 -13.58 -12.82
C GLY A 90 6.68 -12.22 -13.47
N THR A 91 5.95 -12.00 -14.56
CA THR A 91 6.00 -10.73 -15.27
C THR A 91 5.38 -9.60 -14.45
N ALA A 92 4.76 -9.97 -13.33
CA ALA A 92 4.12 -8.99 -12.46
C ALA A 92 4.22 -9.42 -11.00
N SER A 93 4.01 -8.47 -10.09
CA SER A 93 4.08 -8.74 -8.67
C SER A 93 2.79 -8.32 -7.97
N MET A 94 2.53 -8.92 -6.81
CA MET A 94 1.33 -8.61 -6.04
C MET A 94 1.63 -8.56 -4.55
N CYS A 95 1.29 -7.43 -3.92
CA CYS A 95 1.53 -7.27 -2.49
C CYS A 95 0.39 -6.48 -1.84
N VAL A 96 0.23 -6.66 -0.54
CA VAL A 96 -0.82 -5.98 0.21
C VAL A 96 -0.24 -5.09 1.30
N PHE A 97 -1.02 -4.10 1.74
CA PHE A 97 -0.58 -3.18 2.78
C PHE A 97 -1.54 -3.19 3.96
N ARG A 98 -1.00 -3.40 5.15
CA ARG A 98 -1.81 -3.44 6.36
C ARG A 98 -1.18 -2.58 7.47
N HIS A 99 -2.01 -2.15 8.42
CA HIS A 99 -1.53 -1.33 9.52
C HIS A 99 -0.62 -2.13 10.45
N LEU A 100 0.38 -1.46 11.00
CA LEU A 100 1.32 -2.11 11.90
C LEU A 100 0.60 -2.95 12.95
N SER A 101 1.35 -3.77 13.67
CA SER A 101 0.78 -4.63 14.71
C SER A 101 0.47 -3.81 15.97
N LYS A 102 -0.21 -4.45 16.91
CA LYS A 102 -0.58 -3.80 18.17
C LYS A 102 0.63 -3.11 18.78
N LYS A 103 1.62 -3.89 19.20
CA LYS A 103 2.83 -3.35 19.81
C LYS A 103 3.47 -2.31 18.90
N GLU A 104 3.92 -2.75 17.73
CA GLU A 104 4.56 -1.87 16.77
C GLU A 104 3.88 -0.50 16.76
N GLU A 105 2.58 -0.49 16.50
CA GLU A 105 1.82 0.75 16.45
C GLU A 105 1.65 1.34 17.86
N LYS A 106 1.13 2.56 17.93
CA LYS A 106 0.92 3.22 19.20
C LYS A 106 0.25 2.28 20.22
N SER A 107 0.22 2.71 21.47
CA SER A 107 -0.38 1.91 22.53
C SER A 107 -1.76 1.41 22.12
N GLY A 108 -2.09 0.19 22.52
CA GLY A 108 -3.37 -0.39 22.19
C GLY A 108 -3.81 -1.47 23.16
N PRO A 109 -4.21 -1.05 24.37
CA PRO A 109 -4.66 -1.98 25.42
C PRO A 109 -5.99 -2.64 25.09
N SER A 110 -5.94 -3.92 24.73
CA SER A 110 -7.15 -4.66 24.39
C SER A 110 -7.58 -5.56 25.54
N SER A 111 -8.36 -5.01 26.46
CA SER A 111 -8.84 -5.75 27.62
C SER A 111 -10.33 -5.50 27.86
N GLY A 112 -11.10 -6.58 27.90
CA GLY A 112 -12.53 -6.45 28.13
C GLY A 112 -12.99 -7.18 29.37
N GLY A 1 -14.42 23.07 16.50
CA GLY A 1 -15.37 22.02 16.20
C GLY A 1 -15.19 20.80 17.06
N SER A 2 -15.79 19.69 16.65
CA SER A 2 -15.69 18.44 17.41
C SER A 2 -15.47 17.26 16.47
N SER A 3 -15.32 16.07 17.05
CA SER A 3 -15.08 14.87 16.28
C SER A 3 -15.07 13.62 17.17
N GLY A 4 -14.99 12.45 16.55
CA GLY A 4 -14.98 11.22 17.32
C GLY A 4 -13.94 10.24 16.81
N SER A 5 -12.78 10.21 17.48
CA SER A 5 -11.69 9.32 17.08
C SER A 5 -12.13 7.87 17.18
N SER A 6 -12.76 7.52 18.30
CA SER A 6 -13.22 6.15 18.53
C SER A 6 -14.23 5.74 17.46
N GLY A 7 -13.75 5.03 16.44
CA GLY A 7 -14.61 4.58 15.37
C GLY A 7 -14.75 3.07 15.32
N PRO A 8 -15.31 2.49 16.39
CA PRO A 8 -15.51 1.05 16.50
C PRO A 8 -16.59 0.54 15.54
N LYS A 9 -17.26 1.46 14.86
CA LYS A 9 -18.31 1.11 13.92
C LYS A 9 -17.72 0.45 12.67
N THR A 10 -18.21 -0.74 12.36
CA THR A 10 -17.72 -1.48 11.19
C THR A 10 -18.87 -1.80 10.23
N GLY A 11 -18.52 -2.29 9.04
CA GLY A 11 -19.53 -2.63 8.06
C GLY A 11 -19.23 -3.94 7.35
N PRO A 12 -19.84 -4.12 6.17
CA PRO A 12 -19.64 -5.33 5.36
C PRO A 12 -18.24 -5.41 4.77
N THR A 13 -17.88 -6.60 4.29
CA THR A 13 -16.56 -6.82 3.69
C THR A 13 -16.24 -5.75 2.66
N MET A 14 -14.96 -5.47 2.48
CA MET A 14 -14.50 -4.47 1.52
C MET A 14 -12.99 -4.49 1.37
N THR A 15 -12.53 -4.77 0.16
CA THR A 15 -11.10 -4.81 -0.12
C THR A 15 -10.72 -3.90 -1.28
N LYS A 16 -9.68 -3.10 -1.08
CA LYS A 16 -9.23 -2.17 -2.11
C LYS A 16 -8.11 -2.79 -2.94
N GLU A 17 -8.09 -2.48 -4.23
CA GLU A 17 -7.08 -3.01 -5.13
C GLU A 17 -6.53 -1.91 -6.04
N LEU A 18 -5.21 -1.89 -6.21
CA LEU A 18 -4.56 -0.89 -7.05
C LEU A 18 -3.60 -1.54 -8.03
N VAL A 19 -3.79 -1.25 -9.32
CA VAL A 19 -2.94 -1.81 -10.36
C VAL A 19 -2.42 -0.71 -11.29
N PHE A 20 -1.10 -0.58 -11.35
CA PHE A 20 -0.47 0.42 -12.21
C PHE A 20 0.80 -0.12 -12.85
N SER A 21 1.31 0.59 -13.84
CA SER A 21 2.52 0.18 -14.54
C SER A 21 3.76 0.72 -13.84
N SER A 22 4.90 0.10 -14.12
CA SER A 22 6.17 0.52 -13.51
C SER A 22 6.61 1.88 -14.06
N ASN A 23 6.03 2.27 -15.19
CA ASN A 23 6.36 3.55 -15.82
C ASN A 23 5.44 4.65 -15.33
N ILE A 24 5.12 4.62 -14.04
CA ILE A 24 4.24 5.62 -13.43
C ILE A 24 5.01 6.89 -13.11
N GLY A 25 6.23 6.73 -12.61
CA GLY A 25 7.05 7.88 -12.25
C GLY A 25 7.01 8.18 -10.77
N GLN A 26 7.89 9.06 -10.32
CA GLN A 26 7.95 9.44 -8.92
C GLN A 26 6.91 10.53 -8.61
N HIS A 27 6.72 11.45 -9.54
CA HIS A 27 5.77 12.53 -9.36
C HIS A 27 4.33 12.00 -9.40
N ASP A 28 4.12 10.95 -10.18
CA ASP A 28 2.79 10.35 -10.29
C ASP A 28 2.51 9.43 -9.10
N LEU A 29 3.40 8.48 -8.88
CA LEU A 29 3.25 7.54 -7.77
C LEU A 29 2.90 8.27 -6.48
N ASP A 30 3.39 9.50 -6.36
CA ASP A 30 3.13 10.31 -5.16
C ASP A 30 1.65 10.29 -4.81
N THR A 31 0.80 10.45 -5.82
CA THR A 31 -0.65 10.46 -5.62
C THR A 31 -1.15 9.08 -5.21
N LYS A 32 -0.65 8.05 -5.86
CA LYS A 32 -1.04 6.67 -5.56
C LYS A 32 -0.72 6.32 -4.12
N SER A 33 0.49 6.63 -3.68
CA SER A 33 0.92 6.34 -2.32
C SER A 33 -0.04 6.97 -1.31
N LYS A 34 -0.49 8.19 -1.61
CA LYS A 34 -1.41 8.90 -0.74
C LYS A 34 -2.77 8.21 -0.70
N GLN A 35 -3.27 7.84 -1.87
CA GLN A 35 -4.56 7.16 -1.96
C GLN A 35 -4.59 5.91 -1.12
N ILE A 36 -3.54 5.11 -1.22
CA ILE A 36 -3.44 3.87 -0.45
C ILE A 36 -3.45 4.14 1.04
N GLN A 37 -2.62 5.08 1.47
CA GLN A 37 -2.54 5.44 2.88
C GLN A 37 -3.93 5.69 3.46
N GLN A 38 -4.78 6.35 2.68
CA GLN A 38 -6.14 6.65 3.12
C GLN A 38 -6.89 5.37 3.48
N TRP A 39 -6.85 4.39 2.57
CA TRP A 39 -7.53 3.12 2.79
C TRP A 39 -6.98 2.42 4.02
N ILE A 40 -5.66 2.40 4.15
CA ILE A 40 -5.01 1.76 5.29
C ILE A 40 -5.54 2.31 6.61
N GLU A 41 -5.69 3.62 6.67
CA GLU A 41 -6.20 4.28 7.88
C GLU A 41 -7.50 3.64 8.34
N LYS A 42 -8.40 3.39 7.39
CA LYS A 42 -9.69 2.79 7.69
C LYS A 42 -9.59 1.27 7.72
N LYS A 43 -8.39 0.77 7.98
CA LYS A 43 -8.14 -0.67 8.03
C LYS A 43 -8.69 -1.36 6.79
N TYR A 44 -8.32 -0.84 5.62
CA TYR A 44 -8.78 -1.41 4.36
C TYR A 44 -7.62 -2.05 3.61
N HIS A 45 -7.67 -3.37 3.46
CA HIS A 45 -6.61 -4.10 2.76
C HIS A 45 -6.46 -3.58 1.33
N VAL A 46 -5.24 -3.22 0.96
CA VAL A 46 -4.95 -2.71 -0.38
C VAL A 46 -3.99 -3.64 -1.12
N GLN A 47 -4.44 -4.16 -2.25
CA GLN A 47 -3.62 -5.06 -3.05
C GLN A 47 -2.97 -4.31 -4.21
N VAL A 48 -1.67 -4.07 -4.10
CA VAL A 48 -0.93 -3.35 -5.14
C VAL A 48 -0.45 -4.31 -6.22
N THR A 49 -0.43 -3.83 -7.47
CA THR A 49 0.01 -4.64 -8.59
C THR A 49 0.80 -3.82 -9.59
N ILE A 50 1.92 -4.36 -10.05
CA ILE A 50 2.77 -3.67 -11.02
C ILE A 50 2.90 -4.48 -12.31
N LYS A 51 2.54 -3.85 -13.42
CA LYS A 51 2.62 -4.50 -14.73
C LYS A 51 4.02 -4.37 -15.31
N ARG A 52 4.59 -5.50 -15.73
CA ARG A 52 5.93 -5.52 -16.31
C ARG A 52 5.90 -6.14 -17.71
N ARG A 53 6.94 -5.87 -18.49
CA ARG A 53 7.05 -6.40 -19.84
C ARG A 53 8.33 -7.21 -20.01
N LYS A 54 8.53 -7.76 -21.20
CA LYS A 54 9.71 -8.56 -21.50
C LYS A 54 10.95 -7.68 -21.60
N ASP A 55 10.77 -6.48 -22.15
CA ASP A 55 11.87 -5.54 -22.30
C ASP A 55 11.53 -4.19 -21.68
N ALA A 56 10.77 -4.22 -20.59
CA ALA A 56 10.37 -3.00 -19.90
C ALA A 56 11.56 -2.34 -19.22
N GLU A 57 11.34 -1.14 -18.68
CA GLU A 57 12.40 -0.42 -18.00
C GLU A 57 13.33 -1.36 -17.25
N GLN A 58 12.74 -2.32 -16.54
CA GLN A 58 13.52 -3.29 -15.78
C GLN A 58 12.65 -4.50 -15.40
N SER A 59 13.27 -5.46 -14.71
CA SER A 59 12.56 -6.66 -14.28
C SER A 59 12.13 -6.56 -12.83
N GLU A 60 11.42 -7.56 -12.35
CA GLU A 60 10.93 -7.59 -10.97
C GLU A 60 12.03 -7.11 -10.01
N GLU A 61 13.27 -7.44 -10.34
CA GLU A 61 14.40 -7.05 -9.50
C GLU A 61 14.27 -5.61 -9.03
N GLU A 62 14.30 -4.68 -9.99
CA GLU A 62 14.18 -3.26 -9.67
C GLU A 62 12.76 -2.92 -9.22
N THR A 63 11.78 -3.56 -9.84
CA THR A 63 10.38 -3.33 -9.50
C THR A 63 10.14 -3.53 -8.01
N GLU A 64 11.01 -4.32 -7.37
CA GLU A 64 10.88 -4.60 -5.95
C GLU A 64 11.14 -3.33 -5.13
N GLU A 65 11.90 -2.41 -5.70
CA GLU A 65 12.22 -1.16 -5.03
C GLU A 65 10.97 -0.32 -4.79
N ILE A 66 10.24 -0.05 -5.87
CA ILE A 66 9.02 0.73 -5.78
C ILE A 66 8.23 0.41 -4.51
N PHE A 67 7.88 -0.86 -4.35
CA PHE A 67 7.13 -1.30 -3.17
C PHE A 67 7.58 -0.53 -1.93
N ASN A 68 8.89 -0.41 -1.75
CA ASN A 68 9.44 0.30 -0.61
C ASN A 68 9.11 1.79 -0.68
N GLN A 69 9.22 2.35 -1.88
CA GLN A 69 8.94 3.78 -2.08
C GLN A 69 7.56 4.13 -1.57
N ILE A 70 6.63 3.18 -1.65
CA ILE A 70 5.27 3.39 -1.20
C ILE A 70 5.16 3.22 0.32
N LEU A 71 5.85 2.21 0.84
CA LEU A 71 5.83 1.94 2.28
C LEU A 71 6.74 2.92 3.02
N GLN A 72 7.55 3.66 2.28
CA GLN A 72 8.46 4.63 2.88
C GLN A 72 7.69 5.84 3.41
N THR A 73 6.44 5.98 2.97
CA THR A 73 5.60 7.09 3.40
C THR A 73 4.71 6.68 4.56
N MET A 74 4.43 5.38 4.66
CA MET A 74 3.58 4.86 5.73
C MET A 74 4.27 3.71 6.45
N PRO A 75 5.57 3.89 6.75
CA PRO A 75 6.36 2.88 7.45
C PRO A 75 5.95 2.71 8.91
N ASP A 76 5.27 3.72 9.45
CA ASP A 76 4.81 3.67 10.83
C ASP A 76 3.30 3.47 10.89
N ILE A 77 2.62 3.69 9.77
CA ILE A 77 1.18 3.53 9.69
C ILE A 77 0.80 2.27 8.92
N ALA A 78 1.76 1.75 8.14
CA ALA A 78 1.52 0.56 7.34
C ALA A 78 2.80 -0.28 7.23
N THR A 79 2.64 -1.60 7.29
CA THR A 79 3.77 -2.51 7.19
C THR A 79 3.53 -3.58 6.14
N PHE A 80 4.58 -4.32 5.79
CA PHE A 80 4.49 -5.38 4.79
C PHE A 80 3.67 -6.55 5.32
N SER A 81 2.41 -6.63 4.89
CA SER A 81 1.53 -7.71 5.33
C SER A 81 1.71 -8.95 4.47
N SER A 82 1.92 -8.73 3.17
CA SER A 82 2.11 -9.84 2.24
C SER A 82 3.30 -9.58 1.32
N ARG A 83 4.40 -10.29 1.57
CA ARG A 83 5.60 -10.13 0.77
C ARG A 83 5.27 -10.10 -0.72
N PRO A 84 5.88 -9.14 -1.43
CA PRO A 84 5.66 -8.97 -2.88
C PRO A 84 6.28 -10.11 -3.69
N LYS A 85 5.45 -11.09 -4.04
CA LYS A 85 5.90 -12.23 -4.82
C LYS A 85 5.57 -12.06 -6.30
N ALA A 86 6.19 -12.87 -7.15
CA ALA A 86 5.95 -12.80 -8.58
C ALA A 86 4.64 -13.51 -8.96
N ILE A 87 3.74 -12.78 -9.60
CA ILE A 87 2.46 -13.34 -10.01
C ILE A 87 2.32 -13.34 -11.53
N ARG A 88 1.17 -13.82 -12.01
CA ARG A 88 0.92 -13.88 -13.44
C ARG A 88 2.00 -14.70 -14.15
N GLY A 89 2.34 -15.84 -13.58
CA GLY A 89 3.35 -16.69 -14.17
C GLY A 89 4.72 -16.03 -14.23
N GLY A 90 4.92 -15.05 -13.35
CA GLY A 90 6.19 -14.35 -13.32
C GLY A 90 6.23 -13.18 -14.28
N THR A 91 5.18 -12.36 -14.26
CA THR A 91 5.10 -11.20 -15.15
C THR A 91 4.91 -9.92 -14.35
N ALA A 92 3.97 -9.93 -13.42
CA ALA A 92 3.69 -8.78 -12.58
C ALA A 92 3.84 -9.11 -11.11
N SER A 93 4.01 -8.08 -10.28
CA SER A 93 4.16 -8.27 -8.84
C SER A 93 2.87 -7.90 -8.10
N MET A 94 2.70 -8.47 -6.91
CA MET A 94 1.51 -8.20 -6.11
C MET A 94 1.85 -8.25 -4.62
N CYS A 95 1.28 -7.32 -3.87
CA CYS A 95 1.52 -7.26 -2.42
C CYS A 95 0.34 -6.61 -1.71
N VAL A 96 0.39 -6.60 -0.38
CA VAL A 96 -0.68 -6.02 0.43
C VAL A 96 -0.11 -5.24 1.60
N PHE A 97 -0.76 -4.12 1.94
CA PHE A 97 -0.32 -3.28 3.05
C PHE A 97 -1.25 -3.43 4.25
N ARG A 98 -0.66 -3.55 5.43
CA ARG A 98 -1.43 -3.69 6.66
C ARG A 98 -1.16 -2.55 7.62
N HIS A 99 -2.20 -2.09 8.31
CA HIS A 99 -2.07 -0.99 9.26
C HIS A 99 -1.39 -1.47 10.55
N LEU A 100 -0.45 -0.66 11.04
CA LEU A 100 0.27 -0.99 12.26
C LEU A 100 -0.62 -0.84 13.49
N SER A 101 -1.26 -1.94 13.89
CA SER A 101 -2.14 -1.94 15.05
C SER A 101 -1.35 -1.75 16.33
N LYS A 102 -2.03 -1.29 17.38
CA LYS A 102 -1.40 -1.06 18.67
C LYS A 102 -0.43 -2.19 19.01
N LYS A 103 -0.68 -3.37 18.44
CA LYS A 103 0.16 -4.53 18.68
C LYS A 103 1.40 -4.50 17.78
N GLU A 104 1.19 -4.67 16.48
CA GLU A 104 2.29 -4.66 15.53
C GLU A 104 3.27 -3.52 15.82
N GLU A 105 2.71 -2.33 16.07
CA GLU A 105 3.54 -1.16 16.38
C GLU A 105 4.32 -1.37 17.66
N LYS A 106 3.60 -1.60 18.76
CA LYS A 106 4.24 -1.81 20.06
C LYS A 106 5.47 -0.92 20.22
N SER A 107 5.40 0.28 19.64
CA SER A 107 6.51 1.23 19.72
C SER A 107 6.59 1.86 21.11
N GLY A 108 5.48 2.45 21.54
CA GLY A 108 5.44 3.08 22.85
C GLY A 108 4.13 2.82 23.58
N PRO A 109 3.82 3.68 24.55
CA PRO A 109 2.60 3.56 25.36
C PRO A 109 1.34 3.86 24.54
N SER A 110 0.19 3.44 25.05
CA SER A 110 -1.08 3.66 24.36
C SER A 110 -1.49 5.12 24.44
N SER A 111 -1.28 5.85 23.36
CA SER A 111 -1.62 7.26 23.30
C SER A 111 -0.97 8.03 24.44
N GLY A 112 0.33 7.77 24.65
CA GLY A 112 1.05 8.44 25.71
C GLY A 112 2.07 9.43 25.17
N GLY A 1 -33.18 30.78 10.19
CA GLY A 1 -33.25 29.36 9.94
C GLY A 1 -31.88 28.72 9.80
N SER A 2 -31.77 27.46 10.22
CA SER A 2 -30.51 26.75 10.15
C SER A 2 -30.74 25.26 9.96
N SER A 3 -29.68 24.53 9.61
CA SER A 3 -29.77 23.10 9.40
C SER A 3 -28.42 22.43 9.64
N GLY A 4 -28.44 21.27 10.29
CA GLY A 4 -27.21 20.54 10.57
C GLY A 4 -27.31 19.70 11.83
N SER A 5 -27.06 18.41 11.69
CA SER A 5 -27.13 17.50 12.83
C SER A 5 -25.78 16.82 13.06
N SER A 6 -25.66 16.11 14.18
CA SER A 6 -24.42 15.41 14.53
C SER A 6 -24.66 13.91 14.63
N GLY A 7 -24.03 13.16 13.72
CA GLY A 7 -24.18 11.72 13.73
C GLY A 7 -23.00 11.01 13.10
N PRO A 8 -22.56 9.92 13.75
CA PRO A 8 -21.41 9.12 13.26
C PRO A 8 -21.74 8.36 11.98
N LYS A 9 -20.71 7.95 11.26
CA LYS A 9 -20.89 7.21 10.02
C LYS A 9 -20.02 5.95 10.01
N THR A 10 -20.60 4.83 9.58
CA THR A 10 -19.88 3.58 9.51
C THR A 10 -19.97 2.95 8.12
N GLY A 11 -19.18 1.91 7.89
CA GLY A 11 -19.18 1.25 6.60
C GLY A 11 -18.88 -0.23 6.71
N PRO A 12 -19.49 -1.03 5.82
CA PRO A 12 -19.30 -2.49 5.80
C PRO A 12 -17.90 -2.87 5.34
N THR A 13 -17.61 -4.18 5.35
CA THR A 13 -16.31 -4.68 4.94
C THR A 13 -16.10 -4.50 3.44
N MET A 14 -14.97 -3.91 3.08
CA MET A 14 -14.65 -3.67 1.68
C MET A 14 -13.15 -3.74 1.44
N THR A 15 -12.75 -4.18 0.25
CA THR A 15 -11.34 -4.28 -0.09
C THR A 15 -11.01 -3.44 -1.32
N LYS A 16 -9.88 -2.72 -1.26
CA LYS A 16 -9.45 -1.89 -2.36
C LYS A 16 -8.20 -2.45 -3.02
N GLU A 17 -8.00 -2.10 -4.29
CA GLU A 17 -6.83 -2.58 -5.04
C GLU A 17 -6.28 -1.48 -5.95
N LEU A 18 -4.97 -1.46 -6.12
CA LEU A 18 -4.32 -0.47 -6.97
C LEU A 18 -3.38 -1.14 -7.97
N VAL A 19 -3.56 -0.83 -9.25
CA VAL A 19 -2.71 -1.40 -10.29
C VAL A 19 -2.06 -0.31 -11.13
N PHE A 20 -0.77 -0.44 -11.39
CA PHE A 20 -0.04 0.54 -12.18
C PHE A 20 1.25 -0.08 -12.75
N SER A 21 1.61 0.33 -13.96
CA SER A 21 2.81 -0.17 -14.61
C SER A 21 4.06 0.18 -13.80
N SER A 22 5.09 -0.64 -13.95
CA SER A 22 6.34 -0.42 -13.23
C SER A 22 7.07 0.80 -13.77
N ASN A 23 6.71 1.21 -14.98
CA ASN A 23 7.33 2.36 -15.61
C ASN A 23 6.60 3.65 -15.23
N ILE A 24 6.32 3.80 -13.94
CA ILE A 24 5.64 4.99 -13.44
C ILE A 24 6.61 5.97 -12.81
N GLY A 25 6.48 7.24 -13.15
CA GLY A 25 7.35 8.26 -12.60
C GLY A 25 7.08 8.53 -11.13
N GLN A 26 7.93 9.35 -10.52
CA GLN A 26 7.78 9.69 -9.11
C GLN A 26 6.58 10.61 -8.89
N HIS A 27 6.40 11.55 -9.82
CA HIS A 27 5.30 12.50 -9.73
C HIS A 27 3.96 11.77 -9.60
N ASP A 28 3.82 10.68 -10.35
CA ASP A 28 2.60 9.90 -10.34
C ASP A 28 2.57 8.95 -9.13
N LEU A 29 3.73 8.36 -8.84
CA LEU A 29 3.85 7.43 -7.72
C LEU A 29 3.45 8.11 -6.41
N ASP A 30 4.05 9.27 -6.16
CA ASP A 30 3.76 10.01 -4.94
C ASP A 30 2.27 10.00 -4.63
N THR A 31 1.45 10.22 -5.64
CA THR A 31 0.00 10.23 -5.49
C THR A 31 -0.53 8.82 -5.22
N LYS A 32 -0.16 7.89 -6.07
CA LYS A 32 -0.60 6.50 -5.92
C LYS A 32 -0.56 6.07 -4.46
N SER A 33 0.55 6.35 -3.79
CA SER A 33 0.71 6.00 -2.39
C SER A 33 -0.34 6.69 -1.53
N LYS A 34 -0.39 8.01 -1.61
CA LYS A 34 -1.35 8.78 -0.84
C LYS A 34 -2.72 8.11 -0.83
N GLN A 35 -3.22 7.77 -2.02
CA GLN A 35 -4.52 7.11 -2.14
C GLN A 35 -4.57 5.85 -1.29
N ILE A 36 -3.52 5.02 -1.40
CA ILE A 36 -3.45 3.78 -0.65
C ILE A 36 -3.52 4.04 0.85
N GLN A 37 -2.73 5.01 1.31
CA GLN A 37 -2.70 5.36 2.73
C GLN A 37 -4.10 5.54 3.28
N GLN A 38 -4.89 6.40 2.64
CA GLN A 38 -6.25 6.67 3.06
C GLN A 38 -6.98 5.37 3.40
N TRP A 39 -6.78 4.36 2.56
CA TRP A 39 -7.41 3.06 2.77
C TRP A 39 -6.87 2.38 4.01
N ILE A 40 -5.54 2.25 4.08
CA ILE A 40 -4.89 1.62 5.23
C ILE A 40 -5.45 2.17 6.54
N GLU A 41 -5.68 3.47 6.59
CA GLU A 41 -6.22 4.11 7.79
C GLU A 41 -7.44 3.36 8.30
N LYS A 42 -8.36 3.04 7.39
CA LYS A 42 -9.58 2.33 7.75
C LYS A 42 -9.36 0.82 7.70
N LYS A 43 -8.13 0.40 7.94
CA LYS A 43 -7.79 -1.02 7.93
C LYS A 43 -8.29 -1.69 6.66
N TYR A 44 -8.13 -1.01 5.52
CA TYR A 44 -8.57 -1.54 4.25
C TYR A 44 -7.44 -2.29 3.55
N HIS A 45 -7.68 -3.56 3.26
CA HIS A 45 -6.69 -4.39 2.59
C HIS A 45 -6.44 -3.92 1.16
N VAL A 46 -5.33 -3.24 0.95
CA VAL A 46 -4.99 -2.72 -0.38
C VAL A 46 -4.08 -3.69 -1.12
N GLN A 47 -4.58 -4.23 -2.23
CA GLN A 47 -3.82 -5.17 -3.04
C GLN A 47 -3.09 -4.46 -4.17
N VAL A 48 -1.77 -4.28 -4.00
CA VAL A 48 -0.96 -3.61 -5.01
C VAL A 48 -0.43 -4.61 -6.04
N THR A 49 -0.60 -4.28 -7.31
CA THR A 49 -0.15 -5.14 -8.39
C THR A 49 0.59 -4.34 -9.46
N ILE A 50 1.92 -4.46 -9.49
CA ILE A 50 2.73 -3.74 -10.45
C ILE A 50 2.76 -4.49 -11.80
N LYS A 51 2.28 -3.83 -12.84
CA LYS A 51 2.25 -4.42 -14.17
C LYS A 51 3.58 -4.20 -14.89
N ARG A 52 4.19 -5.28 -15.33
CA ARG A 52 5.46 -5.20 -16.03
C ARG A 52 5.25 -5.13 -17.54
N ARG A 53 5.74 -4.06 -18.16
CA ARG A 53 5.60 -3.86 -19.59
C ARG A 53 6.36 -4.93 -20.36
N LYS A 54 6.23 -4.90 -21.68
CA LYS A 54 6.90 -5.87 -22.54
C LYS A 54 8.34 -5.44 -22.83
N ASP A 55 8.54 -4.13 -22.95
CA ASP A 55 9.87 -3.59 -23.23
C ASP A 55 10.24 -2.52 -22.20
N ALA A 56 9.89 -2.75 -20.95
CA ALA A 56 10.18 -1.80 -19.88
C ALA A 56 11.68 -1.50 -19.81
N GLU A 57 12.02 -0.26 -19.49
CA GLU A 57 13.41 0.16 -19.38
C GLU A 57 13.95 -0.10 -17.97
N GLN A 58 13.26 -0.95 -17.23
CA GLN A 58 13.67 -1.28 -15.87
C GLN A 58 13.74 -2.79 -15.66
N SER A 59 14.47 -3.21 -14.64
CA SER A 59 14.62 -4.62 -14.34
C SER A 59 13.78 -5.01 -13.12
N GLU A 60 13.38 -6.28 -13.07
CA GLU A 60 12.57 -6.77 -11.96
C GLU A 60 13.00 -6.12 -10.65
N GLU A 61 14.30 -5.93 -10.48
CA GLU A 61 14.83 -5.33 -9.27
C GLU A 61 14.00 -4.12 -8.85
N GLU A 62 13.81 -3.18 -9.77
CA GLU A 62 13.03 -1.98 -9.49
C GLU A 62 11.61 -2.34 -9.07
N THR A 63 10.95 -3.18 -9.88
CA THR A 63 9.59 -3.61 -9.59
C THR A 63 9.38 -3.81 -8.10
N GLU A 64 10.26 -4.60 -7.49
CA GLU A 64 10.17 -4.88 -6.06
C GLU A 64 10.55 -3.64 -5.23
N GLU A 65 11.65 -3.00 -5.61
CA GLU A 65 12.11 -1.82 -4.92
C GLU A 65 10.97 -0.83 -4.68
N ILE A 66 10.11 -0.68 -5.69
CA ILE A 66 8.97 0.22 -5.59
C ILE A 66 8.15 -0.04 -4.34
N PHE A 67 7.76 -1.30 -4.14
CA PHE A 67 6.98 -1.68 -2.98
C PHE A 67 7.46 -0.94 -1.73
N ASN A 68 8.76 -0.71 -1.65
CA ASN A 68 9.35 -0.02 -0.52
C ASN A 68 9.13 1.49 -0.62
N GLN A 69 9.28 2.02 -1.83
CA GLN A 69 9.10 3.44 -2.07
C GLN A 69 7.73 3.91 -1.58
N ILE A 70 6.76 3.00 -1.63
CA ILE A 70 5.41 3.31 -1.19
C ILE A 70 5.29 3.24 0.33
N LEU A 71 6.04 2.33 0.94
CA LEU A 71 6.03 2.18 2.39
C LEU A 71 6.73 3.34 3.08
N GLN A 72 7.67 3.95 2.37
CA GLN A 72 8.42 5.08 2.91
C GLN A 72 7.48 6.21 3.31
N THR A 73 6.22 6.11 2.89
CA THR A 73 5.22 7.12 3.20
C THR A 73 4.42 6.73 4.44
N MET A 74 4.35 5.43 4.71
CA MET A 74 3.60 4.93 5.85
C MET A 74 4.43 3.92 6.64
N PRO A 75 5.71 4.26 6.89
CA PRO A 75 6.63 3.40 7.63
C PRO A 75 6.26 3.30 9.11
N ASP A 76 5.29 4.10 9.53
CA ASP A 76 4.85 4.09 10.92
C ASP A 76 3.33 3.90 11.01
N ILE A 77 2.69 3.73 9.85
CA ILE A 77 1.25 3.55 9.80
C ILE A 77 0.89 2.30 9.00
N ALA A 78 1.82 1.83 8.18
CA ALA A 78 1.59 0.63 7.38
C ALA A 78 2.83 -0.26 7.37
N THR A 79 2.64 -1.53 7.02
CA THR A 79 3.74 -2.49 6.98
C THR A 79 3.49 -3.55 5.92
N PHE A 80 4.52 -4.36 5.65
CA PHE A 80 4.41 -5.41 4.65
C PHE A 80 3.50 -6.54 5.14
N SER A 81 2.26 -6.54 4.66
CA SER A 81 1.30 -7.55 5.05
C SER A 81 1.56 -8.86 4.33
N SER A 82 1.75 -8.79 3.02
CA SER A 82 2.00 -9.98 2.21
C SER A 82 3.22 -9.77 1.31
N ARG A 83 4.35 -10.36 1.69
CA ARG A 83 5.57 -10.23 0.92
C ARG A 83 5.30 -10.35 -0.58
N PRO A 84 5.91 -9.46 -1.37
CA PRO A 84 5.74 -9.46 -2.83
C PRO A 84 6.40 -10.66 -3.49
N LYS A 85 5.66 -11.33 -4.38
CA LYS A 85 6.18 -12.49 -5.08
C LYS A 85 5.71 -12.49 -6.54
N ALA A 86 6.42 -13.23 -7.38
CA ALA A 86 6.09 -13.32 -8.79
C ALA A 86 4.78 -14.09 -9.00
N ILE A 87 3.78 -13.40 -9.56
CA ILE A 87 2.49 -14.01 -9.80
C ILE A 87 2.25 -14.21 -11.30
N ARG A 88 1.37 -15.15 -11.63
CA ARG A 88 1.06 -15.44 -13.03
C ARG A 88 2.29 -15.95 -13.76
N GLY A 89 3.00 -16.89 -13.15
CA GLY A 89 4.19 -17.45 -13.76
C GLY A 89 5.43 -16.65 -13.42
N GLY A 90 5.31 -15.32 -13.45
CA GLY A 90 6.45 -14.48 -13.15
C GLY A 90 6.49 -13.24 -14.03
N THR A 91 5.34 -12.62 -14.23
CA THR A 91 5.25 -11.42 -15.06
C THR A 91 5.10 -10.17 -14.20
N ALA A 92 4.07 -10.14 -13.38
CA ALA A 92 3.81 -9.00 -12.50
C ALA A 92 3.95 -9.40 -11.03
N SER A 93 4.01 -8.40 -10.16
CA SER A 93 4.15 -8.63 -8.73
C SER A 93 2.86 -8.31 -7.99
N MET A 94 2.71 -8.88 -6.80
CA MET A 94 1.51 -8.64 -5.99
C MET A 94 1.86 -8.59 -4.51
N CYS A 95 1.34 -7.59 -3.81
CA CYS A 95 1.60 -7.43 -2.38
C CYS A 95 0.52 -6.58 -1.73
N VAL A 96 0.18 -6.92 -0.48
CA VAL A 96 -0.83 -6.18 0.25
C VAL A 96 -0.23 -5.42 1.42
N PHE A 97 -0.95 -4.40 1.89
CA PHE A 97 -0.48 -3.58 3.01
C PHE A 97 -1.48 -3.57 4.14
N ARG A 98 -0.99 -3.61 5.37
CA ARG A 98 -1.85 -3.60 6.55
C ARG A 98 -1.46 -2.48 7.50
N HIS A 99 -2.38 -2.14 8.41
CA HIS A 99 -2.14 -1.08 9.39
C HIS A 99 -1.20 -1.56 10.49
N LEU A 100 -0.46 -0.63 11.08
CA LEU A 100 0.48 -0.96 12.15
C LEU A 100 -0.22 -0.90 13.51
N SER A 101 -0.95 -1.96 13.84
CA SER A 101 -1.67 -2.04 15.11
C SER A 101 -0.79 -2.64 16.20
N LYS A 102 0.52 -2.59 15.99
CA LYS A 102 1.48 -3.13 16.95
C LYS A 102 1.96 -2.06 17.91
N LYS A 103 1.02 -1.26 18.42
CA LYS A 103 1.34 -0.19 19.35
C LYS A 103 2.43 0.72 18.79
N GLU A 104 2.32 1.02 17.49
CA GLU A 104 3.30 1.87 16.83
C GLU A 104 2.62 3.12 16.25
N GLU A 105 1.72 2.91 15.30
CA GLU A 105 1.01 4.01 14.66
C GLU A 105 0.28 4.85 15.71
N LYS A 106 0.11 6.14 15.41
CA LYS A 106 -0.56 7.05 16.32
C LYS A 106 -2.06 7.07 16.06
N SER A 107 -2.80 6.26 16.81
CA SER A 107 -4.25 6.17 16.67
C SER A 107 -4.95 6.78 17.87
N GLY A 108 -6.29 6.83 17.82
CA GLY A 108 -7.05 7.38 18.91
C GLY A 108 -7.03 6.50 20.15
N PRO A 109 -8.04 6.67 21.02
CA PRO A 109 -8.15 5.90 22.26
C PRO A 109 -8.49 4.43 21.99
N SER A 110 -9.30 4.20 20.96
CA SER A 110 -9.71 2.84 20.60
C SER A 110 -10.17 2.08 21.84
N SER A 111 -11.04 2.70 22.62
CA SER A 111 -11.56 2.09 23.83
C SER A 111 -10.43 1.55 24.71
N GLY A 112 -9.36 2.34 24.82
CA GLY A 112 -8.23 1.93 25.63
C GLY A 112 -8.47 2.11 27.11
N GLY A 1 -2.89 28.45 10.79
CA GLY A 1 -4.22 27.87 10.81
C GLY A 1 -4.21 26.42 11.26
N SER A 2 -5.39 25.90 11.57
CA SER A 2 -5.52 24.51 12.02
C SER A 2 -6.92 23.99 11.76
N SER A 3 -7.00 22.72 11.37
CA SER A 3 -8.28 22.08 11.08
C SER A 3 -8.15 20.57 11.07
N GLY A 4 -9.29 19.88 10.96
CA GLY A 4 -9.28 18.43 10.94
C GLY A 4 -10.66 17.84 10.73
N SER A 5 -10.76 16.52 10.78
CA SER A 5 -12.03 15.84 10.59
C SER A 5 -12.29 14.84 11.71
N SER A 6 -13.54 14.79 12.17
CA SER A 6 -13.93 13.89 13.24
C SER A 6 -15.10 13.01 12.82
N GLY A 7 -15.18 11.81 13.41
CA GLY A 7 -16.26 10.90 13.08
C GLY A 7 -15.76 9.49 12.80
N PRO A 8 -15.48 8.74 13.88
CA PRO A 8 -14.99 7.37 13.77
C PRO A 8 -16.06 6.41 13.26
N LYS A 9 -15.76 5.72 12.15
CA LYS A 9 -16.70 4.78 11.57
C LYS A 9 -15.99 3.88 10.56
N THR A 10 -16.36 2.59 10.55
CA THR A 10 -15.77 1.63 9.64
C THR A 10 -16.81 0.68 9.08
N GLY A 11 -16.45 -0.05 8.02
CA GLY A 11 -17.38 -0.99 7.42
C GLY A 11 -17.10 -2.42 7.84
N PRO A 12 -18.06 -3.31 7.54
CA PRO A 12 -17.94 -4.73 7.88
C PRO A 12 -16.87 -5.45 7.06
N THR A 13 -16.60 -4.92 5.88
CA THR A 13 -15.59 -5.50 5.00
C THR A 13 -15.36 -4.64 3.77
N MET A 14 -14.12 -4.26 3.53
CA MET A 14 -13.77 -3.43 2.38
C MET A 14 -12.34 -3.69 1.93
N THR A 15 -12.16 -3.93 0.63
CA THR A 15 -10.84 -4.20 0.08
C THR A 15 -10.62 -3.42 -1.21
N LYS A 16 -9.68 -2.47 -1.17
CA LYS A 16 -9.37 -1.66 -2.33
C LYS A 16 -8.18 -2.23 -3.10
N GLU A 17 -8.28 -2.22 -4.43
CA GLU A 17 -7.22 -2.74 -5.27
C GLU A 17 -6.58 -1.62 -6.09
N LEU A 18 -5.25 -1.64 -6.16
CA LEU A 18 -4.52 -0.62 -6.90
C LEU A 18 -3.63 -1.26 -7.96
N VAL A 19 -3.67 -0.73 -9.17
CA VAL A 19 -2.86 -1.24 -10.28
C VAL A 19 -2.22 -0.12 -11.07
N PHE A 20 -0.90 -0.18 -11.22
CA PHE A 20 -0.16 0.84 -11.96
C PHE A 20 1.11 0.26 -12.55
N SER A 21 1.58 0.87 -13.64
CA SER A 21 2.79 0.41 -14.31
C SER A 21 4.00 0.54 -13.40
N SER A 22 5.10 -0.10 -13.79
CA SER A 22 6.33 -0.06 -12.99
C SER A 22 7.15 1.18 -13.33
N ASN A 23 7.00 1.67 -14.56
CA ASN A 23 7.73 2.85 -15.00
C ASN A 23 7.01 4.13 -14.59
N ILE A 24 6.21 4.03 -13.53
CA ILE A 24 5.45 5.18 -13.05
C ILE A 24 6.39 6.28 -12.55
N GLY A 25 6.18 7.49 -13.04
CA GLY A 25 7.01 8.61 -12.64
C GLY A 25 6.83 8.97 -11.18
N GLN A 26 7.79 9.70 -10.62
CA GLN A 26 7.73 10.11 -9.22
C GLN A 26 6.52 11.00 -8.96
N HIS A 27 6.36 12.02 -9.80
CA HIS A 27 5.23 12.95 -9.66
C HIS A 27 3.91 12.19 -9.63
N ASP A 28 3.87 11.04 -10.30
CA ASP A 28 2.66 10.23 -10.36
C ASP A 28 2.55 9.33 -9.13
N LEU A 29 3.46 8.36 -9.04
CA LEU A 29 3.47 7.43 -7.91
C LEU A 29 3.11 8.15 -6.61
N ASP A 30 3.46 9.42 -6.52
CA ASP A 30 3.16 10.22 -5.34
C ASP A 30 1.69 10.10 -4.95
N THR A 31 0.80 10.37 -5.90
CA THR A 31 -0.63 10.28 -5.64
C THR A 31 -1.04 8.86 -5.27
N LYS A 32 -0.45 7.88 -5.94
CA LYS A 32 -0.74 6.48 -5.67
C LYS A 32 -0.50 6.14 -4.21
N SER A 33 0.67 6.52 -3.70
CA SER A 33 1.02 6.25 -2.31
C SER A 33 0.00 6.88 -1.36
N LYS A 34 -0.38 8.13 -1.64
CA LYS A 34 -1.34 8.84 -0.82
C LYS A 34 -2.69 8.12 -0.82
N GLN A 35 -3.21 7.84 -2.01
CA GLN A 35 -4.49 7.17 -2.15
C GLN A 35 -4.51 5.88 -1.33
N ILE A 36 -3.38 5.19 -1.27
CA ILE A 36 -3.28 3.95 -0.52
C ILE A 36 -3.29 4.22 0.99
N GLN A 37 -2.44 5.13 1.43
CA GLN A 37 -2.36 5.48 2.84
C GLN A 37 -3.74 5.70 3.43
N GLN A 38 -4.57 6.47 2.73
CA GLN A 38 -5.92 6.76 3.18
C GLN A 38 -6.65 5.48 3.57
N TRP A 39 -6.63 4.50 2.68
CA TRP A 39 -7.28 3.21 2.94
C TRP A 39 -6.72 2.55 4.19
N ILE A 40 -5.40 2.40 4.22
CA ILE A 40 -4.73 1.79 5.36
C ILE A 40 -5.22 2.38 6.68
N GLU A 41 -5.39 3.70 6.69
CA GLU A 41 -5.85 4.39 7.89
C GLU A 41 -7.14 3.77 8.42
N LYS A 42 -8.02 3.39 7.50
CA LYS A 42 -9.29 2.78 7.87
C LYS A 42 -9.14 1.27 8.05
N LYS A 43 -7.91 0.83 8.29
CA LYS A 43 -7.62 -0.59 8.47
C LYS A 43 -8.21 -1.42 7.33
N TYR A 44 -7.89 -1.03 6.10
CA TYR A 44 -8.39 -1.73 4.92
C TYR A 44 -7.25 -2.44 4.19
N HIS A 45 -7.51 -3.66 3.74
CA HIS A 45 -6.51 -4.45 3.03
C HIS A 45 -6.37 -3.97 1.59
N VAL A 46 -5.22 -3.37 1.29
CA VAL A 46 -4.96 -2.88 -0.06
C VAL A 46 -4.12 -3.86 -0.86
N GLN A 47 -4.57 -4.16 -2.07
CA GLN A 47 -3.86 -5.09 -2.95
C GLN A 47 -3.22 -4.35 -4.12
N VAL A 48 -1.91 -4.15 -4.05
CA VAL A 48 -1.18 -3.47 -5.11
C VAL A 48 -0.67 -4.46 -6.15
N THR A 49 -0.63 -4.01 -7.41
CA THR A 49 -0.16 -4.85 -8.50
C THR A 49 0.69 -4.05 -9.48
N ILE A 50 1.83 -4.61 -9.87
CA ILE A 50 2.73 -3.96 -10.81
C ILE A 50 2.81 -4.73 -12.12
N LYS A 51 2.75 -4.00 -13.23
CA LYS A 51 2.81 -4.61 -14.55
C LYS A 51 4.20 -4.42 -15.16
N ARG A 52 4.67 -5.44 -15.87
CA ARG A 52 5.98 -5.40 -16.51
C ARG A 52 5.84 -5.46 -18.03
N ARG A 53 6.98 -5.44 -18.72
CA ARG A 53 6.99 -5.51 -20.18
C ARG A 53 8.06 -6.47 -20.68
N LYS A 54 7.92 -6.91 -21.92
CA LYS A 54 8.87 -7.83 -22.52
C LYS A 54 10.13 -7.11 -22.96
N ASP A 55 9.99 -5.83 -23.31
CA ASP A 55 11.12 -5.03 -23.75
C ASP A 55 11.70 -4.22 -22.59
N ALA A 56 10.91 -4.08 -21.52
CA ALA A 56 11.33 -3.33 -20.35
C ALA A 56 12.54 -3.99 -19.69
N GLU A 57 13.25 -3.23 -18.86
CA GLU A 57 14.42 -3.74 -18.16
C GLU A 57 14.02 -4.49 -16.90
N GLN A 58 13.12 -5.46 -17.05
CA GLN A 58 12.66 -6.25 -15.93
C GLN A 58 13.78 -6.48 -14.91
N SER A 59 13.41 -6.54 -13.63
CA SER A 59 14.40 -6.74 -12.58
C SER A 59 13.70 -6.92 -11.22
N GLU A 60 13.99 -8.03 -10.57
CA GLU A 60 13.40 -8.32 -9.26
C GLU A 60 13.62 -7.17 -8.29
N GLU A 61 14.80 -6.54 -8.39
CA GLU A 61 15.13 -5.43 -7.53
C GLU A 61 14.31 -4.19 -7.87
N GLU A 62 14.18 -3.92 -9.17
CA GLU A 62 13.41 -2.76 -9.63
C GLU A 62 11.94 -2.89 -9.22
N THR A 63 11.34 -4.03 -9.53
CA THR A 63 9.95 -4.28 -9.19
C THR A 63 9.70 -4.08 -7.70
N GLU A 64 10.46 -4.79 -6.87
CA GLU A 64 10.32 -4.68 -5.43
C GLU A 64 10.37 -3.22 -4.97
N GLU A 65 11.42 -2.52 -5.39
CA GLU A 65 11.59 -1.12 -5.03
C GLU A 65 10.25 -0.40 -4.98
N ILE A 66 9.49 -0.51 -6.06
CA ILE A 66 8.18 0.14 -6.14
C ILE A 66 7.46 0.09 -4.80
N PHE A 67 7.07 -1.11 -4.38
CA PHE A 67 6.38 -1.29 -3.11
C PHE A 67 7.11 -0.56 -1.98
N ASN A 68 8.43 -0.67 -1.98
CA ASN A 68 9.24 -0.02 -0.95
C ASN A 68 9.07 1.49 -1.00
N GLN A 69 9.00 2.04 -2.20
CA GLN A 69 8.83 3.47 -2.38
C GLN A 69 7.54 3.97 -1.72
N ILE A 70 6.48 3.18 -1.86
CA ILE A 70 5.19 3.53 -1.28
C ILE A 70 5.22 3.39 0.24
N LEU A 71 5.78 2.28 0.72
CA LEU A 71 5.87 2.03 2.15
C LEU A 71 6.57 3.19 2.87
N GLN A 72 7.51 3.82 2.17
CA GLN A 72 8.25 4.95 2.73
C GLN A 72 7.30 6.06 3.17
N THR A 73 6.06 6.00 2.69
CA THR A 73 5.06 7.00 3.01
C THR A 73 4.20 6.55 4.19
N MET A 74 4.18 5.25 4.43
CA MET A 74 3.40 4.69 5.54
C MET A 74 4.24 3.72 6.37
N PRO A 75 5.48 4.13 6.68
CA PRO A 75 6.41 3.32 7.47
C PRO A 75 5.97 3.20 8.93
N ASP A 76 5.06 4.08 9.34
CA ASP A 76 4.56 4.06 10.71
C ASP A 76 3.04 3.88 10.74
N ILE A 77 2.50 3.44 9.62
CA ILE A 77 1.06 3.22 9.50
C ILE A 77 0.75 1.89 8.82
N ALA A 78 1.59 1.52 7.87
CA ALA A 78 1.41 0.27 7.13
C ALA A 78 2.67 -0.59 7.20
N THR A 79 2.53 -1.88 6.88
CA THR A 79 3.65 -2.80 6.92
C THR A 79 3.49 -3.89 5.86
N PHE A 80 4.61 -4.46 5.44
CA PHE A 80 4.60 -5.52 4.43
C PHE A 80 3.86 -6.75 4.94
N SER A 81 2.55 -6.79 4.72
CA SER A 81 1.73 -7.91 5.16
C SER A 81 2.03 -9.16 4.35
N SER A 82 1.99 -9.03 3.03
CA SER A 82 2.25 -10.16 2.14
C SER A 82 3.37 -9.82 1.16
N ARG A 83 4.58 -10.30 1.46
CA ARG A 83 5.73 -10.05 0.60
C ARG A 83 5.36 -10.18 -0.87
N PRO A 84 5.87 -9.24 -1.70
CA PRO A 84 5.60 -9.23 -3.14
C PRO A 84 6.28 -10.38 -3.86
N LYS A 85 5.56 -11.00 -4.79
CA LYS A 85 6.10 -12.12 -5.56
C LYS A 85 5.57 -12.10 -6.99
N ALA A 86 6.30 -12.74 -7.90
CA ALA A 86 5.90 -12.79 -9.30
C ALA A 86 4.64 -13.63 -9.47
N ILE A 87 3.58 -12.99 -9.94
CA ILE A 87 2.30 -13.67 -10.16
C ILE A 87 2.05 -13.90 -11.64
N ARG A 88 1.13 -14.82 -11.94
CA ARG A 88 0.79 -15.13 -13.33
C ARG A 88 2.00 -15.68 -14.07
N GLY A 89 2.90 -16.33 -13.34
CA GLY A 89 4.09 -16.90 -13.94
C GLY A 89 5.31 -16.02 -13.76
N GLY A 90 5.19 -14.74 -14.13
CA GLY A 90 6.29 -13.82 -14.00
C GLY A 90 6.15 -12.60 -14.89
N THR A 91 4.98 -11.97 -14.85
CA THR A 91 4.72 -10.79 -15.67
C THR A 91 4.39 -9.58 -14.81
N ALA A 92 3.79 -9.83 -13.65
CA ALA A 92 3.42 -8.76 -12.73
C ALA A 92 3.54 -9.22 -11.29
N SER A 93 3.73 -8.26 -10.38
CA SER A 93 3.86 -8.56 -8.96
C SER A 93 2.61 -8.15 -8.20
N MET A 94 2.41 -8.75 -7.03
CA MET A 94 1.25 -8.44 -6.20
C MET A 94 1.61 -8.46 -4.72
N CYS A 95 1.26 -7.40 -4.01
CA CYS A 95 1.56 -7.32 -2.58
C CYS A 95 0.42 -6.61 -1.84
N VAL A 96 0.37 -6.83 -0.52
CA VAL A 96 -0.67 -6.22 0.29
C VAL A 96 -0.06 -5.44 1.46
N PHE A 97 -0.73 -4.35 1.84
CA PHE A 97 -0.25 -3.51 2.94
C PHE A 97 -1.18 -3.62 4.14
N ARG A 98 -0.61 -3.93 5.30
CA ARG A 98 -1.38 -4.07 6.53
C ARG A 98 -1.09 -2.92 7.48
N HIS A 99 -2.09 -2.54 8.27
CA HIS A 99 -1.94 -1.45 9.23
C HIS A 99 -1.28 -1.95 10.52
N LEU A 100 -0.56 -1.06 11.19
CA LEU A 100 0.12 -1.42 12.44
C LEU A 100 -0.86 -1.42 13.60
N SER A 101 -1.64 -2.50 13.71
CA SER A 101 -2.62 -2.63 14.79
C SER A 101 -2.01 -3.31 16.00
N LYS A 102 -1.75 -4.61 15.86
CA LYS A 102 -1.17 -5.39 16.95
C LYS A 102 0.36 -5.34 16.89
N LYS A 103 0.92 -5.79 15.78
CA LYS A 103 2.37 -5.79 15.60
C LYS A 103 2.86 -4.44 15.07
N GLU A 104 3.18 -3.53 15.98
CA GLU A 104 3.66 -2.21 15.61
C GLU A 104 5.14 -2.05 15.91
N GLU A 105 5.86 -1.36 15.04
CA GLU A 105 7.28 -1.14 15.21
C GLU A 105 7.57 -0.53 16.58
N LYS A 106 8.80 -0.75 17.06
CA LYS A 106 9.21 -0.24 18.37
C LYS A 106 8.84 1.24 18.51
N SER A 107 7.63 1.49 19.02
CA SER A 107 7.16 2.85 19.21
C SER A 107 6.48 3.00 20.57
N GLY A 108 5.96 4.19 20.83
CA GLY A 108 5.28 4.46 22.09
C GLY A 108 3.82 4.06 22.07
N PRO A 109 3.33 3.52 23.19
CA PRO A 109 1.94 3.08 23.31
C PRO A 109 0.97 4.27 23.35
N SER A 110 0.01 4.27 22.43
CA SER A 110 -0.97 5.34 22.35
C SER A 110 -2.21 4.89 21.58
N SER A 111 -3.35 4.85 22.26
CA SER A 111 -4.59 4.44 21.64
C SER A 111 -4.95 5.35 20.47
N GLY A 112 -5.63 4.81 19.48
CA GLY A 112 -6.03 5.59 18.32
C GLY A 112 -7.19 6.52 18.62
N GLY A 1 -26.09 13.40 27.54
CA GLY A 1 -26.00 13.93 26.20
C GLY A 1 -25.05 13.16 25.31
N SER A 2 -25.07 11.84 25.44
CA SER A 2 -24.19 10.98 24.66
C SER A 2 -24.09 11.48 23.22
N SER A 3 -22.95 12.06 22.87
CA SER A 3 -22.73 12.58 21.53
C SER A 3 -21.80 11.66 20.74
N GLY A 4 -22.24 11.30 19.52
CA GLY A 4 -21.45 10.42 18.69
C GLY A 4 -22.18 9.15 18.32
N SER A 5 -22.49 9.00 17.04
CA SER A 5 -23.20 7.81 16.56
C SER A 5 -22.53 7.24 15.32
N SER A 6 -22.05 6.01 15.44
CA SER A 6 -21.39 5.33 14.32
C SER A 6 -21.95 3.93 14.11
N GLY A 7 -22.06 3.53 12.85
CA GLY A 7 -22.59 2.21 12.54
C GLY A 7 -22.35 1.83 11.09
N PRO A 8 -23.26 2.24 10.20
CA PRO A 8 -23.16 1.93 8.77
C PRO A 8 -22.02 2.69 8.09
N LYS A 9 -21.44 3.64 8.82
CA LYS A 9 -20.33 4.44 8.29
C LYS A 9 -19.40 3.58 7.45
N THR A 10 -19.03 2.42 7.97
CA THR A 10 -18.14 1.51 7.25
C THR A 10 -18.65 0.07 7.34
N GLY A 11 -18.38 -0.71 6.30
CA GLY A 11 -18.82 -2.09 6.27
C GLY A 11 -17.88 -3.01 7.03
N PRO A 12 -18.42 -4.14 7.51
CA PRO A 12 -17.64 -5.12 8.27
C PRO A 12 -16.63 -5.86 7.40
N THR A 13 -16.71 -5.63 6.09
CA THR A 13 -15.80 -6.28 5.15
C THR A 13 -15.64 -5.45 3.88
N MET A 14 -14.40 -5.32 3.42
CA MET A 14 -14.11 -4.55 2.21
C MET A 14 -12.65 -4.68 1.82
N THR A 15 -12.40 -4.73 0.51
CA THR A 15 -11.04 -4.87 0.01
C THR A 15 -10.80 -3.94 -1.19
N LYS A 16 -9.65 -3.28 -1.20
CA LYS A 16 -9.30 -2.38 -2.28
C LYS A 16 -8.22 -2.97 -3.18
N GLU A 17 -8.13 -2.47 -4.40
CA GLU A 17 -7.14 -2.96 -5.36
C GLU A 17 -6.51 -1.80 -6.13
N LEU A 18 -5.22 -1.92 -6.43
CA LEU A 18 -4.51 -0.88 -7.16
C LEU A 18 -3.47 -1.50 -8.10
N VAL A 19 -3.60 -1.18 -9.38
CA VAL A 19 -2.68 -1.70 -10.39
C VAL A 19 -2.04 -0.57 -11.19
N PHE A 20 -0.76 -0.73 -11.51
CA PHE A 20 -0.03 0.28 -12.28
C PHE A 20 1.33 -0.23 -12.70
N SER A 21 1.74 0.12 -13.91
CA SER A 21 3.03 -0.30 -14.45
C SER A 21 4.18 0.40 -13.72
N SER A 22 5.25 -0.35 -13.47
CA SER A 22 6.42 0.19 -12.78
C SER A 22 6.90 1.46 -13.47
N ASN A 23 6.48 1.65 -14.71
CA ASN A 23 6.88 2.83 -15.49
C ASN A 23 6.47 4.11 -14.77
N ILE A 24 5.52 3.99 -13.85
CA ILE A 24 5.03 5.14 -13.09
C ILE A 24 6.19 5.94 -12.51
N GLY A 25 6.15 7.25 -12.70
CA GLY A 25 7.20 8.11 -12.18
C GLY A 25 6.93 8.58 -10.77
N GLN A 26 7.91 9.25 -10.18
CA GLN A 26 7.76 9.75 -8.80
C GLN A 26 6.63 10.75 -8.71
N HIS A 27 6.50 11.60 -9.73
CA HIS A 27 5.46 12.62 -9.76
C HIS A 27 4.10 12.00 -9.45
N ASP A 28 3.74 10.96 -10.21
CA ASP A 28 2.47 10.28 -10.03
C ASP A 28 2.48 9.43 -8.76
N LEU A 29 3.45 8.53 -8.67
CA LEU A 29 3.58 7.65 -7.51
C LEU A 29 3.27 8.41 -6.22
N ASP A 30 3.74 9.65 -6.16
CA ASP A 30 3.51 10.49 -4.97
C ASP A 30 2.05 10.45 -4.55
N THR A 31 1.15 10.61 -5.52
CA THR A 31 -0.28 10.60 -5.25
C THR A 31 -0.77 9.19 -4.94
N LYS A 32 -0.24 8.22 -5.67
CA LYS A 32 -0.63 6.82 -5.47
C LYS A 32 -0.53 6.43 -4.01
N SER A 33 0.57 6.81 -3.37
CA SER A 33 0.78 6.50 -1.95
C SER A 33 -0.32 7.10 -1.10
N LYS A 34 -0.48 8.41 -1.19
CA LYS A 34 -1.50 9.13 -0.42
C LYS A 34 -2.83 8.39 -0.49
N GLN A 35 -3.30 8.13 -1.71
CA GLN A 35 -4.57 7.44 -1.91
C GLN A 35 -4.63 6.16 -1.07
N ILE A 36 -3.59 5.33 -1.18
CA ILE A 36 -3.53 4.09 -0.44
C ILE A 36 -3.60 4.34 1.07
N GLN A 37 -2.78 5.27 1.54
CA GLN A 37 -2.76 5.61 2.96
C GLN A 37 -4.16 5.75 3.51
N GLN A 38 -4.94 6.64 2.91
CA GLN A 38 -6.32 6.88 3.34
C GLN A 38 -7.05 5.56 3.57
N TRP A 39 -6.76 4.57 2.72
CA TRP A 39 -7.39 3.27 2.84
C TRP A 39 -6.85 2.50 4.04
N ILE A 40 -5.53 2.37 4.10
CA ILE A 40 -4.88 1.66 5.19
C ILE A 40 -5.36 2.19 6.54
N GLU A 41 -5.66 3.48 6.60
CA GLU A 41 -6.13 4.10 7.83
C GLU A 41 -7.26 3.30 8.45
N LYS A 42 -8.25 2.95 7.64
CA LYS A 42 -9.40 2.17 8.11
C LYS A 42 -9.09 0.68 8.06
N LYS A 43 -7.84 0.32 8.27
CA LYS A 43 -7.42 -1.08 8.25
C LYS A 43 -7.97 -1.79 7.03
N TYR A 44 -7.86 -1.14 5.88
CA TYR A 44 -8.35 -1.71 4.62
C TYR A 44 -7.23 -2.46 3.90
N HIS A 45 -7.55 -3.66 3.40
CA HIS A 45 -6.58 -4.47 2.69
C HIS A 45 -6.40 -3.97 1.26
N VAL A 46 -5.28 -3.32 0.99
CA VAL A 46 -4.99 -2.80 -0.33
C VAL A 46 -4.02 -3.71 -1.09
N GLN A 47 -4.50 -4.29 -2.18
CA GLN A 47 -3.68 -5.19 -2.98
C GLN A 47 -3.03 -4.43 -4.15
N VAL A 48 -1.73 -4.17 -4.02
CA VAL A 48 -0.99 -3.46 -5.06
C VAL A 48 -0.33 -4.43 -6.03
N THR A 49 -0.51 -4.18 -7.33
CA THR A 49 0.06 -5.04 -8.35
C THR A 49 0.81 -4.21 -9.39
N ILE A 50 2.11 -4.44 -9.49
CA ILE A 50 2.95 -3.71 -10.44
C ILE A 50 3.09 -4.49 -11.75
N LYS A 51 2.45 -3.98 -12.80
CA LYS A 51 2.51 -4.62 -14.11
C LYS A 51 3.86 -4.39 -14.77
N ARG A 52 4.50 -5.48 -15.21
CA ARG A 52 5.80 -5.38 -15.86
C ARG A 52 5.65 -5.48 -17.37
N ARG A 53 6.10 -4.43 -18.07
CA ARG A 53 6.02 -4.39 -19.52
C ARG A 53 7.33 -4.84 -20.16
N LYS A 54 7.24 -5.37 -21.37
CA LYS A 54 8.43 -5.84 -22.08
C LYS A 54 9.40 -4.68 -22.32
N ASP A 55 8.87 -3.48 -22.50
CA ASP A 55 9.69 -2.31 -22.74
C ASP A 55 10.10 -1.65 -21.42
N ALA A 56 10.83 -2.40 -20.60
CA ALA A 56 11.28 -1.89 -19.31
C ALA A 56 12.76 -2.17 -19.10
N GLU A 57 13.54 -1.09 -18.97
CA GLU A 57 14.99 -1.22 -18.77
C GLU A 57 15.31 -1.57 -17.32
N GLN A 58 14.26 -1.76 -16.52
CA GLN A 58 14.44 -2.10 -15.11
C GLN A 58 14.06 -3.55 -14.84
N SER A 59 15.05 -4.36 -14.47
CA SER A 59 14.83 -5.77 -14.19
C SER A 59 13.76 -5.95 -13.12
N GLU A 60 13.26 -7.18 -12.99
CA GLU A 60 12.24 -7.48 -12.01
C GLU A 60 12.75 -7.22 -10.59
N GLU A 61 14.01 -7.55 -10.36
CA GLU A 61 14.62 -7.36 -9.05
C GLU A 61 14.57 -5.88 -8.64
N GLU A 62 14.36 -5.01 -9.62
CA GLU A 62 14.28 -3.58 -9.35
C GLU A 62 12.86 -3.15 -9.06
N THR A 63 11.90 -3.75 -9.77
CA THR A 63 10.49 -3.43 -9.59
C THR A 63 10.09 -3.54 -8.11
N GLU A 64 10.69 -4.50 -7.41
CA GLU A 64 10.38 -4.71 -6.01
C GLU A 64 10.56 -3.42 -5.21
N GLU A 65 11.66 -2.71 -5.48
CA GLU A 65 11.93 -1.46 -4.79
C GLU A 65 10.69 -0.58 -4.74
N ILE A 66 9.95 -0.54 -5.83
CA ILE A 66 8.74 0.26 -5.91
C ILE A 66 7.94 0.17 -4.61
N PHE A 67 7.48 -1.04 -4.29
CA PHE A 67 6.70 -1.27 -3.09
C PHE A 67 7.26 -0.46 -1.92
N ASN A 68 8.58 -0.55 -1.72
CA ASN A 68 9.24 0.16 -0.64
C ASN A 68 9.00 1.67 -0.75
N GLN A 69 9.27 2.22 -1.93
CA GLN A 69 9.08 3.65 -2.15
C GLN A 69 7.75 4.12 -1.60
N ILE A 70 6.72 3.30 -1.75
CA ILE A 70 5.39 3.63 -1.26
C ILE A 70 5.32 3.50 0.26
N LEU A 71 5.98 2.49 0.80
CA LEU A 71 5.99 2.26 2.24
C LEU A 71 6.76 3.38 2.95
N GLN A 72 7.62 4.08 2.22
CA GLN A 72 8.40 5.17 2.78
C GLN A 72 7.50 6.33 3.20
N THR A 73 6.21 6.22 2.89
CA THR A 73 5.24 7.25 3.23
C THR A 73 4.38 6.82 4.41
N MET A 74 4.34 5.52 4.67
CA MET A 74 3.55 4.99 5.78
C MET A 74 4.36 3.96 6.57
N PRO A 75 5.62 4.28 6.85
CA PRO A 75 6.52 3.40 7.61
C PRO A 75 6.12 3.28 9.07
N ASP A 76 5.10 4.03 9.46
CA ASP A 76 4.61 4.01 10.84
C ASP A 76 3.10 3.82 10.88
N ILE A 77 2.47 3.80 9.70
CA ILE A 77 1.04 3.63 9.61
C ILE A 77 0.68 2.41 8.77
N ALA A 78 1.64 1.94 7.97
CA ALA A 78 1.44 0.77 7.13
C ALA A 78 2.69 -0.10 7.07
N THR A 79 2.50 -1.40 6.88
CA THR A 79 3.61 -2.33 6.81
C THR A 79 3.36 -3.42 5.76
N PHE A 80 4.43 -3.93 5.17
CA PHE A 80 4.32 -4.97 4.16
C PHE A 80 3.49 -6.15 4.67
N SER A 81 2.21 -6.16 4.33
CA SER A 81 1.31 -7.22 4.76
C SER A 81 1.63 -8.52 4.03
N SER A 82 1.57 -8.49 2.70
CA SER A 82 1.85 -9.67 1.89
C SER A 82 3.00 -9.41 0.94
N ARG A 83 4.19 -9.86 1.32
CA ARG A 83 5.39 -9.67 0.50
C ARG A 83 5.04 -9.79 -0.98
N PRO A 84 5.62 -8.90 -1.80
CA PRO A 84 5.40 -8.88 -3.25
C PRO A 84 6.03 -10.07 -3.94
N LYS A 85 5.28 -11.17 -4.03
CA LYS A 85 5.77 -12.38 -4.67
C LYS A 85 5.30 -12.45 -6.13
N ALA A 86 5.89 -13.35 -6.90
CA ALA A 86 5.54 -13.52 -8.29
C ALA A 86 4.14 -14.12 -8.43
N ILE A 87 3.33 -13.53 -9.30
CA ILE A 87 1.97 -14.01 -9.53
C ILE A 87 1.75 -14.36 -10.99
N ARG A 88 0.67 -15.08 -11.27
CA ARG A 88 0.34 -15.48 -12.64
C ARG A 88 1.61 -15.81 -13.42
N GLY A 89 2.43 -16.69 -12.87
CA GLY A 89 3.67 -17.07 -13.53
C GLY A 89 4.87 -16.37 -12.97
N GLY A 90 4.76 -15.05 -12.79
CA GLY A 90 5.86 -14.28 -12.25
C GLY A 90 6.11 -13.00 -13.03
N THR A 91 5.46 -12.87 -14.19
CA THR A 91 5.61 -11.70 -15.02
C THR A 91 5.30 -10.42 -14.24
N ALA A 92 4.25 -10.46 -13.44
CA ALA A 92 3.85 -9.32 -12.63
C ALA A 92 3.99 -9.61 -11.14
N SER A 93 3.97 -8.56 -10.33
CA SER A 93 4.10 -8.70 -8.89
C SER A 93 2.78 -8.38 -8.19
N MET A 94 2.63 -8.87 -6.97
CA MET A 94 1.43 -8.62 -6.19
C MET A 94 1.74 -8.59 -4.70
N CYS A 95 1.42 -7.45 -4.06
CA CYS A 95 1.68 -7.28 -2.63
C CYS A 95 0.51 -6.57 -1.96
N VAL A 96 0.38 -6.76 -0.65
CA VAL A 96 -0.69 -6.14 0.12
C VAL A 96 -0.13 -5.29 1.24
N PHE A 97 -0.84 -4.20 1.56
CA PHE A 97 -0.42 -3.30 2.63
C PHE A 97 -1.45 -3.25 3.74
N ARG A 98 -0.97 -3.29 4.98
CA ARG A 98 -1.86 -3.26 6.14
C ARG A 98 -1.34 -2.28 7.19
N HIS A 99 -2.19 -1.95 8.16
CA HIS A 99 -1.81 -1.03 9.24
C HIS A 99 -1.20 -1.78 10.41
N LEU A 100 -0.14 -1.21 10.99
CA LEU A 100 0.53 -1.83 12.13
C LEU A 100 -0.47 -2.17 13.22
N SER A 101 -0.74 -3.47 13.38
CA SER A 101 -1.67 -3.94 14.39
C SER A 101 -0.92 -4.41 15.64
N LYS A 102 0.15 -5.15 15.43
CA LYS A 102 0.95 -5.66 16.54
C LYS A 102 1.42 -4.52 17.45
N LYS A 103 2.15 -4.87 18.50
CA LYS A 103 2.66 -3.88 19.43
C LYS A 103 3.88 -3.17 18.85
N GLU A 104 3.72 -2.61 17.66
CA GLU A 104 4.80 -1.90 16.99
C GLU A 104 4.48 -0.42 16.86
N GLU A 105 5.37 0.33 16.21
CA GLU A 105 5.18 1.76 16.02
C GLU A 105 3.71 2.08 15.71
N LYS A 106 3.32 3.32 15.95
CA LYS A 106 1.95 3.76 15.69
C LYS A 106 1.89 5.26 15.44
N SER A 107 0.88 5.69 14.70
CA SER A 107 0.72 7.10 14.38
C SER A 107 -0.76 7.45 14.20
N GLY A 108 -1.14 8.66 14.62
CA GLY A 108 -2.51 9.09 14.50
C GLY A 108 -3.42 8.42 15.50
N PRO A 109 -4.73 8.43 15.23
CA PRO A 109 -5.73 7.82 16.10
C PRO A 109 -5.65 6.30 16.11
N SER A 110 -5.76 5.71 17.29
CA SER A 110 -5.69 4.26 17.43
C SER A 110 -6.92 3.60 16.80
N SER A 111 -6.69 2.85 15.73
CA SER A 111 -7.78 2.17 15.04
C SER A 111 -7.78 0.68 15.36
N GLY A 112 -8.93 0.04 15.18
CA GLY A 112 -9.04 -1.38 15.46
C GLY A 112 -8.83 -2.23 14.22
N GLY A 1 -22.81 30.91 21.15
CA GLY A 1 -22.71 29.54 20.70
C GLY A 1 -21.28 29.13 20.38
N SER A 2 -21.04 27.83 20.29
CA SER A 2 -19.70 27.33 20.01
C SER A 2 -19.78 26.01 19.23
N SER A 3 -18.65 25.58 18.67
CA SER A 3 -18.59 24.35 17.90
C SER A 3 -17.43 23.47 18.38
N GLY A 4 -17.42 22.23 17.90
CA GLY A 4 -16.35 21.31 18.29
C GLY A 4 -16.90 19.96 18.72
N SER A 5 -17.34 19.16 17.75
CA SER A 5 -17.88 17.85 18.04
C SER A 5 -17.33 16.80 17.06
N SER A 6 -17.34 15.55 17.49
CA SER A 6 -16.83 14.46 16.66
C SER A 6 -17.58 13.16 16.95
N GLY A 7 -17.34 12.15 16.12
CA GLY A 7 -17.99 10.87 16.30
C GLY A 7 -17.24 9.73 15.66
N PRO A 8 -17.29 8.54 16.29
CA PRO A 8 -16.60 7.34 15.78
C PRO A 8 -17.25 6.81 14.50
N LYS A 9 -16.43 6.66 13.46
CA LYS A 9 -16.92 6.17 12.18
C LYS A 9 -16.81 4.64 12.11
N THR A 10 -17.87 3.99 11.65
CA THR A 10 -17.89 2.54 11.54
C THR A 10 -18.75 2.09 10.36
N GLY A 11 -18.33 1.03 9.69
CA GLY A 11 -19.07 0.52 8.56
C GLY A 11 -18.71 -0.91 8.22
N PRO A 12 -19.09 -1.37 7.02
CA PRO A 12 -18.81 -2.73 6.56
C PRO A 12 -17.33 -2.96 6.27
N THR A 13 -17.00 -4.16 5.83
CA THR A 13 -15.63 -4.52 5.52
C THR A 13 -15.47 -4.88 4.05
N MET A 14 -14.50 -4.25 3.39
CA MET A 14 -14.25 -4.51 1.97
C MET A 14 -12.76 -4.52 1.68
N THR A 15 -12.40 -4.69 0.42
CA THR A 15 -11.01 -4.71 0.00
C THR A 15 -10.79 -3.90 -1.27
N LYS A 16 -9.79 -3.03 -1.25
CA LYS A 16 -9.48 -2.19 -2.40
C LYS A 16 -8.42 -2.86 -3.28
N GLU A 17 -8.20 -2.28 -4.47
CA GLU A 17 -7.20 -2.81 -5.40
C GLU A 17 -6.53 -1.69 -6.17
N LEU A 18 -5.22 -1.79 -6.35
CA LEU A 18 -4.45 -0.79 -7.07
C LEU A 18 -3.49 -1.44 -8.06
N VAL A 19 -3.58 -1.02 -9.32
CA VAL A 19 -2.72 -1.57 -10.37
C VAL A 19 -2.15 -0.46 -11.24
N PHE A 20 -0.84 -0.49 -11.44
CA PHE A 20 -0.16 0.52 -12.26
C PHE A 20 1.05 -0.08 -12.97
N SER A 21 1.76 0.75 -13.71
CA SER A 21 2.94 0.31 -14.45
C SER A 21 4.22 0.56 -13.66
N SER A 22 5.21 -0.29 -13.87
CA SER A 22 6.49 -0.16 -13.16
C SER A 22 7.19 1.13 -13.55
N ASN A 23 6.99 1.56 -14.80
CA ASN A 23 7.61 2.79 -15.29
C ASN A 23 6.74 4.00 -14.98
N ILE A 24 6.38 4.15 -13.71
CA ILE A 24 5.55 5.27 -13.29
C ILE A 24 6.39 6.39 -12.69
N GLY A 25 6.21 7.61 -13.20
CA GLY A 25 6.97 8.74 -12.70
C GLY A 25 6.65 9.06 -11.25
N GLN A 26 7.54 9.81 -10.62
CA GLN A 26 7.36 10.18 -9.22
C GLN A 26 6.09 11.01 -9.04
N HIS A 27 5.92 12.00 -9.89
CA HIS A 27 4.73 12.86 -9.82
C HIS A 27 3.46 12.04 -9.72
N ASP A 28 3.44 10.91 -10.41
CA ASP A 28 2.28 10.03 -10.40
C ASP A 28 2.31 9.10 -9.19
N LEU A 29 3.40 8.35 -9.06
CA LEU A 29 3.55 7.42 -7.94
C LEU A 29 3.18 8.09 -6.62
N ASP A 30 3.57 9.35 -6.46
CA ASP A 30 3.27 10.10 -5.25
C ASP A 30 1.80 9.94 -4.86
N THR A 31 0.92 10.24 -5.80
CA THR A 31 -0.53 10.13 -5.56
C THR A 31 -0.91 8.70 -5.19
N LYS A 32 -0.41 7.75 -5.95
CA LYS A 32 -0.69 6.34 -5.71
C LYS A 32 -0.48 5.98 -4.25
N SER A 33 0.62 6.48 -3.68
CA SER A 33 0.94 6.21 -2.28
C SER A 33 -0.05 6.90 -1.35
N LYS A 34 -0.28 8.19 -1.59
CA LYS A 34 -1.20 8.96 -0.77
C LYS A 34 -2.57 8.28 -0.70
N GLN A 35 -3.09 7.89 -1.87
CA GLN A 35 -4.38 7.22 -1.94
C GLN A 35 -4.40 5.98 -1.06
N ILE A 36 -3.32 5.20 -1.10
CA ILE A 36 -3.23 3.98 -0.31
C ILE A 36 -3.17 4.30 1.18
N GLN A 37 -2.31 5.25 1.54
CA GLN A 37 -2.16 5.64 2.94
C GLN A 37 -3.53 5.89 3.59
N GLN A 38 -4.42 6.53 2.85
CA GLN A 38 -5.76 6.82 3.35
C GLN A 38 -6.51 5.53 3.68
N TRP A 39 -6.46 4.58 2.75
CA TRP A 39 -7.13 3.29 2.93
C TRP A 39 -6.63 2.59 4.19
N ILE A 40 -5.30 2.51 4.32
CA ILE A 40 -4.69 1.85 5.47
C ILE A 40 -5.28 2.39 6.77
N GLU A 41 -5.50 3.70 6.82
CA GLU A 41 -6.06 4.33 8.02
C GLU A 41 -7.35 3.63 8.45
N LYS A 42 -8.19 3.30 7.47
CA LYS A 42 -9.45 2.62 7.77
C LYS A 42 -9.27 1.11 7.78
N LYS A 43 -8.05 0.67 8.04
CA LYS A 43 -7.75 -0.76 8.08
C LYS A 43 -8.29 -1.48 6.86
N TYR A 44 -8.07 -0.89 5.69
CA TYR A 44 -8.54 -1.48 4.44
C TYR A 44 -7.41 -2.18 3.70
N HIS A 45 -7.59 -3.46 3.44
CA HIS A 45 -6.59 -4.26 2.74
C HIS A 45 -6.40 -3.75 1.31
N VAL A 46 -5.20 -3.24 1.03
CA VAL A 46 -4.89 -2.72 -0.30
C VAL A 46 -4.03 -3.70 -1.08
N GLN A 47 -4.57 -4.23 -2.17
CA GLN A 47 -3.85 -5.18 -3.01
C GLN A 47 -3.17 -4.47 -4.17
N VAL A 48 -1.88 -4.16 -4.01
CA VAL A 48 -1.12 -3.49 -5.05
C VAL A 48 -0.51 -4.50 -6.03
N THR A 49 -0.71 -4.26 -7.31
CA THR A 49 -0.18 -5.14 -8.35
C THR A 49 0.52 -4.34 -9.45
N ILE A 50 1.82 -4.50 -9.56
CA ILE A 50 2.61 -3.80 -10.57
C ILE A 50 2.53 -4.52 -11.91
N LYS A 51 2.39 -3.75 -12.98
CA LYS A 51 2.31 -4.31 -14.32
C LYS A 51 3.50 -3.87 -15.16
N ARG A 52 4.41 -4.80 -15.43
CA ARG A 52 5.60 -4.53 -16.23
C ARG A 52 5.27 -4.53 -17.72
N ARG A 53 6.08 -3.82 -18.50
CA ARG A 53 5.87 -3.74 -19.95
C ARG A 53 6.91 -4.57 -20.69
N LYS A 54 6.59 -4.95 -21.91
CA LYS A 54 7.50 -5.75 -22.73
C LYS A 54 8.65 -4.88 -23.28
N ASP A 55 9.76 -5.52 -23.59
CA ASP A 55 10.93 -4.83 -24.12
C ASP A 55 11.44 -3.79 -23.11
N ALA A 56 11.55 -4.21 -21.86
CA ALA A 56 12.04 -3.33 -20.80
C ALA A 56 13.31 -3.87 -20.17
N GLU A 57 14.21 -2.97 -19.79
CA GLU A 57 15.47 -3.37 -19.17
C GLU A 57 15.39 -3.25 -17.65
N GLN A 58 14.17 -3.27 -17.13
CA GLN A 58 13.97 -3.18 -15.69
C GLN A 58 14.11 -4.54 -15.02
N SER A 59 15.19 -4.71 -14.27
CA SER A 59 15.45 -5.97 -13.57
C SER A 59 14.29 -6.33 -12.64
N GLU A 60 14.26 -7.58 -12.18
CA GLU A 60 13.21 -8.05 -11.30
C GLU A 60 13.26 -7.29 -9.96
N GLU A 61 14.47 -6.99 -9.51
CA GLU A 61 14.65 -6.27 -8.24
C GLU A 61 14.02 -4.89 -8.31
N GLU A 62 14.16 -4.24 -9.46
CA GLU A 62 13.60 -2.90 -9.64
C GLU A 62 12.11 -2.89 -9.37
N THR A 63 11.45 -4.01 -9.64
CA THR A 63 10.01 -4.14 -9.42
C THR A 63 9.68 -4.20 -7.94
N GLU A 64 10.60 -4.76 -7.16
CA GLU A 64 10.40 -4.88 -5.72
C GLU A 64 10.60 -3.54 -5.03
N GLU A 65 11.73 -2.89 -5.32
CA GLU A 65 12.04 -1.59 -4.73
C GLU A 65 10.81 -0.69 -4.73
N ILE A 66 10.02 -0.77 -5.79
CA ILE A 66 8.81 0.04 -5.90
C ILE A 66 8.01 0.02 -4.60
N PHE A 67 7.50 -1.15 -4.27
CA PHE A 67 6.70 -1.30 -3.05
C PHE A 67 7.33 -0.54 -1.89
N ASN A 68 8.63 -0.74 -1.69
CA ASN A 68 9.36 -0.07 -0.61
C ASN A 68 9.20 1.44 -0.72
N GLN A 69 9.49 1.99 -1.90
CA GLN A 69 9.38 3.42 -2.13
C GLN A 69 8.05 3.96 -1.60
N ILE A 70 7.01 3.15 -1.72
CA ILE A 70 5.68 3.55 -1.26
C ILE A 70 5.58 3.44 0.27
N LEU A 71 6.15 2.39 0.82
CA LEU A 71 6.13 2.16 2.26
C LEU A 71 6.95 3.24 2.99
N GLN A 72 7.72 4.01 2.22
CA GLN A 72 8.53 5.07 2.79
C GLN A 72 7.67 6.24 3.24
N THR A 73 6.39 6.19 2.91
CA THR A 73 5.46 7.25 3.27
C THR A 73 4.56 6.82 4.43
N MET A 74 4.44 5.51 4.62
CA MET A 74 3.62 4.97 5.69
C MET A 74 4.37 3.88 6.46
N PRO A 75 5.65 4.15 6.78
CA PRO A 75 6.49 3.20 7.51
C PRO A 75 6.06 3.05 8.97
N ASP A 76 5.14 3.89 9.39
CA ASP A 76 4.63 3.85 10.76
C ASP A 76 3.12 3.68 10.79
N ILE A 77 2.49 3.80 9.62
CA ILE A 77 1.05 3.65 9.51
C ILE A 77 0.68 2.42 8.68
N ALA A 78 1.65 1.93 7.90
CA ALA A 78 1.43 0.76 7.06
C ALA A 78 2.57 -0.24 7.20
N THR A 79 2.27 -1.51 6.96
CA THR A 79 3.27 -2.56 7.06
C THR A 79 3.03 -3.65 6.02
N PHE A 80 4.12 -4.26 5.56
CA PHE A 80 4.03 -5.31 4.55
C PHE A 80 3.23 -6.50 5.07
N SER A 81 2.00 -6.64 4.58
CA SER A 81 1.12 -7.73 4.99
C SER A 81 1.38 -8.98 4.16
N SER A 82 1.71 -8.77 2.88
CA SER A 82 1.98 -9.89 1.98
C SER A 82 3.18 -9.60 1.11
N ARG A 83 4.29 -10.28 1.37
CA ARG A 83 5.52 -10.10 0.61
C ARG A 83 5.23 -10.14 -0.89
N PRO A 84 5.81 -9.19 -1.64
CA PRO A 84 5.64 -9.11 -3.09
C PRO A 84 6.34 -10.24 -3.83
N LYS A 85 5.55 -11.07 -4.50
CA LYS A 85 6.09 -12.20 -5.25
C LYS A 85 5.72 -12.10 -6.73
N ALA A 86 6.44 -12.85 -7.56
CA ALA A 86 6.18 -12.85 -9.00
C ALA A 86 4.89 -13.60 -9.32
N ILE A 87 3.88 -12.87 -9.79
CA ILE A 87 2.60 -13.46 -10.14
C ILE A 87 2.43 -13.55 -11.66
N ARG A 88 1.49 -14.37 -12.10
CA ARG A 88 1.22 -14.55 -13.51
C ARG A 88 2.50 -14.93 -14.27
N GLY A 89 3.20 -15.94 -13.76
CA GLY A 89 4.43 -16.38 -14.39
C GLY A 89 5.62 -15.54 -13.99
N GLY A 90 5.37 -14.29 -13.62
CA GLY A 90 6.44 -13.40 -13.20
C GLY A 90 6.45 -12.10 -13.97
N THR A 91 5.37 -11.85 -14.71
CA THR A 91 5.25 -10.63 -15.49
C THR A 91 4.85 -9.45 -14.63
N ALA A 92 4.44 -9.74 -13.40
CA ALA A 92 4.03 -8.70 -12.47
C ALA A 92 4.15 -9.18 -11.02
N SER A 93 3.96 -8.26 -10.08
CA SER A 93 4.06 -8.59 -8.66
C SER A 93 2.78 -8.20 -7.93
N MET A 94 2.55 -8.83 -6.78
CA MET A 94 1.36 -8.54 -5.98
C MET A 94 1.70 -8.50 -4.49
N CYS A 95 1.38 -7.38 -3.85
CA CYS A 95 1.66 -7.22 -2.42
C CYS A 95 0.49 -6.54 -1.72
N VAL A 96 0.40 -6.73 -0.41
CA VAL A 96 -0.67 -6.14 0.38
C VAL A 96 -0.11 -5.27 1.50
N PHE A 97 -0.85 -4.20 1.82
CA PHE A 97 -0.43 -3.27 2.87
C PHE A 97 -1.47 -3.20 3.98
N ARG A 98 -1.05 -3.46 5.20
CA ARG A 98 -1.95 -3.41 6.36
C ARG A 98 -1.45 -2.42 7.40
N HIS A 99 -2.34 -2.03 8.31
CA HIS A 99 -1.99 -1.10 9.36
C HIS A 99 -1.54 -1.83 10.63
N LEU A 100 -0.54 -1.27 11.31
CA LEU A 100 -0.02 -1.88 12.53
C LEU A 100 -1.13 -2.06 13.57
N SER A 101 -1.21 -3.27 14.11
CA SER A 101 -2.22 -3.58 15.11
C SER A 101 -1.59 -4.06 16.41
N LYS A 102 -0.59 -4.94 16.28
CA LYS A 102 0.11 -5.47 17.44
C LYS A 102 0.66 -4.35 18.31
N LYS A 103 1.30 -4.72 19.42
CA LYS A 103 1.87 -3.75 20.33
C LYS A 103 2.45 -2.55 19.57
N GLU A 104 3.13 -2.84 18.46
CA GLU A 104 3.72 -1.80 17.64
C GLU A 104 2.84 -0.55 17.61
N GLU A 105 1.57 -0.75 17.31
CA GLU A 105 0.61 0.36 17.25
C GLU A 105 0.65 1.18 18.54
N LYS A 106 0.56 2.50 18.39
CA LYS A 106 0.59 3.39 19.53
C LYS A 106 -0.24 2.84 20.68
N SER A 107 0.32 2.88 21.88
CA SER A 107 -0.37 2.38 23.06
C SER A 107 -1.54 3.28 23.44
N GLY A 108 -2.67 2.67 23.77
CA GLY A 108 -3.84 3.45 24.13
C GLY A 108 -5.14 2.68 23.91
N PRO A 109 -5.79 2.94 22.77
CA PRO A 109 -7.06 2.29 22.41
C PRO A 109 -6.87 0.82 22.07
N SER A 110 -7.08 -0.04 23.06
CA SER A 110 -6.94 -1.48 22.87
C SER A 110 -8.25 -2.21 23.13
N SER A 111 -8.33 -3.46 22.70
CA SER A 111 -9.53 -4.27 22.88
C SER A 111 -10.73 -3.59 22.24
N GLY A 112 -10.54 -3.09 21.01
CA GLY A 112 -11.62 -2.44 20.30
C GLY A 112 -11.81 -2.99 18.90
N GLY A 1 -13.97 23.69 17.95
CA GLY A 1 -14.36 22.68 18.90
C GLY A 1 -14.82 21.40 18.24
N SER A 2 -13.87 20.51 17.95
CA SER A 2 -14.18 19.25 17.31
C SER A 2 -15.43 18.62 17.90
N SER A 3 -16.44 18.41 17.05
CA SER A 3 -17.70 17.84 17.48
C SER A 3 -18.17 16.75 16.51
N GLY A 4 -18.41 15.55 17.03
CA GLY A 4 -18.86 14.45 16.21
C GLY A 4 -18.87 13.13 16.95
N SER A 5 -20.03 12.49 17.00
CA SER A 5 -20.18 11.22 17.68
C SER A 5 -19.54 10.09 16.88
N SER A 6 -18.96 9.13 17.59
CA SER A 6 -18.31 7.99 16.94
C SER A 6 -18.89 6.68 17.45
N GLY A 7 -18.65 5.60 16.69
CA GLY A 7 -19.15 4.29 17.08
C GLY A 7 -18.38 3.16 16.44
N PRO A 8 -18.84 2.70 15.27
CA PRO A 8 -18.20 1.60 14.53
C PRO A 8 -16.85 2.03 13.95
N LYS A 9 -15.90 1.10 13.96
CA LYS A 9 -14.57 1.36 13.42
C LYS A 9 -14.12 0.23 12.49
N THR A 10 -14.40 -1.00 12.89
CA THR A 10 -14.04 -2.16 12.09
C THR A 10 -14.64 -2.08 10.69
N GLY A 11 -15.95 -1.92 10.63
CA GLY A 11 -16.63 -1.84 9.35
C GLY A 11 -16.70 -3.17 8.64
N PRO A 12 -17.54 -3.25 7.60
CA PRO A 12 -17.72 -4.47 6.82
C PRO A 12 -16.49 -4.80 5.98
N THR A 13 -16.17 -6.09 5.90
CA THR A 13 -15.01 -6.54 5.12
C THR A 13 -14.91 -5.79 3.80
N MET A 14 -13.74 -5.19 3.56
CA MET A 14 -13.52 -4.45 2.33
C MET A 14 -12.05 -4.52 1.92
N THR A 15 -11.82 -4.81 0.64
CA THR A 15 -10.46 -4.92 0.12
C THR A 15 -10.34 -4.19 -1.21
N LYS A 16 -9.47 -3.18 -1.25
CA LYS A 16 -9.24 -2.40 -2.46
C LYS A 16 -8.14 -3.02 -3.31
N GLU A 17 -7.93 -2.47 -4.50
CA GLU A 17 -6.91 -2.97 -5.41
C GLU A 17 -6.27 -1.83 -6.20
N LEU A 18 -4.94 -1.83 -6.27
CA LEU A 18 -4.22 -0.79 -6.99
C LEU A 18 -3.29 -1.41 -8.03
N VAL A 19 -3.38 -0.91 -9.26
CA VAL A 19 -2.54 -1.41 -10.35
C VAL A 19 -1.91 -0.26 -11.14
N PHE A 20 -0.70 -0.48 -11.63
CA PHE A 20 0.01 0.53 -12.40
C PHE A 20 1.31 -0.02 -12.97
N SER A 21 1.64 0.40 -14.18
CA SER A 21 2.86 -0.05 -14.84
C SER A 21 4.11 0.48 -14.12
N SER A 22 5.21 -0.26 -14.25
CA SER A 22 6.46 0.14 -13.62
C SER A 22 7.02 1.41 -14.25
N ASN A 23 6.34 1.89 -15.29
CA ASN A 23 6.77 3.10 -15.98
C ASN A 23 6.14 4.34 -15.35
N ILE A 24 5.63 4.18 -14.14
CA ILE A 24 5.00 5.29 -13.42
C ILE A 24 6.04 6.32 -12.99
N GLY A 25 5.75 7.59 -13.27
CA GLY A 25 6.67 8.66 -12.91
C GLY A 25 6.57 9.03 -11.44
N GLN A 26 7.52 9.83 -10.97
CA GLN A 26 7.54 10.26 -9.59
C GLN A 26 6.36 11.19 -9.29
N HIS A 27 5.90 11.89 -10.30
CA HIS A 27 4.78 12.81 -10.15
C HIS A 27 3.48 12.05 -9.93
N ASP A 28 3.38 10.86 -10.52
CA ASP A 28 2.19 10.03 -10.39
C ASP A 28 2.28 9.14 -9.15
N LEU A 29 3.43 8.47 -8.99
CA LEU A 29 3.64 7.59 -7.85
C LEU A 29 3.44 8.34 -6.53
N ASP A 30 3.69 9.65 -6.56
CA ASP A 30 3.54 10.48 -5.37
C ASP A 30 2.12 10.39 -4.83
N THR A 31 1.15 10.56 -5.72
CA THR A 31 -0.26 10.51 -5.34
C THR A 31 -0.69 9.09 -5.02
N LYS A 32 -0.14 8.13 -5.76
CA LYS A 32 -0.47 6.72 -5.54
C LYS A 32 -0.33 6.34 -4.08
N SER A 33 0.82 6.65 -3.50
CA SER A 33 1.09 6.34 -2.10
C SER A 33 0.10 7.06 -1.19
N LYS A 34 -0.11 8.35 -1.46
CA LYS A 34 -1.03 9.16 -0.65
C LYS A 34 -2.41 8.53 -0.62
N GLN A 35 -2.89 8.08 -1.78
CA GLN A 35 -4.20 7.45 -1.87
C GLN A 35 -4.29 6.23 -0.97
N ILE A 36 -3.40 5.27 -1.19
CA ILE A 36 -3.37 4.05 -0.40
C ILE A 36 -3.40 4.35 1.09
N GLN A 37 -2.62 5.36 1.50
CA GLN A 37 -2.56 5.76 2.90
C GLN A 37 -3.96 5.94 3.47
N GLN A 38 -4.78 6.74 2.78
CA GLN A 38 -6.14 7.00 3.23
C GLN A 38 -6.90 5.70 3.45
N TRP A 39 -6.63 4.71 2.60
CA TRP A 39 -7.29 3.41 2.71
C TRP A 39 -6.83 2.67 3.96
N ILE A 40 -5.52 2.43 4.04
CA ILE A 40 -4.95 1.72 5.19
C ILE A 40 -5.51 2.26 6.51
N GLU A 41 -5.69 3.58 6.56
CA GLU A 41 -6.23 4.22 7.76
C GLU A 41 -7.49 3.53 8.23
N LYS A 42 -8.43 3.33 7.33
CA LYS A 42 -9.69 2.67 7.66
C LYS A 42 -9.56 1.15 7.55
N LYS A 43 -8.36 0.64 7.85
CA LYS A 43 -8.10 -0.79 7.80
C LYS A 43 -8.59 -1.37 6.48
N TYR A 44 -8.26 -0.71 5.38
CA TYR A 44 -8.67 -1.16 4.06
C TYR A 44 -7.55 -1.95 3.38
N HIS A 45 -7.81 -3.21 3.08
CA HIS A 45 -6.83 -4.07 2.43
C HIS A 45 -6.59 -3.63 0.98
N VAL A 46 -5.42 -3.04 0.72
CA VAL A 46 -5.08 -2.58 -0.61
C VAL A 46 -4.15 -3.55 -1.31
N GLN A 47 -4.61 -4.13 -2.40
CA GLN A 47 -3.80 -5.08 -3.16
C GLN A 47 -3.08 -4.39 -4.32
N VAL A 48 -1.79 -4.13 -4.11
CA VAL A 48 -0.98 -3.47 -5.13
C VAL A 48 -0.42 -4.47 -6.12
N THR A 49 -0.45 -4.11 -7.40
CA THR A 49 0.06 -4.98 -8.46
C THR A 49 0.83 -4.20 -9.51
N ILE A 50 2.13 -4.45 -9.61
CA ILE A 50 2.97 -3.77 -10.57
C ILE A 50 3.12 -4.58 -11.84
N LYS A 51 2.93 -3.92 -12.99
CA LYS A 51 3.04 -4.58 -14.28
C LYS A 51 4.30 -4.13 -15.02
N ARG A 52 5.04 -5.09 -15.57
CA ARG A 52 6.26 -4.79 -16.29
C ARG A 52 6.03 -4.88 -17.80
N ARG A 53 7.04 -4.47 -18.57
CA ARG A 53 6.95 -4.50 -20.02
C ARG A 53 7.63 -5.75 -20.58
N LYS A 54 6.99 -6.39 -21.55
CA LYS A 54 7.54 -7.59 -22.17
C LYS A 54 8.97 -7.36 -22.64
N ASP A 55 9.27 -6.12 -23.04
CA ASP A 55 10.60 -5.77 -23.51
C ASP A 55 11.28 -4.82 -22.53
N ALA A 56 10.69 -4.67 -21.35
CA ALA A 56 11.25 -3.80 -20.32
C ALA A 56 12.77 -3.87 -20.31
N GLU A 57 13.42 -2.72 -20.17
CA GLU A 57 14.88 -2.65 -20.14
C GLU A 57 15.39 -2.66 -18.71
N GLN A 58 14.57 -3.16 -17.79
CA GLN A 58 14.94 -3.23 -16.39
C GLN A 58 14.71 -4.64 -15.83
N SER A 59 15.25 -4.89 -14.65
CA SER A 59 15.10 -6.20 -14.00
C SER A 59 13.95 -6.18 -12.99
N GLU A 60 13.41 -7.35 -12.72
CA GLU A 60 12.30 -7.48 -11.77
C GLU A 60 12.53 -6.59 -10.55
N GLU A 61 13.80 -6.35 -10.22
CA GLU A 61 14.14 -5.53 -9.08
C GLU A 61 13.38 -4.21 -9.11
N GLU A 62 13.45 -3.51 -10.24
CA GLU A 62 12.78 -2.24 -10.40
C GLU A 62 11.34 -2.32 -9.88
N THR A 63 10.71 -3.47 -10.10
CA THR A 63 9.33 -3.68 -9.65
C THR A 63 9.27 -3.93 -8.15
N GLU A 64 10.35 -4.48 -7.61
CA GLU A 64 10.41 -4.78 -6.17
C GLU A 64 10.73 -3.52 -5.38
N GLU A 65 11.83 -2.87 -5.72
CA GLU A 65 12.25 -1.65 -5.03
C GLU A 65 11.05 -0.73 -4.78
N ILE A 66 10.23 -0.55 -5.81
CA ILE A 66 9.04 0.31 -5.70
C ILE A 66 8.27 0.02 -4.41
N PHE A 67 7.89 -1.24 -4.23
CA PHE A 67 7.15 -1.65 -3.05
C PHE A 67 7.61 -0.87 -1.82
N ASN A 68 8.91 -0.61 -1.75
CA ASN A 68 9.49 0.12 -0.62
C ASN A 68 9.16 1.61 -0.73
N GLN A 69 9.33 2.16 -1.93
CA GLN A 69 9.06 3.57 -2.17
C GLN A 69 7.68 3.95 -1.65
N ILE A 70 6.78 2.98 -1.59
CA ILE A 70 5.42 3.21 -1.11
C ILE A 70 5.34 3.09 0.40
N LEU A 71 5.87 1.99 0.94
CA LEU A 71 5.85 1.76 2.38
C LEU A 71 6.70 2.81 3.10
N GLN A 72 7.56 3.49 2.35
CA GLN A 72 8.42 4.51 2.92
C GLN A 72 7.61 5.73 3.35
N THR A 73 6.36 5.79 2.89
CA THR A 73 5.48 6.91 3.23
C THR A 73 4.59 6.57 4.42
N MET A 74 4.39 5.27 4.65
CA MET A 74 3.55 4.82 5.75
C MET A 74 4.29 3.77 6.59
N PRO A 75 5.57 4.04 6.88
CA PRO A 75 6.41 3.15 7.68
C PRO A 75 5.98 3.10 9.14
N ASP A 76 5.06 3.98 9.51
CA ASP A 76 4.57 4.04 10.88
C ASP A 76 3.05 3.90 10.91
N ILE A 77 2.45 3.79 9.74
CA ILE A 77 1.00 3.65 9.64
C ILE A 77 0.61 2.38 8.87
N ALA A 78 1.57 1.83 8.13
CA ALA A 78 1.33 0.62 7.36
C ALA A 78 2.57 -0.26 7.34
N THR A 79 2.38 -1.54 7.03
CA THR A 79 3.48 -2.50 6.98
C THR A 79 3.22 -3.59 5.95
N PHE A 80 4.22 -4.41 5.70
CA PHE A 80 4.11 -5.49 4.74
C PHE A 80 3.17 -6.59 5.24
N SER A 81 1.95 -6.59 4.72
CA SER A 81 0.96 -7.58 5.13
C SER A 81 1.21 -8.93 4.44
N SER A 82 1.22 -8.90 3.12
CA SER A 82 1.45 -10.12 2.34
C SER A 82 2.68 -9.97 1.45
N ARG A 83 3.80 -10.52 1.92
CA ARG A 83 5.05 -10.45 1.16
C ARG A 83 4.78 -10.50 -0.33
N PRO A 84 5.50 -9.66 -1.09
CA PRO A 84 5.36 -9.58 -2.56
C PRO A 84 5.91 -10.83 -3.25
N LYS A 85 5.08 -11.43 -4.10
CA LYS A 85 5.48 -12.62 -4.83
C LYS A 85 5.48 -12.37 -6.34
N ALA A 86 6.12 -13.26 -7.09
CA ALA A 86 6.19 -13.13 -8.54
C ALA A 86 5.01 -13.82 -9.22
N ILE A 87 4.08 -13.02 -9.73
CA ILE A 87 2.89 -13.56 -10.39
C ILE A 87 2.99 -13.38 -11.91
N ARG A 88 2.12 -14.08 -12.64
CA ARG A 88 2.11 -13.99 -14.09
C ARG A 88 3.49 -14.32 -14.67
N GLY A 89 4.21 -15.23 -14.00
CA GLY A 89 5.53 -15.61 -14.46
C GLY A 89 6.61 -14.70 -13.94
N GLY A 90 6.26 -13.86 -12.97
CA GLY A 90 7.22 -12.93 -12.40
C GLY A 90 7.15 -11.56 -13.04
N THR A 91 6.60 -11.49 -14.25
CA THR A 91 6.48 -10.23 -14.96
C THR A 91 5.77 -9.18 -14.12
N ALA A 92 5.00 -9.65 -13.13
CA ALA A 92 4.28 -8.74 -12.24
C ALA A 92 4.36 -9.21 -10.79
N SER A 93 4.07 -8.30 -9.87
CA SER A 93 4.12 -8.62 -8.45
C SER A 93 2.79 -8.28 -7.77
N MET A 94 2.55 -8.90 -6.62
CA MET A 94 1.32 -8.67 -5.87
C MET A 94 1.59 -8.72 -4.36
N CYS A 95 1.33 -7.61 -3.69
CA CYS A 95 1.54 -7.52 -2.25
C CYS A 95 0.44 -6.71 -1.58
N VAL A 96 0.12 -7.07 -0.34
CA VAL A 96 -0.93 -6.37 0.41
C VAL A 96 -0.33 -5.55 1.55
N PHE A 97 -1.02 -4.48 1.91
CA PHE A 97 -0.56 -3.60 2.99
C PHE A 97 -1.54 -3.60 4.15
N ARG A 98 -1.01 -3.52 5.36
CA ARG A 98 -1.84 -3.52 6.57
C ARG A 98 -1.37 -2.47 7.56
N HIS A 99 -2.22 -2.15 8.53
CA HIS A 99 -1.88 -1.15 9.55
C HIS A 99 -1.01 -1.76 10.64
N LEU A 100 -0.14 -0.95 11.22
CA LEU A 100 0.77 -1.40 12.27
C LEU A 100 -0.02 -1.73 13.54
N SER A 101 -0.06 -3.01 13.90
CA SER A 101 -0.77 -3.45 15.09
C SER A 101 0.19 -3.66 16.26
N LYS A 102 1.21 -2.82 16.33
CA LYS A 102 2.20 -2.91 17.39
C LYS A 102 2.59 -1.52 17.89
N LYS A 103 3.50 -1.47 18.86
CA LYS A 103 3.95 -0.21 19.42
C LYS A 103 4.97 0.45 18.52
N GLU A 104 4.59 0.68 17.26
CA GLU A 104 5.48 1.32 16.30
C GLU A 104 4.80 2.51 15.64
N GLU A 105 4.78 3.64 16.35
CA GLU A 105 4.16 4.86 15.84
C GLU A 105 4.94 6.09 16.29
N LYS A 106 4.99 7.10 15.44
CA LYS A 106 5.69 8.34 15.75
C LYS A 106 4.79 9.31 16.49
N SER A 107 5.08 9.53 17.77
CA SER A 107 4.29 10.43 18.59
C SER A 107 2.79 10.18 18.39
N GLY A 108 2.43 8.91 18.24
CA GLY A 108 1.03 8.56 18.04
C GLY A 108 0.43 7.90 19.27
N PRO A 109 -0.67 7.16 19.05
CA PRO A 109 -1.37 6.45 20.13
C PRO A 109 -0.55 5.28 20.68
N SER A 110 -0.48 5.20 22.01
CA SER A 110 0.27 4.13 22.66
C SER A 110 -0.64 3.30 23.56
N SER A 111 -0.70 1.99 23.27
CA SER A 111 -1.54 1.09 24.04
C SER A 111 -1.09 1.02 25.49
N GLY A 112 0.22 0.86 25.69
CA GLY A 112 0.76 0.79 27.04
C GLY A 112 2.19 0.28 27.06
N GLY A 1 0.71 20.72 27.82
CA GLY A 1 -0.26 19.65 27.91
C GLY A 1 -0.65 19.10 26.55
N SER A 2 -1.55 18.12 26.55
CA SER A 2 -2.01 17.51 25.31
C SER A 2 -3.39 16.90 25.48
N SER A 3 -4.19 16.93 24.41
CA SER A 3 -5.54 16.39 24.44
C SER A 3 -5.97 15.93 23.06
N GLY A 4 -6.77 14.86 23.01
CA GLY A 4 -7.23 14.34 21.75
C GLY A 4 -8.23 13.21 21.91
N SER A 5 -8.79 12.75 20.81
CA SER A 5 -9.78 11.66 20.84
C SER A 5 -10.16 11.24 19.43
N SER A 6 -10.79 10.07 19.32
CA SER A 6 -11.21 9.54 18.03
C SER A 6 -12.60 8.93 18.11
N GLY A 7 -13.22 8.71 16.96
CA GLY A 7 -14.55 8.14 16.92
C GLY A 7 -14.61 6.84 16.13
N PRO A 8 -15.42 5.90 16.60
CA PRO A 8 -15.59 4.60 15.93
C PRO A 8 -16.31 4.71 14.60
N LYS A 9 -15.72 4.12 13.57
CA LYS A 9 -16.32 4.15 12.22
C LYS A 9 -16.90 2.80 11.86
N THR A 10 -18.13 2.81 11.34
CA THR A 10 -18.81 1.58 10.96
C THR A 10 -18.83 1.43 9.43
N GLY A 11 -19.09 0.21 8.98
CA GLY A 11 -19.13 -0.05 7.55
C GLY A 11 -18.94 -1.51 7.21
N PRO A 12 -19.62 -1.98 6.15
CA PRO A 12 -19.53 -3.37 5.71
C PRO A 12 -18.17 -3.71 5.11
N THR A 13 -17.83 -4.99 5.10
CA THR A 13 -16.55 -5.45 4.56
C THR A 13 -16.30 -4.87 3.17
N MET A 14 -15.04 -4.65 2.84
CA MET A 14 -14.67 -4.10 1.54
C MET A 14 -13.16 -4.18 1.33
N THR A 15 -12.75 -4.43 0.09
CA THR A 15 -11.34 -4.52 -0.25
C THR A 15 -10.99 -3.64 -1.44
N LYS A 16 -9.88 -2.92 -1.34
CA LYS A 16 -9.44 -2.04 -2.41
C LYS A 16 -8.31 -2.68 -3.22
N GLU A 17 -8.17 -2.27 -4.47
CA GLU A 17 -7.13 -2.80 -5.34
C GLU A 17 -6.50 -1.69 -6.18
N LEU A 18 -5.18 -1.59 -6.11
CA LEU A 18 -4.45 -0.57 -6.87
C LEU A 18 -3.53 -1.22 -7.91
N VAL A 19 -3.68 -0.80 -9.16
CA VAL A 19 -2.86 -1.33 -10.24
C VAL A 19 -2.29 -0.21 -11.10
N PHE A 20 -1.00 -0.27 -11.37
CA PHE A 20 -0.33 0.74 -12.18
C PHE A 20 0.92 0.16 -12.86
N SER A 21 1.38 0.83 -13.91
CA SER A 21 2.56 0.39 -14.64
C SER A 21 3.81 0.51 -13.77
N SER A 22 4.82 -0.28 -14.11
CA SER A 22 6.08 -0.27 -13.36
C SER A 22 6.96 0.90 -13.80
N ASN A 23 6.55 1.59 -14.87
CA ASN A 23 7.29 2.73 -15.39
C ASN A 23 6.69 4.04 -14.89
N ILE A 24 5.95 3.97 -13.78
CA ILE A 24 5.32 5.15 -13.21
C ILE A 24 6.38 6.08 -12.60
N GLY A 25 6.33 7.35 -12.98
CA GLY A 25 7.27 8.32 -12.46
C GLY A 25 7.04 8.63 -11.01
N GLN A 26 7.71 9.67 -10.50
CA GLN A 26 7.57 10.06 -9.11
C GLN A 26 6.33 10.93 -8.90
N HIS A 27 6.05 11.79 -9.89
CA HIS A 27 4.89 12.67 -9.82
C HIS A 27 3.60 11.86 -9.68
N ASP A 28 3.46 10.83 -10.51
CA ASP A 28 2.28 9.98 -10.47
C ASP A 28 2.31 9.04 -9.26
N LEU A 29 3.44 8.38 -9.05
CA LEU A 29 3.60 7.46 -7.93
C LEU A 29 3.21 8.14 -6.63
N ASP A 30 3.69 9.36 -6.43
CA ASP A 30 3.39 10.12 -5.21
C ASP A 30 1.94 9.92 -4.79
N THR A 31 1.04 9.89 -5.77
CA THR A 31 -0.38 9.71 -5.50
C THR A 31 -0.66 8.32 -4.93
N LYS A 32 -0.36 7.30 -5.73
CA LYS A 32 -0.58 5.92 -5.31
C LYS A 32 -0.28 5.74 -3.83
N SER A 33 0.80 6.37 -3.37
CA SER A 33 1.20 6.28 -1.97
C SER A 33 0.10 6.82 -1.06
N LYS A 34 -0.29 8.07 -1.30
CA LYS A 34 -1.34 8.71 -0.50
C LYS A 34 -2.64 7.92 -0.58
N GLN A 35 -3.14 7.73 -1.79
CA GLN A 35 -4.38 6.99 -1.99
C GLN A 35 -4.44 5.77 -1.08
N ILE A 36 -3.42 4.91 -1.17
CA ILE A 36 -3.37 3.71 -0.35
C ILE A 36 -3.44 4.05 1.14
N GLN A 37 -2.55 4.94 1.58
CA GLN A 37 -2.52 5.35 2.98
C GLN A 37 -3.93 5.60 3.50
N GLN A 38 -4.71 6.36 2.75
CA GLN A 38 -6.08 6.67 3.14
C GLN A 38 -6.84 5.40 3.52
N TRP A 39 -6.77 4.40 2.65
CA TRP A 39 -7.46 3.14 2.88
C TRP A 39 -6.89 2.43 4.10
N ILE A 40 -5.57 2.34 4.17
CA ILE A 40 -4.90 1.69 5.30
C ILE A 40 -5.40 2.25 6.63
N GLU A 41 -5.60 3.56 6.67
CA GLU A 41 -6.07 4.22 7.89
C GLU A 41 -7.35 3.55 8.41
N LYS A 42 -8.27 3.27 7.50
CA LYS A 42 -9.53 2.63 7.85
C LYS A 42 -9.37 1.12 7.94
N LYS A 43 -8.14 0.66 8.11
CA LYS A 43 -7.84 -0.76 8.21
C LYS A 43 -8.39 -1.51 6.99
N TYR A 44 -8.16 -0.94 5.81
CA TYR A 44 -8.63 -1.56 4.57
C TYR A 44 -7.49 -2.28 3.86
N HIS A 45 -7.75 -3.52 3.43
CA HIS A 45 -6.75 -4.31 2.73
C HIS A 45 -6.59 -3.82 1.29
N VAL A 46 -5.44 -3.20 1.02
CA VAL A 46 -5.16 -2.69 -0.32
C VAL A 46 -4.20 -3.61 -1.06
N GLN A 47 -4.61 -4.06 -2.25
CA GLN A 47 -3.79 -4.94 -3.05
C GLN A 47 -3.07 -4.17 -4.16
N VAL A 48 -1.77 -4.01 -4.01
CA VAL A 48 -0.97 -3.29 -5.00
C VAL A 48 -0.37 -4.24 -6.02
N THR A 49 -0.41 -3.84 -7.29
CA THR A 49 0.13 -4.65 -8.37
C THR A 49 0.91 -3.80 -9.37
N ILE A 50 2.14 -4.22 -9.65
CA ILE A 50 2.99 -3.51 -10.59
C ILE A 50 3.22 -4.32 -11.86
N LYS A 51 2.63 -3.87 -12.96
CA LYS A 51 2.78 -4.54 -14.24
C LYS A 51 4.24 -4.61 -14.66
N ARG A 52 4.89 -5.72 -14.35
CA ARG A 52 6.30 -5.91 -14.70
C ARG A 52 6.44 -6.34 -16.15
N ARG A 53 7.61 -6.07 -16.73
CA ARG A 53 7.87 -6.43 -18.12
C ARG A 53 9.15 -7.26 -18.23
N LYS A 54 8.98 -8.57 -18.41
CA LYS A 54 10.10 -9.48 -18.53
C LYS A 54 11.02 -9.06 -19.68
N ASP A 55 10.46 -8.32 -20.64
CA ASP A 55 11.23 -7.86 -21.79
C ASP A 55 11.83 -6.49 -21.52
N ALA A 56 12.30 -6.28 -20.29
CA ALA A 56 12.90 -5.01 -19.91
C ALA A 56 14.36 -5.19 -19.54
N GLU A 57 15.23 -4.35 -20.11
CA GLU A 57 16.65 -4.42 -19.83
C GLU A 57 16.92 -4.45 -18.33
N GLN A 58 16.03 -3.81 -17.56
CA GLN A 58 16.17 -3.76 -16.11
C GLN A 58 15.94 -5.13 -15.49
N SER A 59 16.03 -5.21 -14.17
CA SER A 59 15.83 -6.46 -13.45
C SER A 59 14.64 -6.36 -12.52
N GLU A 60 14.12 -7.52 -12.11
CA GLU A 60 12.97 -7.57 -11.21
C GLU A 60 13.20 -6.69 -9.99
N GLU A 61 14.46 -6.50 -9.64
CA GLU A 61 14.82 -5.67 -8.48
C GLU A 61 14.18 -4.30 -8.58
N GLU A 62 14.26 -3.68 -9.76
CA GLU A 62 13.69 -2.37 -9.98
C GLU A 62 12.20 -2.36 -9.67
N THR A 63 11.50 -3.39 -10.12
CA THR A 63 10.06 -3.50 -9.89
C THR A 63 9.76 -3.62 -8.40
N GLU A 64 10.59 -4.38 -7.70
CA GLU A 64 10.41 -4.59 -6.26
C GLU A 64 10.72 -3.31 -5.49
N GLU A 65 11.74 -2.58 -5.92
CA GLU A 65 12.13 -1.34 -5.28
C GLU A 65 10.90 -0.47 -4.99
N ILE A 66 10.05 -0.30 -6.00
CA ILE A 66 8.85 0.50 -5.85
C ILE A 66 8.13 0.19 -4.54
N PHE A 67 7.78 -1.07 -4.36
CA PHE A 67 7.09 -1.50 -3.15
C PHE A 67 7.57 -0.70 -1.94
N ASN A 68 8.85 -0.38 -1.92
CA ASN A 68 9.43 0.38 -0.82
C ASN A 68 9.09 1.86 -0.94
N GLN A 69 9.28 2.41 -2.13
CA GLN A 69 8.99 3.82 -2.38
C GLN A 69 7.59 4.18 -1.90
N ILE A 70 6.72 3.18 -1.80
CA ILE A 70 5.36 3.39 -1.35
C ILE A 70 5.24 3.22 0.16
N LEU A 71 5.99 2.28 0.70
CA LEU A 71 5.97 2.02 2.14
C LEU A 71 6.82 3.05 2.89
N GLN A 72 7.66 3.77 2.15
CA GLN A 72 8.51 4.79 2.74
C GLN A 72 7.69 5.96 3.27
N THR A 73 6.44 6.05 2.81
CA THR A 73 5.55 7.11 3.22
C THR A 73 4.68 6.69 4.41
N MET A 74 4.58 5.38 4.61
CA MET A 74 3.78 4.85 5.72
C MET A 74 4.57 3.78 6.48
N PRO A 75 5.85 4.08 6.76
CA PRO A 75 6.73 3.16 7.49
C PRO A 75 6.34 3.03 8.96
N ASP A 76 5.35 3.81 9.37
CA ASP A 76 4.88 3.78 10.75
C ASP A 76 3.37 3.60 10.81
N ILE A 77 2.72 3.68 9.65
CA ILE A 77 1.28 3.53 9.57
C ILE A 77 0.90 2.31 8.73
N ALA A 78 1.85 1.82 7.93
CA ALA A 78 1.62 0.66 7.08
C ALA A 78 2.81 -0.29 7.13
N THR A 79 2.54 -1.58 6.90
CA THR A 79 3.58 -2.59 6.92
C THR A 79 3.36 -3.63 5.82
N PHE A 80 4.40 -4.40 5.53
CA PHE A 80 4.31 -5.43 4.50
C PHE A 80 3.40 -6.57 4.95
N SER A 81 2.09 -6.39 4.74
CA SER A 81 1.12 -7.40 5.13
C SER A 81 1.39 -8.72 4.40
N SER A 82 1.34 -8.68 3.07
CA SER A 82 1.57 -9.87 2.25
C SER A 82 2.78 -9.68 1.35
N ARG A 83 3.92 -10.20 1.78
CA ARG A 83 5.16 -10.09 1.02
C ARG A 83 4.87 -10.13 -0.48
N PRO A 84 5.57 -9.27 -1.24
CA PRO A 84 5.40 -9.19 -2.69
C PRO A 84 5.96 -10.41 -3.41
N LYS A 85 5.06 -11.17 -4.05
CA LYS A 85 5.46 -12.37 -4.78
C LYS A 85 5.14 -12.23 -6.27
N ALA A 86 5.81 -13.03 -7.08
CA ALA A 86 5.60 -13.00 -8.52
C ALA A 86 4.25 -13.58 -8.89
N ILE A 87 3.57 -12.94 -9.84
CA ILE A 87 2.25 -13.41 -10.28
C ILE A 87 2.14 -13.39 -11.80
N ARG A 88 1.22 -14.18 -12.33
CA ARG A 88 1.02 -14.26 -13.77
C ARG A 88 2.26 -14.80 -14.47
N GLY A 89 2.95 -15.72 -13.81
CA GLY A 89 4.16 -16.30 -14.38
C GLY A 89 5.35 -15.37 -14.28
N GLY A 90 5.31 -14.47 -13.30
CA GLY A 90 6.41 -13.54 -13.11
C GLY A 90 6.29 -12.32 -14.00
N THR A 91 5.18 -12.23 -14.74
CA THR A 91 4.94 -11.11 -15.63
C THR A 91 4.53 -9.87 -14.86
N ALA A 92 4.13 -10.06 -13.61
CA ALA A 92 3.71 -8.95 -12.76
C ALA A 92 3.83 -9.31 -11.28
N SER A 93 3.98 -8.28 -10.44
CA SER A 93 4.11 -8.50 -9.01
C SER A 93 2.82 -8.11 -8.28
N MET A 94 2.62 -8.67 -7.10
CA MET A 94 1.44 -8.37 -6.30
C MET A 94 1.75 -8.45 -4.81
N CYS A 95 1.16 -7.54 -4.04
CA CYS A 95 1.38 -7.50 -2.60
C CYS A 95 0.25 -6.75 -1.90
N VAL A 96 0.20 -6.87 -0.57
CA VAL A 96 -0.83 -6.20 0.21
C VAL A 96 -0.21 -5.35 1.32
N PHE A 97 -1.00 -4.45 1.88
CA PHE A 97 -0.54 -3.58 2.95
C PHE A 97 -1.55 -3.53 4.10
N ARG A 98 -1.05 -3.44 5.32
CA ARG A 98 -1.90 -3.39 6.50
C ARG A 98 -1.35 -2.41 7.54
N HIS A 99 -2.21 -1.99 8.46
CA HIS A 99 -1.81 -1.05 9.49
C HIS A 99 -1.03 -1.76 10.60
N LEU A 100 -0.07 -1.06 11.20
CA LEU A 100 0.75 -1.62 12.26
C LEU A 100 -0.07 -1.79 13.54
N SER A 101 -0.64 -2.98 13.72
CA SER A 101 -1.45 -3.26 14.90
C SER A 101 -0.61 -3.95 15.98
N LYS A 102 0.68 -4.11 15.70
CA LYS A 102 1.59 -4.75 16.64
C LYS A 102 3.05 -4.59 16.19
N LYS A 103 3.95 -4.49 17.17
CA LYS A 103 5.36 -4.33 16.87
C LYS A 103 5.60 -3.14 15.95
N GLU A 104 4.80 -2.10 16.12
CA GLU A 104 4.92 -0.89 15.30
C GLU A 104 6.25 -0.20 15.56
N GLU A 105 6.68 0.61 14.59
CA GLU A 105 7.94 1.34 14.72
C GLU A 105 8.10 1.93 16.11
N LYS A 106 8.96 1.32 16.91
CA LYS A 106 9.21 1.78 18.27
C LYS A 106 9.17 3.30 18.34
N SER A 107 8.28 3.84 19.17
CA SER A 107 8.15 5.28 19.33
C SER A 107 7.68 5.63 20.74
N GLY A 108 7.71 6.92 21.06
CA GLY A 108 7.27 7.37 22.37
C GLY A 108 5.80 7.73 22.40
N PRO A 109 5.16 7.48 23.56
CA PRO A 109 3.73 7.78 23.75
C PRO A 109 3.46 9.28 23.79
N SER A 110 2.95 9.82 22.69
CA SER A 110 2.65 11.24 22.61
C SER A 110 3.64 12.06 23.42
N SER A 111 4.93 11.75 23.26
CA SER A 111 5.98 12.44 23.98
C SER A 111 5.96 13.93 23.64
N GLY A 112 5.11 14.68 24.34
CA GLY A 112 5.01 16.12 24.10
C GLY A 112 4.11 16.44 22.92
N GLY A 1 -26.06 25.81 10.81
CA GLY A 1 -27.00 24.70 10.88
C GLY A 1 -26.83 23.85 12.12
N SER A 2 -25.95 22.87 12.04
CA SER A 2 -25.68 21.98 13.17
C SER A 2 -24.26 22.15 13.68
N SER A 3 -24.13 22.49 14.95
CA SER A 3 -22.82 22.69 15.57
C SER A 3 -22.02 21.39 15.57
N GLY A 4 -22.63 20.32 16.05
CA GLY A 4 -21.97 19.03 16.09
C GLY A 4 -22.83 17.91 15.56
N SER A 5 -22.35 16.68 15.71
CA SER A 5 -23.08 15.51 15.22
C SER A 5 -22.43 14.22 15.70
N SER A 6 -23.25 13.19 15.92
CA SER A 6 -22.75 11.91 16.39
C SER A 6 -23.40 10.76 15.62
N GLY A 7 -22.95 9.54 15.88
CA GLY A 7 -23.49 8.38 15.20
C GLY A 7 -22.41 7.50 14.60
N PRO A 8 -21.84 6.62 15.42
CA PRO A 8 -20.78 5.71 14.99
C PRO A 8 -21.30 4.62 14.04
N LYS A 9 -20.50 4.27 13.05
CA LYS A 9 -20.88 3.25 12.07
C LYS A 9 -19.98 2.03 12.19
N THR A 10 -20.58 0.85 12.16
CA THR A 10 -19.83 -0.40 12.26
C THR A 10 -20.31 -1.42 11.22
N GLY A 11 -19.72 -1.37 10.03
CA GLY A 11 -20.10 -2.29 8.98
C GLY A 11 -19.02 -3.29 8.67
N PRO A 12 -19.21 -4.06 7.58
CA PRO A 12 -18.25 -5.08 7.16
C PRO A 12 -16.96 -4.47 6.60
N THR A 13 -16.02 -5.32 6.22
CA THR A 13 -14.74 -4.86 5.67
C THR A 13 -14.68 -5.10 4.17
N MET A 14 -14.01 -4.19 3.46
CA MET A 14 -13.87 -4.30 2.02
C MET A 14 -12.40 -4.41 1.63
N THR A 15 -12.15 -4.57 0.33
CA THR A 15 -10.79 -4.70 -0.18
C THR A 15 -10.58 -3.82 -1.41
N LYS A 16 -9.54 -3.00 -1.38
CA LYS A 16 -9.22 -2.11 -2.50
C LYS A 16 -8.10 -2.68 -3.34
N GLU A 17 -8.22 -2.56 -4.66
CA GLU A 17 -7.21 -3.06 -5.57
C GLU A 17 -6.64 -1.93 -6.43
N LEU A 18 -5.31 -1.80 -6.42
CA LEU A 18 -4.64 -0.76 -7.18
C LEU A 18 -3.75 -1.37 -8.26
N VAL A 19 -3.96 -0.96 -9.50
CA VAL A 19 -3.17 -1.46 -10.62
C VAL A 19 -2.52 -0.31 -11.39
N PHE A 20 -1.22 -0.42 -11.61
CA PHE A 20 -0.47 0.61 -12.32
C PHE A 20 0.83 0.04 -12.89
N SER A 21 1.19 0.47 -14.09
CA SER A 21 2.40 0.01 -14.74
C SER A 21 3.64 0.68 -14.12
N SER A 22 4.70 -0.09 -13.96
CA SER A 22 5.94 0.42 -13.38
C SER A 22 6.31 1.76 -13.99
N ASN A 23 6.06 1.91 -15.30
CA ASN A 23 6.36 3.14 -16.01
C ASN A 23 6.01 4.35 -15.16
N ILE A 24 4.90 4.27 -14.44
CA ILE A 24 4.46 5.36 -13.59
C ILE A 24 5.64 6.11 -12.99
N GLY A 25 5.78 7.38 -13.36
CA GLY A 25 6.88 8.18 -12.84
C GLY A 25 6.72 8.49 -11.37
N GLN A 26 7.80 8.98 -10.75
CA GLN A 26 7.78 9.32 -9.33
C GLN A 26 6.75 10.40 -9.05
N HIS A 27 6.53 11.27 -10.03
CA HIS A 27 5.56 12.36 -9.88
C HIS A 27 4.18 11.82 -9.59
N ASP A 28 3.71 10.90 -10.43
CA ASP A 28 2.40 10.30 -10.25
C ASP A 28 2.39 9.32 -9.09
N LEU A 29 3.33 8.39 -9.10
CA LEU A 29 3.43 7.40 -8.04
C LEU A 29 3.25 8.03 -6.67
N ASP A 30 3.83 9.22 -6.49
CA ASP A 30 3.72 9.94 -5.23
C ASP A 30 2.29 9.92 -4.70
N THR A 31 1.34 10.23 -5.59
CA THR A 31 -0.07 10.25 -5.22
C THR A 31 -0.56 8.86 -4.87
N LYS A 32 -0.28 7.89 -5.74
CA LYS A 32 -0.69 6.51 -5.52
C LYS A 32 -0.53 6.12 -4.05
N SER A 33 0.54 6.60 -3.44
CA SER A 33 0.81 6.29 -2.04
C SER A 33 -0.18 7.00 -1.12
N LYS A 34 -0.39 8.28 -1.38
CA LYS A 34 -1.32 9.08 -0.58
C LYS A 34 -2.70 8.44 -0.55
N GLN A 35 -3.17 8.02 -1.72
CA GLN A 35 -4.48 7.38 -1.83
C GLN A 35 -4.55 6.12 -0.98
N ILE A 36 -3.52 5.29 -1.08
CA ILE A 36 -3.47 4.05 -0.32
C ILE A 36 -3.44 4.32 1.18
N GLN A 37 -2.64 5.31 1.57
CA GLN A 37 -2.51 5.68 2.98
C GLN A 37 -3.89 5.90 3.61
N GLN A 38 -4.74 6.64 2.91
CA GLN A 38 -6.09 6.92 3.40
C GLN A 38 -6.87 5.62 3.61
N TRP A 39 -6.59 4.62 2.79
CA TRP A 39 -7.27 3.33 2.89
C TRP A 39 -6.77 2.56 4.10
N ILE A 40 -5.46 2.39 4.20
CA ILE A 40 -4.86 1.66 5.31
C ILE A 40 -5.41 2.15 6.65
N GLU A 41 -5.55 3.46 6.79
CA GLU A 41 -6.07 4.05 8.02
C GLU A 41 -7.32 3.32 8.49
N LYS A 42 -8.25 3.10 7.56
CA LYS A 42 -9.50 2.41 7.89
C LYS A 42 -9.32 0.89 7.79
N LYS A 43 -8.10 0.43 8.09
CA LYS A 43 -7.80 -0.99 8.04
C LYS A 43 -8.35 -1.63 6.77
N TYR A 44 -8.09 -1.00 5.63
CA TYR A 44 -8.56 -1.51 4.36
C TYR A 44 -7.42 -2.20 3.59
N HIS A 45 -7.66 -3.46 3.24
CA HIS A 45 -6.66 -4.24 2.51
C HIS A 45 -6.46 -3.68 1.10
N VAL A 46 -5.27 -3.13 0.85
CA VAL A 46 -4.95 -2.57 -0.45
C VAL A 46 -4.01 -3.47 -1.23
N GLN A 47 -4.53 -4.10 -2.27
CA GLN A 47 -3.74 -5.00 -3.11
C GLN A 47 -3.18 -4.27 -4.33
N VAL A 48 -1.86 -4.10 -4.35
CA VAL A 48 -1.20 -3.42 -5.45
C VAL A 48 -0.61 -4.41 -6.44
N THR A 49 -0.90 -4.21 -7.72
CA THR A 49 -0.39 -5.09 -8.76
C THR A 49 0.40 -4.31 -9.81
N ILE A 50 1.71 -4.52 -9.84
CA ILE A 50 2.57 -3.84 -10.78
C ILE A 50 2.76 -4.67 -12.06
N LYS A 51 2.39 -4.09 -13.19
CA LYS A 51 2.51 -4.76 -14.48
C LYS A 51 3.77 -4.30 -15.22
N ARG A 52 4.50 -5.25 -15.78
CA ARG A 52 5.72 -4.94 -16.52
C ARG A 52 5.51 -5.12 -18.02
N ARG A 53 6.56 -4.88 -18.80
CA ARG A 53 6.49 -5.03 -20.25
C ARG A 53 6.41 -6.50 -20.65
N LYS A 54 6.04 -6.76 -21.89
CA LYS A 54 5.92 -8.12 -22.39
C LYS A 54 7.29 -8.78 -22.48
N ASP A 55 8.29 -8.03 -22.92
CA ASP A 55 9.65 -8.55 -23.04
C ASP A 55 10.63 -7.69 -22.24
N ALA A 56 10.20 -7.24 -21.07
CA ALA A 56 11.04 -6.41 -20.21
C ALA A 56 12.35 -7.12 -19.90
N GLU A 57 13.46 -6.42 -20.12
CA GLU A 57 14.78 -6.97 -19.85
C GLU A 57 15.30 -6.51 -18.49
N GLN A 58 14.41 -6.46 -17.52
CA GLN A 58 14.78 -6.04 -16.17
C GLN A 58 14.50 -7.14 -15.16
N SER A 59 15.07 -7.00 -13.97
CA SER A 59 14.90 -7.99 -12.90
C SER A 59 13.73 -7.62 -12.00
N GLU A 60 13.16 -8.62 -11.33
CA GLU A 60 12.04 -8.38 -10.43
C GLU A 60 12.47 -7.61 -9.20
N GLU A 61 13.69 -7.87 -8.74
CA GLU A 61 14.22 -7.19 -7.56
C GLU A 61 14.00 -5.69 -7.66
N GLU A 62 14.12 -5.14 -8.87
CA GLU A 62 13.93 -3.71 -9.09
C GLU A 62 12.47 -3.33 -8.91
N THR A 63 11.57 -4.25 -9.21
CA THR A 63 10.14 -4.00 -9.08
C THR A 63 9.75 -3.82 -7.62
N GLU A 64 10.44 -4.52 -6.73
CA GLU A 64 10.17 -4.43 -5.29
C GLU A 64 10.21 -2.97 -4.83
N GLU A 65 11.21 -2.24 -5.29
CA GLU A 65 11.36 -0.84 -4.92
C GLU A 65 10.01 -0.13 -4.88
N ILE A 66 9.27 -0.22 -5.98
CA ILE A 66 7.96 0.40 -6.07
C ILE A 66 7.20 0.30 -4.74
N PHE A 67 6.82 -0.92 -4.38
CA PHE A 67 6.09 -1.15 -3.13
C PHE A 67 6.77 -0.44 -1.97
N ASN A 68 8.09 -0.53 -1.92
CA ASN A 68 8.86 0.10 -0.86
C ASN A 68 8.66 1.61 -0.86
N GLN A 69 8.62 2.20 -2.05
CA GLN A 69 8.42 3.64 -2.19
C GLN A 69 7.11 4.08 -1.55
N ILE A 70 6.10 3.23 -1.65
CA ILE A 70 4.80 3.54 -1.07
C ILE A 70 4.80 3.33 0.44
N LEU A 71 5.68 2.45 0.90
CA LEU A 71 5.79 2.15 2.33
C LEU A 71 6.59 3.24 3.05
N GLN A 72 7.45 3.93 2.30
CA GLN A 72 8.27 4.99 2.87
C GLN A 72 7.40 6.14 3.37
N THR A 73 6.13 6.13 2.98
CA THR A 73 5.19 7.17 3.41
C THR A 73 4.40 6.73 4.63
N MET A 74 4.32 5.42 4.84
CA MET A 74 3.59 4.87 5.97
C MET A 74 4.44 3.86 6.73
N PRO A 75 5.72 4.20 6.96
CA PRO A 75 6.66 3.34 7.68
C PRO A 75 6.32 3.21 9.16
N ASP A 76 5.30 3.94 9.59
CA ASP A 76 4.86 3.90 10.99
C ASP A 76 3.36 3.71 11.08
N ILE A 77 2.71 3.60 9.93
CA ILE A 77 1.26 3.42 9.89
C ILE A 77 0.89 2.18 9.07
N ALA A 78 1.81 1.74 8.23
CA ALA A 78 1.58 0.57 7.38
C ALA A 78 2.86 -0.23 7.20
N THR A 79 2.72 -1.55 7.11
CA THR A 79 3.86 -2.43 6.94
C THR A 79 3.60 -3.47 5.85
N PHE A 80 4.67 -4.06 5.32
CA PHE A 80 4.55 -5.07 4.28
C PHE A 80 3.72 -6.25 4.76
N SER A 81 2.47 -6.31 4.31
CA SER A 81 1.56 -7.38 4.69
C SER A 81 1.93 -8.68 3.99
N SER A 82 1.95 -8.63 2.65
CA SER A 82 2.28 -9.80 1.84
C SER A 82 3.47 -9.52 0.93
N ARG A 83 4.64 -9.98 1.34
CA ARG A 83 5.86 -9.78 0.57
C ARG A 83 5.58 -9.93 -0.93
N PRO A 84 6.09 -8.97 -1.73
CA PRO A 84 5.90 -8.96 -3.18
C PRO A 84 6.68 -10.09 -3.86
N LYS A 85 6.00 -10.84 -4.72
CA LYS A 85 6.64 -11.93 -5.44
C LYS A 85 6.14 -12.00 -6.88
N ALA A 86 6.94 -12.61 -7.75
CA ALA A 86 6.58 -12.74 -9.16
C ALA A 86 5.36 -13.63 -9.33
N ILE A 87 4.26 -13.05 -9.77
CA ILE A 87 3.02 -13.79 -9.98
C ILE A 87 2.75 -14.00 -11.47
N ARG A 88 1.87 -14.95 -11.77
CA ARG A 88 1.51 -15.24 -13.15
C ARG A 88 2.72 -15.77 -13.92
N GLY A 89 3.49 -16.65 -13.28
CA GLY A 89 4.67 -17.21 -13.92
C GLY A 89 5.92 -16.42 -13.62
N GLY A 90 5.85 -15.11 -13.81
CA GLY A 90 7.00 -14.26 -13.55
C GLY A 90 7.02 -13.02 -14.44
N THR A 91 6.00 -12.18 -14.30
CA THR A 91 5.90 -10.96 -15.08
C THR A 91 5.51 -9.78 -14.21
N ALA A 92 4.42 -9.93 -13.46
CA ALA A 92 3.94 -8.87 -12.58
C ALA A 92 4.04 -9.28 -11.12
N SER A 93 4.18 -8.30 -10.23
CA SER A 93 4.28 -8.56 -8.81
C SER A 93 3.02 -8.14 -8.08
N MET A 94 2.73 -8.81 -6.96
CA MET A 94 1.54 -8.51 -6.18
C MET A 94 1.89 -8.39 -4.69
N CYS A 95 1.43 -7.32 -4.06
CA CYS A 95 1.70 -7.09 -2.64
C CYS A 95 0.55 -6.33 -1.99
N VAL A 96 0.41 -6.49 -0.67
CA VAL A 96 -0.65 -5.82 0.07
C VAL A 96 -0.08 -5.02 1.23
N PHE A 97 -0.86 -4.07 1.74
CA PHE A 97 -0.43 -3.24 2.85
C PHE A 97 -1.42 -3.35 4.01
N ARG A 98 -0.90 -3.24 5.23
CA ARG A 98 -1.72 -3.33 6.43
C ARG A 98 -1.18 -2.42 7.53
N HIS A 99 -2.04 -2.05 8.47
CA HIS A 99 -1.65 -1.19 9.58
C HIS A 99 -0.87 -1.97 10.62
N LEU A 100 0.08 -1.29 11.27
CA LEU A 100 0.90 -1.92 12.30
C LEU A 100 0.07 -2.27 13.53
N SER A 101 -0.25 -3.56 13.68
CA SER A 101 -1.04 -4.02 14.81
C SER A 101 -0.21 -4.93 15.72
N LYS A 102 0.50 -5.86 15.11
CA LYS A 102 1.35 -6.79 15.86
C LYS A 102 2.47 -6.06 16.58
N LYS A 103 3.35 -5.42 15.80
CA LYS A 103 4.46 -4.68 16.38
C LYS A 103 4.49 -3.25 15.84
N GLU A 104 5.39 -2.43 16.38
CA GLU A 104 5.52 -1.04 15.97
C GLU A 104 4.18 -0.33 16.04
N GLU A 105 3.47 -0.52 17.15
CA GLU A 105 2.17 0.11 17.36
C GLU A 105 2.33 1.56 17.82
N LYS A 106 1.22 2.29 17.87
CA LYS A 106 1.24 3.68 18.30
C LYS A 106 0.64 3.83 19.69
N SER A 107 1.51 4.02 20.68
CA SER A 107 1.07 4.17 22.06
C SER A 107 0.10 5.34 22.20
N GLY A 108 -0.90 5.18 23.06
CA GLY A 108 -1.87 6.23 23.27
C GLY A 108 -2.88 5.87 24.35
N PRO A 109 -3.76 6.83 24.67
CA PRO A 109 -4.79 6.65 25.71
C PRO A 109 -5.86 5.65 25.28
N SER A 110 -6.47 4.98 26.26
CA SER A 110 -7.51 4.00 25.98
C SER A 110 -8.89 4.55 26.37
N SER A 111 -9.06 4.86 27.66
CA SER A 111 -10.32 5.38 28.15
C SER A 111 -10.31 6.91 28.14
N GLY A 112 -9.26 7.50 28.69
CA GLY A 112 -9.16 8.94 28.72
C GLY A 112 -10.32 9.59 29.44
N GLY A 1 -24.17 18.53 21.25
CA GLY A 1 -24.99 17.48 21.80
C GLY A 1 -25.08 16.26 20.90
N SER A 2 -24.39 15.19 21.27
CA SER A 2 -24.39 13.97 20.48
C SER A 2 -24.65 12.76 21.36
N SER A 3 -24.18 12.82 22.60
CA SER A 3 -24.36 11.72 23.54
C SER A 3 -24.19 10.37 22.85
N GLY A 4 -23.10 10.24 22.09
CA GLY A 4 -22.83 8.99 21.39
C GLY A 4 -21.37 8.59 21.44
N SER A 5 -20.99 7.90 22.51
CA SER A 5 -19.61 7.47 22.68
C SER A 5 -19.19 6.54 21.55
N SER A 6 -17.89 6.46 21.31
CA SER A 6 -17.35 5.61 20.25
C SER A 6 -16.11 4.86 20.73
N GLY A 7 -15.62 3.94 19.89
CA GLY A 7 -14.45 3.18 20.24
C GLY A 7 -13.74 2.60 19.03
N PRO A 8 -12.95 1.54 19.25
CA PRO A 8 -12.20 0.89 18.17
C PRO A 8 -13.11 0.13 17.20
N LYS A 9 -12.96 0.42 15.92
CA LYS A 9 -13.77 -0.22 14.89
C LYS A 9 -12.88 -0.92 13.85
N THR A 10 -13.38 -2.02 13.30
CA THR A 10 -12.64 -2.78 12.30
C THR A 10 -13.19 -2.54 10.91
N GLY A 11 -14.38 -1.95 10.84
CA GLY A 11 -14.99 -1.67 9.55
C GLY A 11 -15.47 -2.92 8.85
N PRO A 12 -16.52 -2.78 8.03
CA PRO A 12 -17.10 -3.90 7.28
C PRO A 12 -16.17 -4.40 6.17
N THR A 13 -16.48 -5.58 5.64
CA THR A 13 -15.68 -6.16 4.57
C THR A 13 -15.38 -5.14 3.48
N MET A 14 -14.10 -4.98 3.16
CA MET A 14 -13.70 -4.03 2.12
C MET A 14 -12.26 -4.29 1.69
N THR A 15 -12.04 -4.43 0.38
CA THR A 15 -10.71 -4.67 -0.16
C THR A 15 -10.46 -3.84 -1.40
N LYS A 16 -9.54 -2.89 -1.30
CA LYS A 16 -9.21 -2.02 -2.42
C LYS A 16 -8.08 -2.61 -3.25
N GLU A 17 -8.15 -2.42 -4.56
CA GLU A 17 -7.13 -2.95 -5.47
C GLU A 17 -6.50 -1.82 -6.28
N LEU A 18 -5.17 -1.80 -6.34
CA LEU A 18 -4.44 -0.78 -7.08
C LEU A 18 -3.49 -1.43 -8.09
N VAL A 19 -3.65 -1.06 -9.36
CA VAL A 19 -2.81 -1.59 -10.41
C VAL A 19 -2.28 -0.48 -11.31
N PHE A 20 -0.96 -0.25 -11.25
CA PHE A 20 -0.33 0.80 -12.05
C PHE A 20 0.80 0.22 -12.90
N SER A 21 1.50 1.09 -13.60
CA SER A 21 2.61 0.67 -14.45
C SER A 21 3.94 0.75 -13.69
N SER A 22 4.87 -0.12 -14.05
CA SER A 22 6.18 -0.15 -13.41
C SER A 22 7.01 1.07 -13.80
N ASN A 23 6.70 1.63 -14.97
CA ASN A 23 7.41 2.81 -15.46
C ASN A 23 6.83 4.09 -14.87
N ILE A 24 5.89 3.93 -13.94
CA ILE A 24 5.26 5.07 -13.30
C ILE A 24 6.30 6.01 -12.67
N GLY A 25 6.20 7.28 -13.01
CA GLY A 25 7.14 8.26 -12.49
C GLY A 25 6.80 8.68 -11.06
N GLN A 26 7.61 9.57 -10.50
CA GLN A 26 7.39 10.04 -9.14
C GLN A 26 6.14 10.93 -9.07
N HIS A 27 5.93 11.72 -10.11
CA HIS A 27 4.76 12.61 -10.16
C HIS A 27 3.48 11.83 -9.95
N ASP A 28 3.30 10.75 -10.71
CA ASP A 28 2.11 9.92 -10.61
C ASP A 28 2.16 9.06 -9.35
N LEU A 29 3.19 8.24 -9.24
CA LEU A 29 3.35 7.36 -8.09
C LEU A 29 2.97 8.08 -6.80
N ASP A 30 3.38 9.33 -6.68
CA ASP A 30 3.08 10.13 -5.50
C ASP A 30 1.63 9.94 -5.08
N THR A 31 0.71 10.09 -6.02
CA THR A 31 -0.71 9.93 -5.75
C THR A 31 -1.05 8.49 -5.41
N LYS A 32 -0.36 7.55 -6.06
CA LYS A 32 -0.58 6.13 -5.83
C LYS A 32 -0.37 5.78 -4.35
N SER A 33 0.75 6.24 -3.79
CA SER A 33 1.07 5.97 -2.41
C SER A 33 0.09 6.68 -1.47
N LYS A 34 -0.19 7.94 -1.77
CA LYS A 34 -1.12 8.73 -0.97
C LYS A 34 -2.46 8.04 -0.83
N GLN A 35 -3.02 7.63 -1.97
CA GLN A 35 -4.31 6.95 -1.98
C GLN A 35 -4.33 5.79 -0.98
N ILE A 36 -3.34 4.90 -1.10
CA ILE A 36 -3.25 3.75 -0.22
C ILE A 36 -3.27 4.19 1.25
N GLN A 37 -2.45 5.18 1.58
CA GLN A 37 -2.37 5.70 2.94
C GLN A 37 -3.77 5.91 3.51
N GLN A 38 -4.54 6.79 2.87
CA GLN A 38 -5.89 7.08 3.31
C GLN A 38 -6.67 5.80 3.59
N TRP A 39 -6.46 4.79 2.76
CA TRP A 39 -7.14 3.51 2.92
C TRP A 39 -6.65 2.79 4.16
N ILE A 40 -5.33 2.61 4.27
CA ILE A 40 -4.74 1.93 5.41
C ILE A 40 -5.29 2.47 6.72
N GLU A 41 -5.42 3.79 6.80
CA GLU A 41 -5.94 4.43 8.01
C GLU A 41 -7.19 3.71 8.51
N LYS A 42 -8.02 3.26 7.57
CA LYS A 42 -9.24 2.56 7.91
C LYS A 42 -9.06 1.04 7.79
N LYS A 43 -7.87 0.56 8.14
CA LYS A 43 -7.57 -0.85 8.07
C LYS A 43 -8.16 -1.48 6.81
N TYR A 44 -7.94 -0.82 5.68
CA TYR A 44 -8.45 -1.31 4.40
C TYR A 44 -7.37 -2.08 3.64
N HIS A 45 -7.61 -3.37 3.44
CA HIS A 45 -6.67 -4.22 2.73
C HIS A 45 -6.47 -3.74 1.30
N VAL A 46 -5.29 -3.20 1.02
CA VAL A 46 -4.98 -2.69 -0.31
C VAL A 46 -4.10 -3.69 -1.08
N GLN A 47 -4.58 -4.12 -2.25
CA GLN A 47 -3.84 -5.05 -3.07
C GLN A 47 -3.09 -4.34 -4.18
N VAL A 48 -1.78 -4.14 -3.98
CA VAL A 48 -0.95 -3.45 -4.96
C VAL A 48 -0.44 -4.43 -6.02
N THR A 49 -0.68 -4.10 -7.28
CA THR A 49 -0.24 -4.94 -8.38
C THR A 49 0.51 -4.14 -9.44
N ILE A 50 1.83 -4.28 -9.45
CA ILE A 50 2.66 -3.56 -10.41
C ILE A 50 2.78 -4.33 -11.72
N LYS A 51 2.61 -3.62 -12.83
CA LYS A 51 2.70 -4.24 -14.15
C LYS A 51 3.88 -3.66 -14.94
N ARG A 52 4.70 -4.54 -15.50
CA ARG A 52 5.85 -4.12 -16.29
C ARG A 52 5.51 -4.03 -17.77
N ARG A 53 6.31 -3.29 -18.52
CA ARG A 53 6.08 -3.12 -19.94
C ARG A 53 6.70 -4.28 -20.74
N LYS A 54 6.04 -4.67 -21.81
CA LYS A 54 6.52 -5.76 -22.65
C LYS A 54 7.99 -5.58 -22.98
N ASP A 55 8.43 -4.33 -23.01
CA ASP A 55 9.83 -4.02 -23.32
C ASP A 55 10.42 -3.08 -22.27
N ALA A 56 9.99 -3.25 -21.02
CA ALA A 56 10.47 -2.41 -19.93
C ALA A 56 11.93 -2.73 -19.60
N GLU A 57 12.59 -1.82 -18.91
CA GLU A 57 13.99 -2.00 -18.53
C GLU A 57 14.15 -1.95 -17.01
N GLN A 58 13.18 -2.52 -16.30
CA GLN A 58 13.22 -2.52 -14.84
C GLN A 58 13.30 -3.95 -14.31
N SER A 59 14.53 -4.46 -14.19
CA SER A 59 14.75 -5.81 -13.70
C SER A 59 13.72 -6.18 -12.63
N GLU A 60 13.42 -7.47 -12.54
CA GLU A 60 12.44 -7.95 -11.57
C GLU A 60 12.67 -7.32 -10.21
N GLU A 61 13.92 -7.34 -9.76
CA GLU A 61 14.28 -6.77 -8.47
C GLU A 61 13.77 -5.33 -8.34
N GLU A 62 13.82 -4.59 -9.44
CA GLU A 62 13.37 -3.21 -9.45
C GLU A 62 11.88 -3.13 -9.10
N THR A 63 11.06 -3.80 -9.88
CA THR A 63 9.61 -3.80 -9.65
C THR A 63 9.29 -4.04 -8.17
N GLU A 64 10.09 -4.88 -7.53
CA GLU A 64 9.90 -5.20 -6.12
C GLU A 64 10.30 -4.02 -5.25
N GLU A 65 11.41 -3.37 -5.60
CA GLU A 65 11.90 -2.23 -4.83
C GLU A 65 10.79 -1.21 -4.61
N ILE A 66 10.14 -0.79 -5.68
CA ILE A 66 9.06 0.18 -5.60
C ILE A 66 8.25 0.00 -4.33
N PHE A 67 7.76 -1.22 -4.11
CA PHE A 67 6.97 -1.53 -2.92
C PHE A 67 7.50 -0.77 -1.70
N ASN A 68 8.81 -0.79 -1.52
CA ASN A 68 9.45 -0.11 -0.40
C ASN A 68 9.20 1.39 -0.47
N GLN A 69 9.37 1.96 -1.66
CA GLN A 69 9.18 3.39 -1.87
C GLN A 69 7.82 3.83 -1.32
N ILE A 70 6.83 2.95 -1.41
CA ILE A 70 5.50 3.24 -0.92
C ILE A 70 5.43 3.16 0.60
N LEU A 71 6.22 2.26 1.17
CA LEU A 71 6.25 2.09 2.62
C LEU A 71 7.04 3.20 3.28
N GLN A 72 7.77 3.97 2.48
CA GLN A 72 8.58 5.07 2.99
C GLN A 72 7.69 6.23 3.43
N THR A 73 6.41 6.17 3.06
CA THR A 73 5.45 7.20 3.42
C THR A 73 4.55 6.75 4.56
N MET A 74 4.41 5.44 4.71
CA MET A 74 3.57 4.87 5.76
C MET A 74 4.33 3.81 6.55
N PRO A 75 5.60 4.09 6.86
CA PRO A 75 6.46 3.17 7.60
C PRO A 75 6.04 3.05 9.06
N ASP A 76 5.13 3.92 9.48
CA ASP A 76 4.63 3.91 10.86
C ASP A 76 3.12 3.77 10.89
N ILE A 77 2.49 3.89 9.73
CA ILE A 77 1.03 3.77 9.62
C ILE A 77 0.64 2.57 8.77
N ALA A 78 1.59 2.04 8.02
CA ALA A 78 1.34 0.89 7.16
C ALA A 78 2.53 -0.06 7.16
N THR A 79 2.25 -1.35 7.00
CA THR A 79 3.30 -2.36 6.98
C THR A 79 3.06 -3.38 5.87
N PHE A 80 4.11 -4.12 5.52
CA PHE A 80 4.01 -5.13 4.47
C PHE A 80 3.15 -6.30 4.92
N SER A 81 1.89 -6.30 4.50
CA SER A 81 0.96 -7.36 4.88
C SER A 81 1.38 -8.69 4.24
N SER A 82 1.52 -8.70 2.92
CA SER A 82 1.91 -9.89 2.20
C SER A 82 3.13 -9.63 1.31
N ARG A 83 4.30 -10.05 1.77
CA ARG A 83 5.54 -9.85 1.02
C ARG A 83 5.28 -9.99 -0.47
N PRO A 84 5.86 -9.06 -1.25
CA PRO A 84 5.72 -9.05 -2.71
C PRO A 84 6.45 -10.21 -3.38
N LYS A 85 5.88 -10.73 -4.45
CA LYS A 85 6.48 -11.84 -5.18
C LYS A 85 6.20 -11.73 -6.68
N ALA A 86 7.00 -12.43 -7.47
CA ALA A 86 6.84 -12.41 -8.92
C ALA A 86 5.60 -13.20 -9.34
N ILE A 87 4.62 -12.51 -9.91
CA ILE A 87 3.39 -13.14 -10.35
C ILE A 87 3.26 -13.08 -11.87
N ARG A 88 2.36 -13.89 -12.42
CA ARG A 88 2.14 -13.92 -13.85
C ARG A 88 3.45 -14.12 -14.61
N GLY A 89 4.37 -14.87 -14.01
CA GLY A 89 5.66 -15.11 -14.63
C GLY A 89 6.72 -14.13 -14.19
N GLY A 90 6.34 -13.23 -13.28
CA GLY A 90 7.29 -12.25 -12.78
C GLY A 90 7.02 -10.86 -13.35
N THR A 91 6.64 -10.81 -14.62
CA THR A 91 6.36 -9.55 -15.28
C THR A 91 5.65 -8.58 -14.35
N ALA A 92 4.79 -9.12 -13.49
CA ALA A 92 4.06 -8.30 -12.52
C ALA A 92 4.25 -8.81 -11.10
N SER A 93 3.98 -7.95 -10.12
CA SER A 93 4.12 -8.32 -8.72
C SER A 93 2.86 -7.99 -7.94
N MET A 94 2.59 -8.79 -6.90
CA MET A 94 1.42 -8.58 -6.07
C MET A 94 1.79 -8.56 -4.59
N CYS A 95 1.23 -7.59 -3.86
CA CYS A 95 1.51 -7.45 -2.44
C CYS A 95 0.39 -6.71 -1.74
N VAL A 96 0.17 -7.03 -0.46
CA VAL A 96 -0.88 -6.38 0.32
C VAL A 96 -0.28 -5.49 1.41
N PHE A 97 -1.00 -4.43 1.75
CA PHE A 97 -0.54 -3.51 2.78
C PHE A 97 -1.59 -3.33 3.87
N ARG A 98 -1.20 -3.56 5.12
CA ARG A 98 -2.12 -3.44 6.25
C ARG A 98 -1.54 -2.51 7.31
N HIS A 99 -2.39 -2.08 8.24
CA HIS A 99 -1.97 -1.18 9.31
C HIS A 99 -1.34 -1.96 10.46
N LEU A 100 -0.30 -1.40 11.05
CA LEU A 100 0.40 -2.04 12.16
C LEU A 100 -0.60 -2.56 13.20
N SER A 101 -0.17 -3.56 13.97
CA SER A 101 -1.03 -4.14 15.00
C SER A 101 -0.35 -4.07 16.37
N LYS A 102 -1.09 -4.45 17.40
CA LYS A 102 -0.58 -4.43 18.77
C LYS A 102 0.90 -4.82 18.79
N LYS A 103 1.24 -5.89 18.07
CA LYS A 103 2.62 -6.36 18.00
C LYS A 103 3.58 -5.20 17.81
N GLU A 104 3.41 -4.47 16.71
CA GLU A 104 4.27 -3.34 16.40
C GLU A 104 3.48 -2.03 16.45
N GLU A 105 2.61 -1.91 17.45
CA GLU A 105 1.79 -0.71 17.61
C GLU A 105 1.78 -0.26 19.07
N LYS A 106 1.59 1.04 19.27
CA LYS A 106 1.55 1.61 20.61
C LYS A 106 0.15 2.10 20.95
N SER A 107 -0.53 1.38 21.84
CA SER A 107 -1.88 1.75 22.25
C SER A 107 -2.74 2.08 21.04
N GLY A 108 -2.79 1.15 20.09
CA GLY A 108 -3.59 1.37 18.89
C GLY A 108 -4.84 0.51 18.87
N PRO A 109 -4.76 -0.65 18.19
CA PRO A 109 -5.89 -1.58 18.08
C PRO A 109 -6.21 -2.26 19.41
N SER A 110 -7.23 -3.12 19.39
CA SER A 110 -7.64 -3.83 20.60
C SER A 110 -8.46 -5.06 20.24
N SER A 111 -7.92 -6.24 20.54
CA SER A 111 -8.61 -7.50 20.25
C SER A 111 -7.89 -8.67 20.90
N GLY A 112 -8.65 -9.71 21.24
CA GLY A 112 -8.07 -10.88 21.86
C GLY A 112 -7.96 -12.05 20.91
N GLY A 1 -2.90 22.09 13.88
CA GLY A 1 -3.82 21.63 12.87
C GLY A 1 -4.03 20.13 12.92
N SER A 2 -4.13 19.58 14.13
CA SER A 2 -4.31 18.15 14.31
C SER A 2 -5.64 17.70 13.71
N SER A 3 -5.80 16.39 13.54
CA SER A 3 -7.02 15.83 12.97
C SER A 3 -7.96 15.34 14.07
N GLY A 4 -9.23 15.66 13.95
CA GLY A 4 -10.21 15.25 14.94
C GLY A 4 -11.42 14.60 14.31
N SER A 5 -11.25 13.39 13.78
CA SER A 5 -12.34 12.65 13.15
C SER A 5 -12.76 11.45 14.00
N SER A 6 -13.94 10.92 13.72
CA SER A 6 -14.46 9.78 14.45
C SER A 6 -15.70 9.20 13.77
N GLY A 7 -15.88 7.90 13.90
CA GLY A 7 -17.04 7.25 13.29
C GLY A 7 -16.86 5.75 13.17
N PRO A 8 -17.97 5.01 13.31
CA PRO A 8 -17.96 3.54 13.23
C PRO A 8 -17.68 3.05 11.82
N LYS A 9 -17.62 1.72 11.66
CA LYS A 9 -17.37 1.12 10.36
C LYS A 9 -18.57 1.27 9.45
N THR A 10 -18.43 0.83 8.20
CA THR A 10 -19.52 0.91 7.23
C THR A 10 -20.14 -0.46 6.98
N GLY A 11 -19.29 -1.43 6.64
CA GLY A 11 -19.78 -2.77 6.38
C GLY A 11 -18.82 -3.84 6.87
N PRO A 12 -19.30 -5.09 6.93
CA PRO A 12 -18.49 -6.23 7.39
C PRO A 12 -17.39 -6.59 6.40
N THR A 13 -17.52 -6.11 5.17
CA THR A 13 -16.54 -6.39 4.14
C THR A 13 -16.16 -5.12 3.38
N MET A 14 -14.87 -4.96 3.11
CA MET A 14 -14.37 -3.79 2.40
C MET A 14 -12.89 -3.94 2.06
N THR A 15 -12.60 -4.06 0.77
CA THR A 15 -11.22 -4.21 0.32
C THR A 15 -10.92 -3.29 -0.85
N LYS A 16 -9.70 -2.76 -0.89
CA LYS A 16 -9.28 -1.86 -1.95
C LYS A 16 -8.26 -2.52 -2.86
N GLU A 17 -8.23 -2.12 -4.13
CA GLU A 17 -7.30 -2.68 -5.09
C GLU A 17 -6.71 -1.58 -5.97
N LEU A 18 -5.40 -1.65 -6.20
CA LEU A 18 -4.72 -0.67 -7.03
C LEU A 18 -3.81 -1.34 -8.04
N VAL A 19 -4.03 -1.07 -9.33
CA VAL A 19 -3.24 -1.65 -10.39
C VAL A 19 -2.61 -0.57 -11.26
N PHE A 20 -1.28 -0.55 -11.30
CA PHE A 20 -0.55 0.43 -12.10
C PHE A 20 0.78 -0.13 -12.58
N SER A 21 1.18 0.24 -13.79
CA SER A 21 2.43 -0.24 -14.36
C SER A 21 3.62 0.50 -13.75
N SER A 22 4.78 -0.15 -13.76
CA SER A 22 5.98 0.44 -13.20
C SER A 22 6.38 1.69 -13.96
N ASN A 23 6.02 1.74 -15.24
CA ASN A 23 6.34 2.88 -16.09
C ASN A 23 6.00 4.19 -15.38
N ILE A 24 5.05 4.13 -14.46
CA ILE A 24 4.64 5.31 -13.70
C ILE A 24 5.84 6.03 -13.10
N GLY A 25 6.00 7.30 -13.46
CA GLY A 25 7.11 8.07 -12.94
C GLY A 25 6.93 8.45 -11.49
N GLN A 26 8.05 8.70 -10.80
CA GLN A 26 8.00 9.07 -9.39
C GLN A 26 6.99 10.18 -9.15
N HIS A 27 7.13 11.27 -9.90
CA HIS A 27 6.23 12.41 -9.76
C HIS A 27 4.79 11.94 -9.58
N ASP A 28 4.38 10.97 -10.39
CA ASP A 28 3.02 10.43 -10.32
C ASP A 28 2.88 9.47 -9.15
N LEU A 29 3.71 8.43 -9.15
CA LEU A 29 3.68 7.43 -8.09
C LEU A 29 3.48 8.09 -6.72
N ASP A 30 4.09 9.26 -6.55
CA ASP A 30 3.98 9.99 -5.29
C ASP A 30 2.54 9.97 -4.78
N THR A 31 1.60 10.31 -5.65
CA THR A 31 0.19 10.33 -5.27
C THR A 31 -0.32 8.92 -5.00
N LYS A 32 -0.10 8.01 -5.93
CA LYS A 32 -0.55 6.63 -5.79
C LYS A 32 -0.46 6.19 -4.33
N SER A 33 0.65 6.53 -3.68
CA SER A 33 0.86 6.16 -2.28
C SER A 33 -0.24 6.75 -1.40
N LYS A 34 -0.44 8.06 -1.52
CA LYS A 34 -1.46 8.75 -0.73
C LYS A 34 -2.76 7.95 -0.70
N GLN A 35 -3.30 7.66 -1.87
CA GLN A 35 -4.54 6.89 -1.98
C GLN A 35 -4.50 5.67 -1.06
N ILE A 36 -3.48 4.84 -1.24
CA ILE A 36 -3.34 3.63 -0.44
C ILE A 36 -3.31 3.97 1.05
N GLN A 37 -2.54 4.99 1.40
CA GLN A 37 -2.43 5.42 2.80
C GLN A 37 -3.81 5.67 3.41
N GLN A 38 -4.54 6.61 2.83
CA GLN A 38 -5.87 6.95 3.31
C GLN A 38 -6.67 5.68 3.61
N TRP A 39 -6.51 4.67 2.76
CA TRP A 39 -7.22 3.41 2.94
C TRP A 39 -6.74 2.68 4.19
N ILE A 40 -5.43 2.49 4.29
CA ILE A 40 -4.85 1.80 5.44
C ILE A 40 -5.33 2.42 6.74
N GLU A 41 -5.50 3.73 6.75
CA GLU A 41 -5.95 4.44 7.94
C GLU A 41 -7.21 3.79 8.50
N LYS A 42 -8.09 3.35 7.62
CA LYS A 42 -9.33 2.71 8.03
C LYS A 42 -9.19 1.19 8.03
N LYS A 43 -7.99 0.72 8.29
CA LYS A 43 -7.72 -0.72 8.31
C LYS A 43 -8.32 -1.41 7.10
N TYR A 44 -8.06 -0.86 5.92
CA TYR A 44 -8.57 -1.41 4.67
C TYR A 44 -7.46 -2.07 3.87
N HIS A 45 -7.52 -3.40 3.76
CA HIS A 45 -6.52 -4.15 3.01
C HIS A 45 -6.40 -3.63 1.58
N VAL A 46 -5.20 -3.18 1.22
CA VAL A 46 -4.96 -2.65 -0.12
C VAL A 46 -4.10 -3.61 -0.94
N GLN A 47 -4.69 -4.18 -1.99
CA GLN A 47 -3.97 -5.11 -2.84
C GLN A 47 -3.38 -4.40 -4.05
N VAL A 48 -2.05 -4.34 -4.11
CA VAL A 48 -1.36 -3.67 -5.20
C VAL A 48 -0.77 -4.69 -6.17
N THR A 49 -0.83 -4.38 -7.46
CA THR A 49 -0.29 -5.27 -8.49
C THR A 49 0.45 -4.49 -9.56
N ILE A 50 1.78 -4.62 -9.58
CA ILE A 50 2.60 -3.93 -10.55
C ILE A 50 2.75 -4.76 -11.83
N LYS A 51 2.63 -4.09 -12.98
CA LYS A 51 2.76 -4.77 -14.26
C LYS A 51 3.95 -4.21 -15.05
N ARG A 52 4.97 -5.05 -15.24
CA ARG A 52 6.16 -4.64 -15.97
C ARG A 52 5.79 -3.76 -17.16
N ARG A 53 6.74 -2.95 -17.61
CA ARG A 53 6.52 -2.06 -18.74
C ARG A 53 7.18 -2.60 -20.01
N LYS A 54 6.80 -2.04 -21.15
CA LYS A 54 7.36 -2.47 -22.43
C LYS A 54 8.61 -1.67 -22.78
N ASP A 55 9.53 -2.31 -23.50
CA ASP A 55 10.76 -1.65 -23.89
C ASP A 55 11.63 -1.33 -22.68
N ALA A 56 11.48 -2.12 -21.62
CA ALA A 56 12.24 -1.91 -20.40
C ALA A 56 13.30 -3.00 -20.22
N GLU A 57 14.57 -2.59 -20.31
CA GLU A 57 15.67 -3.53 -20.17
C GLU A 57 16.31 -3.42 -18.78
N GLN A 58 15.46 -3.41 -17.76
CA GLN A 58 15.92 -3.30 -16.38
C GLN A 58 15.83 -4.63 -15.66
N SER A 59 16.18 -4.65 -14.39
CA SER A 59 16.13 -5.87 -13.59
C SER A 59 14.84 -5.94 -12.78
N GLU A 60 14.57 -7.10 -12.18
CA GLU A 60 13.37 -7.29 -11.38
C GLU A 60 13.42 -6.43 -10.11
N GLU A 61 14.58 -6.38 -9.48
CA GLU A 61 14.75 -5.60 -8.27
C GLU A 61 14.03 -4.26 -8.37
N GLU A 62 14.05 -3.68 -9.56
CA GLU A 62 13.38 -2.40 -9.81
C GLU A 62 11.89 -2.49 -9.52
N THR A 63 11.26 -3.56 -10.03
CA THR A 63 9.83 -3.76 -9.82
C THR A 63 9.50 -3.91 -8.34
N GLU A 64 10.48 -4.36 -7.57
CA GLU A 64 10.29 -4.56 -6.13
C GLU A 64 10.40 -3.23 -5.39
N GLU A 65 11.42 -2.45 -5.74
CA GLU A 65 11.64 -1.16 -5.10
C GLU A 65 10.34 -0.37 -5.00
N ILE A 66 9.58 -0.35 -6.09
CA ILE A 66 8.31 0.37 -6.12
C ILE A 66 7.54 0.20 -4.81
N PHE A 67 7.29 -1.06 -4.45
CA PHE A 67 6.57 -1.37 -3.21
C PHE A 67 7.09 -0.52 -2.06
N ASN A 68 8.40 -0.46 -1.92
CA ASN A 68 9.03 0.31 -0.85
C ASN A 68 8.70 1.80 -0.98
N GLN A 69 9.06 2.37 -2.13
CA GLN A 69 8.79 3.78 -2.39
C GLN A 69 7.40 4.17 -1.88
N ILE A 70 6.48 3.22 -1.91
CA ILE A 70 5.11 3.47 -1.45
C ILE A 70 5.00 3.33 0.06
N LEU A 71 5.75 2.38 0.62
CA LEU A 71 5.74 2.15 2.06
C LEU A 71 6.51 3.24 2.80
N GLN A 72 7.42 3.90 2.08
CA GLN A 72 8.22 4.97 2.66
C GLN A 72 7.34 6.10 3.17
N THR A 73 6.07 6.09 2.76
CA THR A 73 5.13 7.12 3.17
C THR A 73 4.30 6.66 4.37
N MET A 74 4.14 5.34 4.50
CA MET A 74 3.36 4.78 5.60
C MET A 74 4.18 3.73 6.36
N PRO A 75 5.46 4.06 6.63
CA PRO A 75 6.37 3.17 7.34
C PRO A 75 5.99 3.01 8.82
N ASP A 76 4.99 3.77 9.25
CA ASP A 76 4.53 3.72 10.63
C ASP A 76 3.02 3.50 10.69
N ILE A 77 2.37 3.56 9.54
CA ILE A 77 0.93 3.37 9.46
C ILE A 77 0.58 2.14 8.63
N ALA A 78 1.53 1.69 7.82
CA ALA A 78 1.32 0.52 6.98
C ALA A 78 2.59 -0.32 6.89
N THR A 79 2.42 -1.65 7.00
CA THR A 79 3.55 -2.57 6.94
C THR A 79 3.32 -3.65 5.90
N PHE A 80 4.40 -4.15 5.31
CA PHE A 80 4.32 -5.19 4.30
C PHE A 80 3.49 -6.36 4.80
N SER A 81 2.21 -6.38 4.42
CA SER A 81 1.30 -7.45 4.83
C SER A 81 1.63 -8.75 4.11
N SER A 82 1.62 -8.71 2.78
CA SER A 82 1.91 -9.89 1.98
C SER A 82 3.11 -9.63 1.06
N ARG A 83 4.28 -10.10 1.47
CA ARG A 83 5.50 -9.93 0.70
C ARG A 83 5.20 -9.99 -0.80
N PRO A 84 5.82 -9.08 -1.56
CA PRO A 84 5.64 -9.01 -3.01
C PRO A 84 6.27 -10.20 -3.73
N LYS A 85 5.48 -11.24 -3.98
CA LYS A 85 5.96 -12.43 -4.66
C LYS A 85 5.84 -12.28 -6.17
N ALA A 86 6.55 -13.13 -6.90
CA ALA A 86 6.52 -13.09 -8.36
C ALA A 86 5.29 -13.83 -8.90
N ILE A 87 4.46 -13.12 -9.66
CA ILE A 87 3.26 -13.70 -10.23
C ILE A 87 3.31 -13.68 -11.75
N ARG A 88 2.48 -14.51 -12.37
CA ARG A 88 2.43 -14.59 -13.83
C ARG A 88 3.84 -14.71 -14.41
N GLY A 89 4.59 -15.68 -13.93
CA GLY A 89 5.95 -15.89 -14.41
C GLY A 89 6.89 -14.79 -13.97
N GLY A 90 6.53 -14.08 -12.90
CA GLY A 90 7.35 -13.00 -12.41
C GLY A 90 7.11 -11.70 -13.13
N THR A 91 6.70 -11.78 -14.39
CA THR A 91 6.43 -10.60 -15.20
C THR A 91 5.76 -9.51 -14.36
N ALA A 92 5.06 -9.93 -13.31
CA ALA A 92 4.37 -8.99 -12.43
C ALA A 92 4.47 -9.43 -10.97
N SER A 93 4.26 -8.48 -10.06
CA SER A 93 4.34 -8.77 -8.64
C SER A 93 3.13 -8.20 -7.90
N MET A 94 2.70 -8.89 -6.85
CA MET A 94 1.55 -8.46 -6.07
C MET A 94 1.87 -8.46 -4.58
N CYS A 95 1.36 -7.47 -3.87
CA CYS A 95 1.60 -7.36 -2.43
C CYS A 95 0.45 -6.62 -1.75
N VAL A 96 0.31 -6.84 -0.44
CA VAL A 96 -0.75 -6.20 0.33
C VAL A 96 -0.17 -5.37 1.47
N PHE A 97 -0.95 -4.40 1.95
CA PHE A 97 -0.51 -3.54 3.04
C PHE A 97 -1.53 -3.53 4.17
N ARG A 98 -1.07 -3.82 5.39
CA ARG A 98 -1.94 -3.85 6.55
C ARG A 98 -1.42 -2.92 7.64
N HIS A 99 -2.32 -2.43 8.48
CA HIS A 99 -1.96 -1.53 9.57
C HIS A 99 -1.31 -2.31 10.72
N LEU A 100 -0.46 -1.63 11.49
CA LEU A 100 0.21 -2.26 12.61
C LEU A 100 -0.78 -2.61 13.72
N SER A 101 -0.90 -3.91 14.00
CA SER A 101 -1.82 -4.38 15.05
C SER A 101 -1.08 -5.18 16.10
N LYS A 102 -0.41 -6.24 15.67
CA LYS A 102 0.35 -7.09 16.58
C LYS A 102 1.84 -6.75 16.54
N LYS A 103 2.48 -7.04 15.42
CA LYS A 103 3.90 -6.75 15.25
C LYS A 103 4.13 -5.28 14.93
N GLU A 104 3.84 -4.41 15.90
CA GLU A 104 4.01 -2.98 15.72
C GLU A 104 5.48 -2.60 15.83
N GLU A 105 5.82 -1.43 15.28
CA GLU A 105 7.20 -0.94 15.31
C GLU A 105 7.48 -0.22 16.62
N LYS A 106 8.75 0.15 16.83
CA LYS A 106 9.16 0.85 18.04
C LYS A 106 8.62 2.27 18.05
N SER A 107 7.91 2.62 19.11
CA SER A 107 7.33 3.96 19.23
C SER A 107 6.21 4.17 18.21
N GLY A 108 5.35 3.18 18.08
CA GLY A 108 4.25 3.27 17.15
C GLY A 108 3.01 2.54 17.62
N PRO A 109 2.37 3.08 18.67
CA PRO A 109 1.15 2.49 19.25
C PRO A 109 -0.05 2.62 18.32
N SER A 110 -1.14 1.93 18.68
CA SER A 110 -2.36 1.97 17.88
C SER A 110 -3.55 2.38 18.74
N SER A 111 -4.70 2.53 18.10
CA SER A 111 -5.93 2.91 18.80
C SER A 111 -6.98 1.81 18.69
N GLY A 112 -7.91 1.79 19.65
CA GLY A 112 -8.95 0.78 19.66
C GLY A 112 -9.52 0.55 21.03
N GLY A 1 -13.15 2.42 21.76
CA GLY A 1 -13.95 3.63 21.66
C GLY A 1 -14.26 3.99 20.22
N SER A 2 -13.61 5.04 19.72
CA SER A 2 -13.83 5.49 18.35
C SER A 2 -15.29 5.38 17.97
N SER A 3 -16.17 5.76 18.88
CA SER A 3 -17.61 5.70 18.64
C SER A 3 -18.24 7.09 18.71
N GLY A 4 -19.52 7.18 18.36
CA GLY A 4 -20.21 8.46 18.38
C GLY A 4 -21.66 8.33 17.98
N SER A 5 -22.49 7.82 18.89
CA SER A 5 -23.91 7.64 18.62
C SER A 5 -24.13 6.60 17.54
N SER A 6 -23.37 5.50 17.63
CA SER A 6 -23.49 4.42 16.65
C SER A 6 -22.75 3.18 17.14
N GLY A 7 -23.02 2.05 16.50
CA GLY A 7 -22.38 0.80 16.88
C GLY A 7 -21.48 0.25 15.79
N PRO A 8 -20.38 -0.40 16.20
CA PRO A 8 -19.42 -0.99 15.26
C PRO A 8 -19.98 -2.19 14.51
N LYS A 9 -20.29 -2.00 13.24
CA LYS A 9 -20.84 -3.08 12.42
C LYS A 9 -19.80 -3.60 11.44
N THR A 10 -19.06 -4.62 11.84
CA THR A 10 -18.03 -5.20 10.99
C THR A 10 -18.47 -5.23 9.53
N GLY A 11 -19.72 -5.59 9.30
CA GLY A 11 -20.25 -5.65 7.95
C GLY A 11 -19.57 -6.71 7.11
N PRO A 12 -19.90 -6.75 5.80
CA PRO A 12 -19.33 -7.72 4.87
C PRO A 12 -17.87 -7.46 4.59
N THR A 13 -17.21 -8.43 3.97
CA THR A 13 -15.79 -8.32 3.64
C THR A 13 -15.57 -7.30 2.53
N MET A 14 -14.53 -6.48 2.68
CA MET A 14 -14.21 -5.47 1.68
C MET A 14 -12.70 -5.37 1.47
N THR A 15 -12.27 -5.52 0.23
CA THR A 15 -10.84 -5.44 -0.09
C THR A 15 -10.59 -4.45 -1.23
N LYS A 16 -9.59 -3.59 -1.04
CA LYS A 16 -9.24 -2.60 -2.05
C LYS A 16 -8.12 -3.10 -2.95
N GLU A 17 -8.06 -2.56 -4.16
CA GLU A 17 -7.03 -2.95 -5.12
C GLU A 17 -6.52 -1.75 -5.90
N LEU A 18 -5.25 -1.79 -6.27
CA LEU A 18 -4.63 -0.70 -7.02
C LEU A 18 -3.71 -1.24 -8.11
N VAL A 19 -3.94 -0.78 -9.34
CA VAL A 19 -3.14 -1.21 -10.48
C VAL A 19 -2.52 -0.02 -11.20
N PHE A 20 -1.24 -0.13 -11.54
CA PHE A 20 -0.53 0.94 -12.24
C PHE A 20 0.82 0.45 -12.74
N SER A 21 1.22 0.94 -13.92
CA SER A 21 2.48 0.56 -14.52
C SER A 21 3.66 1.13 -13.73
N SER A 22 4.74 0.37 -13.65
CA SER A 22 5.93 0.81 -12.92
C SER A 22 6.51 2.09 -13.54
N ASN A 23 6.26 2.27 -14.83
CA ASN A 23 6.76 3.44 -15.54
C ASN A 23 6.43 4.72 -14.78
N ILE A 24 5.33 4.69 -14.03
CA ILE A 24 4.90 5.85 -13.25
C ILE A 24 6.10 6.62 -12.71
N GLY A 25 6.02 7.94 -12.74
CA GLY A 25 7.10 8.76 -12.24
C GLY A 25 7.02 9.00 -10.74
N GLN A 26 7.98 9.72 -10.20
CA GLN A 26 8.01 10.01 -8.77
C GLN A 26 6.89 10.97 -8.39
N HIS A 27 6.73 12.04 -9.18
CA HIS A 27 5.70 13.03 -8.93
C HIS A 27 4.32 12.37 -8.87
N ASP A 28 4.04 11.50 -9.83
CA ASP A 28 2.77 10.81 -9.88
C ASP A 28 2.65 9.78 -8.76
N LEU A 29 3.55 8.81 -8.77
CA LEU A 29 3.55 7.76 -7.75
C LEU A 29 3.34 8.35 -6.36
N ASP A 30 3.75 9.60 -6.18
CA ASP A 30 3.60 10.27 -4.90
C ASP A 30 2.14 10.29 -4.46
N THR A 31 1.26 10.62 -5.39
CA THR A 31 -0.17 10.67 -5.11
C THR A 31 -0.75 9.26 -4.94
N LYS A 32 -0.25 8.34 -5.75
CA LYS A 32 -0.71 6.95 -5.70
C LYS A 32 -0.66 6.41 -4.28
N SER A 33 0.42 6.71 -3.57
CA SER A 33 0.59 6.26 -2.19
C SER A 33 -0.43 6.91 -1.28
N LYS A 34 -0.77 8.16 -1.57
CA LYS A 34 -1.74 8.90 -0.77
C LYS A 34 -3.07 8.15 -0.69
N GLN A 35 -3.64 7.83 -1.85
CA GLN A 35 -4.90 7.11 -1.90
C GLN A 35 -4.86 5.87 -1.02
N ILE A 36 -3.76 5.15 -1.06
CA ILE A 36 -3.60 3.94 -0.26
C ILE A 36 -3.52 4.27 1.22
N GLN A 37 -2.77 5.32 1.54
CA GLN A 37 -2.61 5.75 2.93
C GLN A 37 -3.97 5.94 3.60
N GLN A 38 -4.95 6.36 2.81
CA GLN A 38 -6.30 6.59 3.32
C GLN A 38 -6.98 5.28 3.69
N TRP A 39 -6.98 4.34 2.74
CA TRP A 39 -7.60 3.03 2.96
C TRP A 39 -6.97 2.33 4.17
N ILE A 40 -5.64 2.31 4.21
CA ILE A 40 -4.93 1.68 5.30
C ILE A 40 -5.46 2.15 6.65
N GLU A 41 -5.60 3.45 6.81
CA GLU A 41 -6.11 4.03 8.06
C GLU A 41 -7.36 3.28 8.53
N LYS A 42 -8.26 3.01 7.60
CA LYS A 42 -9.49 2.31 7.91
C LYS A 42 -9.28 0.80 7.91
N LYS A 43 -8.07 0.37 8.21
CA LYS A 43 -7.73 -1.04 8.24
C LYS A 43 -8.34 -1.77 7.05
N TYR A 44 -8.12 -1.23 5.85
CA TYR A 44 -8.66 -1.83 4.63
C TYR A 44 -7.54 -2.46 3.81
N HIS A 45 -7.61 -3.77 3.63
CA HIS A 45 -6.62 -4.51 2.87
C HIS A 45 -6.50 -3.95 1.45
N VAL A 46 -5.32 -3.46 1.11
CA VAL A 46 -5.08 -2.89 -0.22
C VAL A 46 -4.09 -3.74 -1.02
N GLN A 47 -4.58 -4.36 -2.07
CA GLN A 47 -3.73 -5.21 -2.92
C GLN A 47 -3.20 -4.43 -4.11
N VAL A 48 -1.89 -4.22 -4.14
CA VAL A 48 -1.24 -3.49 -5.22
C VAL A 48 -0.65 -4.44 -6.26
N THR A 49 -0.86 -4.12 -7.53
CA THR A 49 -0.35 -4.94 -8.62
C THR A 49 0.41 -4.11 -9.63
N ILE A 50 1.72 -4.34 -9.75
CA ILE A 50 2.55 -3.60 -10.68
C ILE A 50 2.78 -4.40 -11.96
N LYS A 51 2.61 -3.75 -13.10
CA LYS A 51 2.79 -4.39 -14.40
C LYS A 51 3.96 -3.77 -15.15
N ARG A 52 5.11 -4.44 -15.10
CA ARG A 52 6.30 -3.96 -15.78
C ARG A 52 6.14 -4.04 -17.29
N ARG A 53 6.81 -3.13 -18.01
CA ARG A 53 6.73 -3.10 -19.46
C ARG A 53 7.60 -4.19 -20.08
N LYS A 54 7.43 -4.42 -21.37
CA LYS A 54 8.20 -5.44 -22.08
C LYS A 54 9.48 -4.84 -22.65
N ASP A 55 9.62 -3.53 -22.54
CA ASP A 55 10.81 -2.85 -23.04
C ASP A 55 11.78 -2.53 -21.90
N ALA A 56 12.10 -3.54 -21.10
CA ALA A 56 13.01 -3.37 -19.98
C ALA A 56 13.40 -4.71 -19.38
N GLU A 57 14.57 -4.75 -18.73
CA GLU A 57 15.05 -5.97 -18.12
C GLU A 57 14.47 -6.15 -16.72
N GLN A 58 13.18 -5.86 -16.58
CA GLN A 58 12.50 -5.97 -15.29
C GLN A 58 12.94 -7.25 -14.56
N SER A 59 12.88 -7.21 -13.24
CA SER A 59 13.27 -8.36 -12.43
C SER A 59 12.49 -8.39 -11.12
N GLU A 60 12.24 -9.60 -10.61
CA GLU A 60 11.51 -9.77 -9.37
C GLU A 60 12.14 -8.96 -8.24
N GLU A 61 13.43 -8.69 -8.37
CA GLU A 61 14.16 -7.93 -7.36
C GLU A 61 14.06 -6.43 -7.64
N GLU A 62 13.86 -6.09 -8.91
CA GLU A 62 13.75 -4.69 -9.32
C GLU A 62 12.36 -4.13 -9.00
N THR A 63 11.33 -4.76 -9.57
CA THR A 63 9.96 -4.33 -9.35
C THR A 63 9.73 -3.98 -7.89
N GLU A 64 10.55 -4.53 -7.01
CA GLU A 64 10.42 -4.28 -5.58
C GLU A 64 10.67 -2.80 -5.27
N GLU A 65 11.72 -2.25 -5.88
CA GLU A 65 12.07 -0.85 -5.68
C GLU A 65 10.82 0.02 -5.59
N ILE A 66 9.85 -0.25 -6.45
CA ILE A 66 8.61 0.50 -6.46
C ILE A 66 7.82 0.28 -5.17
N PHE A 67 7.58 -0.97 -4.84
CA PHE A 67 6.83 -1.31 -3.63
C PHE A 67 7.38 -0.56 -2.43
N ASN A 68 8.70 -0.45 -2.35
CA ASN A 68 9.34 0.24 -1.24
C ASN A 68 8.97 1.73 -1.24
N GLN A 69 9.03 2.36 -2.41
CA GLN A 69 8.70 3.76 -2.53
C GLN A 69 7.36 4.07 -1.86
N ILE A 70 6.39 3.19 -2.07
CA ILE A 70 5.07 3.37 -1.47
C ILE A 70 5.11 3.22 0.04
N LEU A 71 5.98 2.32 0.52
CA LEU A 71 6.13 2.09 1.94
C LEU A 71 6.95 3.19 2.60
N GLN A 72 7.72 3.91 1.79
CA GLN A 72 8.55 4.99 2.29
C GLN A 72 7.70 6.19 2.70
N THR A 73 6.40 6.11 2.45
CA THR A 73 5.48 7.18 2.80
C THR A 73 4.63 6.80 4.00
N MET A 74 4.47 5.49 4.22
CA MET A 74 3.68 5.00 5.34
C MET A 74 4.47 3.98 6.16
N PRO A 75 5.76 4.27 6.39
CA PRO A 75 6.64 3.39 7.16
C PRO A 75 6.28 3.35 8.64
N ASP A 76 5.31 4.17 9.03
CA ASP A 76 4.87 4.22 10.41
C ASP A 76 3.36 4.01 10.51
N ILE A 77 2.68 4.06 9.36
CA ILE A 77 1.24 3.87 9.33
C ILE A 77 0.87 2.57 8.62
N ALA A 78 1.77 2.09 7.78
CA ALA A 78 1.54 0.84 7.06
C ALA A 78 2.75 -0.08 7.14
N THR A 79 2.56 -1.35 6.80
CA THR A 79 3.64 -2.32 6.84
C THR A 79 3.43 -3.41 5.78
N PHE A 80 4.51 -4.12 5.46
CA PHE A 80 4.46 -5.18 4.46
C PHE A 80 3.78 -6.42 5.02
N SER A 81 2.48 -6.57 4.73
CA SER A 81 1.71 -7.70 5.21
C SER A 81 1.96 -8.94 4.35
N SER A 82 1.92 -8.75 3.03
CA SER A 82 2.15 -9.84 2.09
C SER A 82 3.26 -9.50 1.11
N ARG A 83 4.45 -10.04 1.38
CA ARG A 83 5.60 -9.78 0.52
C ARG A 83 5.21 -9.88 -0.95
N PRO A 84 5.74 -8.94 -1.76
CA PRO A 84 5.47 -8.90 -3.20
C PRO A 84 6.10 -10.07 -3.95
N LYS A 85 5.30 -11.05 -4.31
CA LYS A 85 5.78 -12.22 -5.03
C LYS A 85 5.68 -12.00 -6.55
N ALA A 86 6.34 -12.87 -7.30
CA ALA A 86 6.33 -12.78 -8.76
C ALA A 86 5.07 -13.40 -9.34
N ILE A 87 4.25 -12.59 -9.99
CA ILE A 87 3.01 -13.06 -10.59
C ILE A 87 3.06 -12.93 -12.11
N ARG A 88 2.01 -13.41 -12.77
CA ARG A 88 1.92 -13.34 -14.23
C ARG A 88 3.22 -13.80 -14.87
N GLY A 89 3.95 -14.67 -14.16
CA GLY A 89 5.21 -15.17 -14.69
C GLY A 89 6.41 -14.49 -14.06
N GLY A 90 6.25 -13.22 -13.70
CA GLY A 90 7.34 -12.48 -13.10
C GLY A 90 7.36 -11.02 -13.54
N THR A 91 6.68 -10.72 -14.64
CA THR A 91 6.62 -9.37 -15.16
C THR A 91 5.85 -8.45 -14.22
N ALA A 92 4.99 -9.04 -13.38
CA ALA A 92 4.19 -8.28 -12.44
C ALA A 92 4.30 -8.86 -11.03
N SER A 93 4.01 -8.04 -10.03
CA SER A 93 4.08 -8.47 -8.64
C SER A 93 2.84 -8.03 -7.88
N MET A 94 2.50 -8.78 -6.82
CA MET A 94 1.34 -8.47 -6.01
C MET A 94 1.71 -8.41 -4.53
N CYS A 95 1.35 -7.32 -3.87
CA CYS A 95 1.64 -7.14 -2.45
C CYS A 95 0.46 -6.50 -1.72
N VAL A 96 0.42 -6.67 -0.40
CA VAL A 96 -0.65 -6.11 0.41
C VAL A 96 -0.10 -5.15 1.45
N PHE A 97 -0.81 -4.04 1.65
CA PHE A 97 -0.41 -3.02 2.62
C PHE A 97 -1.39 -2.95 3.78
N ARG A 98 -0.89 -3.19 4.99
CA ARG A 98 -1.73 -3.15 6.19
C ARG A 98 -1.17 -2.16 7.21
N HIS A 99 -1.98 -1.85 8.21
CA HIS A 99 -1.57 -0.92 9.25
C HIS A 99 -0.96 -1.66 10.44
N LEU A 100 0.05 -1.06 11.05
CA LEU A 100 0.73 -1.66 12.20
C LEU A 100 -0.28 -2.01 13.29
N SER A 101 -0.50 -3.31 13.47
CA SER A 101 -1.44 -3.79 14.48
C SER A 101 -1.14 -3.15 15.85
N LYS A 102 -1.94 -3.52 16.85
CA LYS A 102 -1.76 -2.99 18.19
C LYS A 102 -0.40 -3.37 18.75
N LYS A 103 0.27 -4.30 18.08
CA LYS A 103 1.59 -4.76 18.52
C LYS A 103 2.67 -3.76 18.11
N GLU A 104 2.59 -3.28 16.87
CA GLU A 104 3.57 -2.32 16.37
C GLU A 104 3.05 -0.90 16.51
N GLU A 105 3.95 0.08 16.38
CA GLU A 105 3.58 1.48 16.48
C GLU A 105 2.28 1.76 15.74
N LYS A 106 1.25 2.16 16.48
CA LYS A 106 -0.05 2.47 15.88
C LYS A 106 -0.33 3.96 15.94
N SER A 107 -1.34 4.40 15.19
CA SER A 107 -1.72 5.80 15.15
C SER A 107 -2.13 6.30 16.53
N GLY A 108 -2.10 7.61 16.72
CA GLY A 108 -2.48 8.19 18.00
C GLY A 108 -3.97 8.44 18.10
N PRO A 109 -4.41 8.91 19.28
CA PRO A 109 -5.83 9.19 19.54
C PRO A 109 -6.33 10.39 18.75
N SER A 110 -7.03 10.12 17.65
CA SER A 110 -7.56 11.18 16.81
C SER A 110 -8.91 10.77 16.20
N SER A 111 -9.67 11.76 15.77
CA SER A 111 -10.98 11.50 15.17
C SER A 111 -11.14 12.23 13.84
N GLY A 112 -11.10 11.48 12.76
CA GLY A 112 -11.23 12.08 11.44
C GLY A 112 -10.09 11.71 10.52
N GLY A 1 -21.51 14.99 -17.21
CA GLY A 1 -20.49 14.83 -16.19
C GLY A 1 -20.96 15.27 -14.82
N SER A 2 -20.20 14.91 -13.79
CA SER A 2 -20.54 15.26 -12.42
C SER A 2 -19.37 15.03 -11.48
N SER A 3 -19.31 15.82 -10.40
CA SER A 3 -18.23 15.70 -9.43
C SER A 3 -18.60 14.70 -8.33
N GLY A 4 -17.65 14.47 -7.42
CA GLY A 4 -17.89 13.54 -6.34
C GLY A 4 -17.82 14.21 -4.98
N SER A 5 -17.60 13.41 -3.94
CA SER A 5 -17.52 13.93 -2.57
C SER A 5 -16.64 13.03 -1.70
N SER A 6 -16.49 13.42 -0.44
CA SER A 6 -15.68 12.65 0.50
C SER A 6 -16.56 11.78 1.40
N GLY A 7 -15.93 10.94 2.21
CA GLY A 7 -16.67 10.07 3.10
C GLY A 7 -15.96 9.86 4.42
N PRO A 8 -16.15 10.80 5.36
CA PRO A 8 -15.53 10.74 6.68
C PRO A 8 -16.12 9.63 7.55
N LYS A 9 -17.14 8.96 7.02
CA LYS A 9 -17.79 7.87 7.74
C LYS A 9 -16.89 6.64 7.81
N THR A 10 -17.08 5.84 8.85
CA THR A 10 -16.28 4.63 9.03
C THR A 10 -16.48 3.66 7.87
N GLY A 11 -17.69 3.65 7.33
CA GLY A 11 -17.99 2.76 6.21
C GLY A 11 -17.80 1.30 6.57
N PRO A 12 -18.64 0.43 5.99
CA PRO A 12 -18.57 -1.01 6.24
C PRO A 12 -17.33 -1.66 5.63
N THR A 13 -17.14 -2.94 5.91
CA THR A 13 -15.98 -3.67 5.39
C THR A 13 -15.87 -3.50 3.88
N MET A 14 -14.65 -3.54 3.38
CA MET A 14 -14.40 -3.40 1.94
C MET A 14 -12.93 -3.60 1.62
N THR A 15 -12.62 -3.75 0.33
CA THR A 15 -11.25 -3.96 -0.11
C THR A 15 -10.95 -3.13 -1.36
N LYS A 16 -9.74 -2.59 -1.42
CA LYS A 16 -9.32 -1.77 -2.57
C LYS A 16 -8.14 -2.43 -3.29
N GLU A 17 -8.19 -2.41 -4.62
CA GLU A 17 -7.14 -3.00 -5.43
C GLU A 17 -6.51 -1.94 -6.35
N LEU A 18 -5.18 -1.87 -6.33
CA LEU A 18 -4.46 -0.91 -7.16
C LEU A 18 -3.62 -1.62 -8.21
N VAL A 19 -3.80 -1.24 -9.46
CA VAL A 19 -3.05 -1.84 -10.57
C VAL A 19 -2.39 -0.78 -11.44
N PHE A 20 -1.07 -0.73 -11.39
CA PHE A 20 -0.30 0.25 -12.17
C PHE A 20 0.96 -0.37 -12.74
N SER A 21 1.55 0.29 -13.73
CA SER A 21 2.77 -0.20 -14.36
C SER A 21 4.01 0.45 -13.74
N SER A 22 5.03 -0.35 -13.50
CA SER A 22 6.27 0.14 -12.90
C SER A 22 6.71 1.44 -13.57
N ASN A 23 6.66 1.46 -14.90
CA ASN A 23 7.05 2.64 -15.67
C ASN A 23 6.63 3.91 -14.95
N ILE A 24 5.56 3.83 -14.18
CA ILE A 24 5.05 4.98 -13.43
C ILE A 24 6.21 5.88 -12.96
N GLY A 25 6.04 7.18 -13.16
CA GLY A 25 7.07 8.12 -12.75
C GLY A 25 6.85 8.65 -11.35
N GLN A 26 7.94 8.98 -10.66
CA GLN A 26 7.86 9.50 -9.31
C GLN A 26 6.75 10.53 -9.18
N HIS A 27 6.72 11.48 -10.11
CA HIS A 27 5.71 12.53 -10.11
C HIS A 27 4.31 11.93 -9.95
N ASP A 28 4.07 10.82 -10.64
CA ASP A 28 2.78 10.15 -10.58
C ASP A 28 2.67 9.30 -9.32
N LEU A 29 3.62 8.39 -9.13
CA LEU A 29 3.62 7.51 -7.97
C LEU A 29 3.33 8.31 -6.69
N ASP A 30 3.85 9.53 -6.62
CA ASP A 30 3.63 10.39 -5.46
C ASP A 30 2.19 10.31 -4.98
N THR A 31 1.25 10.27 -5.92
CA THR A 31 -0.16 10.19 -5.60
C THR A 31 -0.55 8.77 -5.21
N LYS A 32 -0.11 7.80 -6.00
CA LYS A 32 -0.41 6.40 -5.73
C LYS A 32 -0.29 6.08 -4.25
N SER A 33 0.81 6.52 -3.64
CA SER A 33 1.05 6.28 -2.23
C SER A 33 -0.08 6.86 -1.38
N LYS A 34 -0.30 8.16 -1.51
CA LYS A 34 -1.35 8.84 -0.77
C LYS A 34 -2.65 8.05 -0.80
N GLN A 35 -3.18 7.85 -2.00
CA GLN A 35 -4.42 7.10 -2.18
C GLN A 35 -4.42 5.84 -1.32
N ILE A 36 -3.30 5.13 -1.33
CA ILE A 36 -3.17 3.90 -0.55
C ILE A 36 -3.22 4.19 0.94
N GLN A 37 -2.38 5.11 1.39
CA GLN A 37 -2.34 5.49 2.81
C GLN A 37 -3.74 5.74 3.34
N GLN A 38 -4.48 6.61 2.67
CA GLN A 38 -5.84 6.95 3.08
C GLN A 38 -6.64 5.69 3.40
N TRP A 39 -6.51 4.67 2.55
CA TRP A 39 -7.22 3.41 2.76
C TRP A 39 -6.76 2.74 4.04
N ILE A 40 -5.46 2.48 4.14
CA ILE A 40 -4.89 1.83 5.32
C ILE A 40 -5.46 2.44 6.60
N GLU A 41 -5.53 3.76 6.65
CA GLU A 41 -6.04 4.46 7.82
C GLU A 41 -7.36 3.83 8.28
N LYS A 42 -8.19 3.44 7.33
CA LYS A 42 -9.48 2.83 7.63
C LYS A 42 -9.38 1.30 7.58
N LYS A 43 -8.23 0.78 7.98
CA LYS A 43 -8.01 -0.66 7.99
C LYS A 43 -8.50 -1.30 6.69
N TYR A 44 -8.24 -0.62 5.57
CA TYR A 44 -8.66 -1.12 4.27
C TYR A 44 -7.53 -1.88 3.58
N HIS A 45 -7.73 -3.18 3.40
CA HIS A 45 -6.72 -4.03 2.76
C HIS A 45 -6.47 -3.58 1.33
N VAL A 46 -5.31 -2.97 1.10
CA VAL A 46 -4.95 -2.49 -0.23
C VAL A 46 -4.11 -3.52 -0.98
N GLN A 47 -4.67 -4.06 -2.06
CA GLN A 47 -3.98 -5.06 -2.87
C GLN A 47 -3.31 -4.41 -4.07
N VAL A 48 -2.00 -4.19 -3.96
CA VAL A 48 -1.24 -3.57 -5.04
C VAL A 48 -0.71 -4.63 -6.01
N THR A 49 -0.78 -4.32 -7.30
CA THR A 49 -0.31 -5.25 -8.33
C THR A 49 0.38 -4.51 -9.47
N ILE A 50 1.71 -4.59 -9.50
CA ILE A 50 2.49 -3.93 -10.54
C ILE A 50 2.55 -4.76 -11.80
N LYS A 51 2.20 -4.15 -12.93
CA LYS A 51 2.22 -4.84 -14.22
C LYS A 51 3.51 -4.57 -14.97
N ARG A 52 4.15 -5.62 -15.44
CA ARG A 52 5.40 -5.50 -16.18
C ARG A 52 5.17 -5.64 -17.68
N ARG A 53 5.55 -4.61 -18.42
CA ARG A 53 5.38 -4.62 -19.88
C ARG A 53 6.69 -4.99 -20.58
N LYS A 54 7.73 -5.18 -19.79
CA LYS A 54 9.05 -5.54 -20.33
C LYS A 54 9.36 -4.71 -21.57
N ASP A 55 8.77 -3.53 -21.66
CA ASP A 55 8.99 -2.65 -22.79
C ASP A 55 9.36 -1.24 -22.32
N ALA A 56 9.68 -1.12 -21.03
CA ALA A 56 10.04 0.16 -20.45
C ALA A 56 11.52 0.18 -20.04
N GLU A 57 12.01 1.36 -19.68
CA GLU A 57 13.40 1.50 -19.27
C GLU A 57 13.57 1.21 -17.78
N GLN A 58 12.73 0.32 -17.26
CA GLN A 58 12.77 -0.04 -15.85
C GLN A 58 13.30 -1.47 -15.67
N SER A 59 13.97 -1.71 -14.55
CA SER A 59 14.52 -3.03 -14.27
C SER A 59 13.57 -3.83 -13.38
N GLU A 60 13.82 -5.14 -13.29
CA GLU A 60 12.99 -6.02 -12.48
C GLU A 60 13.13 -5.68 -11.00
N GLU A 61 14.37 -5.51 -10.54
CA GLU A 61 14.63 -5.18 -9.15
C GLU A 61 13.78 -4.00 -8.70
N GLU A 62 13.67 -3.00 -9.56
CA GLU A 62 12.89 -1.81 -9.24
C GLU A 62 11.46 -2.18 -8.85
N THR A 63 10.86 -3.09 -9.61
CA THR A 63 9.50 -3.54 -9.33
C THR A 63 9.28 -3.74 -7.84
N GLU A 64 10.04 -4.67 -7.25
CA GLU A 64 9.91 -4.96 -5.83
C GLU A 64 10.12 -3.70 -4.99
N GLU A 65 11.13 -2.90 -5.36
CA GLU A 65 11.42 -1.68 -4.65
C GLU A 65 10.18 -0.79 -4.55
N ILE A 66 9.45 -0.69 -5.65
CA ILE A 66 8.24 0.13 -5.69
C ILE A 66 7.49 0.07 -4.37
N PHE A 67 7.18 -1.14 -3.92
CA PHE A 67 6.47 -1.33 -2.67
C PHE A 67 7.14 -0.58 -1.53
N ASN A 68 8.42 -0.87 -1.31
CA ASN A 68 9.19 -0.22 -0.26
C ASN A 68 9.11 1.30 -0.39
N GLN A 69 9.30 1.79 -1.62
CA GLN A 69 9.25 3.23 -1.88
C GLN A 69 7.97 3.84 -1.32
N ILE A 70 6.86 3.12 -1.50
CA ILE A 70 5.56 3.60 -1.02
C ILE A 70 5.45 3.44 0.49
N LEU A 71 5.92 2.31 1.00
CA LEU A 71 5.87 2.05 2.43
C LEU A 71 6.66 3.08 3.21
N GLN A 72 7.54 3.80 2.52
CA GLN A 72 8.37 4.83 3.14
C GLN A 72 7.50 5.99 3.63
N THR A 73 6.26 6.03 3.16
CA THR A 73 5.33 7.09 3.55
C THR A 73 4.41 6.63 4.67
N MET A 74 4.20 5.32 4.76
CA MET A 74 3.34 4.74 5.79
C MET A 74 4.07 3.65 6.56
N PRO A 75 5.34 3.90 6.88
CA PRO A 75 6.18 2.94 7.63
C PRO A 75 5.74 2.81 9.08
N ASP A 76 4.90 3.73 9.54
CA ASP A 76 4.40 3.70 10.90
C ASP A 76 2.89 3.54 10.93
N ILE A 77 2.28 3.47 9.74
CA ILE A 77 0.84 3.31 9.64
C ILE A 77 0.48 2.12 8.75
N ALA A 78 1.48 1.61 8.02
CA ALA A 78 1.26 0.47 7.14
C ALA A 78 2.54 -0.34 6.98
N THR A 79 2.44 -1.65 7.16
CA THR A 79 3.59 -2.54 7.04
C THR A 79 3.38 -3.57 5.95
N PHE A 80 4.42 -4.33 5.64
CA PHE A 80 4.34 -5.36 4.61
C PHE A 80 3.58 -6.59 5.12
N SER A 81 2.38 -6.79 4.58
CA SER A 81 1.55 -7.92 4.98
C SER A 81 1.96 -9.19 4.24
N SER A 82 1.95 -9.12 2.91
CA SER A 82 2.32 -10.26 2.09
C SER A 82 3.49 -9.92 1.17
N ARG A 83 4.68 -10.32 1.58
CA ARG A 83 5.89 -10.05 0.79
C ARG A 83 5.59 -10.11 -0.70
N PRO A 84 6.13 -9.14 -1.45
CA PRO A 84 5.93 -9.05 -2.90
C PRO A 84 6.65 -10.16 -3.65
N LYS A 85 5.91 -11.15 -4.09
CA LYS A 85 6.48 -12.28 -4.83
C LYS A 85 5.92 -12.35 -6.24
N ALA A 86 6.62 -13.05 -7.12
CA ALA A 86 6.20 -13.20 -8.50
C ALA A 86 4.91 -14.00 -8.60
N ILE A 87 3.95 -13.50 -9.37
CA ILE A 87 2.67 -14.16 -9.55
C ILE A 87 2.29 -14.26 -11.02
N ARG A 88 1.37 -15.16 -11.33
CA ARG A 88 0.93 -15.35 -12.71
C ARG A 88 2.10 -15.72 -13.61
N GLY A 89 2.97 -16.60 -13.12
CA GLY A 89 4.13 -17.03 -13.89
C GLY A 89 5.22 -15.98 -13.92
N GLY A 90 5.63 -15.52 -12.74
CA GLY A 90 6.68 -14.52 -12.65
C GLY A 90 6.57 -13.47 -13.74
N THR A 91 5.43 -12.78 -13.79
CA THR A 91 5.21 -11.75 -14.79
C THR A 91 4.84 -10.42 -14.14
N ALA A 92 4.34 -10.48 -12.91
CA ALA A 92 3.95 -9.29 -12.18
C ALA A 92 4.11 -9.48 -10.68
N SER A 93 4.41 -8.40 -9.97
CA SER A 93 4.58 -8.46 -8.52
C SER A 93 3.33 -7.98 -7.80
N MET A 94 2.93 -8.71 -6.76
CA MET A 94 1.75 -8.35 -5.98
C MET A 94 2.06 -8.34 -4.49
N CYS A 95 1.46 -7.40 -3.78
CA CYS A 95 1.67 -7.27 -2.34
C CYS A 95 0.57 -6.45 -1.69
N VAL A 96 0.20 -6.82 -0.47
CA VAL A 96 -0.85 -6.11 0.26
C VAL A 96 -0.26 -5.23 1.35
N PHE A 97 -1.04 -4.24 1.78
CA PHE A 97 -0.59 -3.32 2.83
C PHE A 97 -1.56 -3.32 4.01
N ARG A 98 -1.04 -3.66 5.19
CA ARG A 98 -1.84 -3.71 6.40
C ARG A 98 -1.22 -2.88 7.51
N HIS A 99 -2.05 -2.17 8.27
CA HIS A 99 -1.57 -1.34 9.36
C HIS A 99 -0.80 -2.17 10.38
N LEU A 100 0.34 -1.66 10.82
CA LEU A 100 1.17 -2.35 11.80
C LEU A 100 0.31 -3.10 12.81
N SER A 101 0.61 -4.38 13.01
CA SER A 101 -0.13 -5.21 13.95
C SER A 101 0.37 -4.99 15.37
N LYS A 102 -0.17 -5.78 16.31
CA LYS A 102 0.22 -5.68 17.71
C LYS A 102 1.72 -5.43 17.83
N LYS A 103 2.51 -6.25 17.15
CA LYS A 103 3.96 -6.12 17.19
C LYS A 103 4.42 -4.87 16.43
N GLU A 104 5.71 -4.58 16.52
CA GLU A 104 6.27 -3.41 15.83
C GLU A 104 5.48 -2.15 16.18
N GLU A 105 5.17 -1.98 17.46
CA GLU A 105 4.41 -0.82 17.91
C GLU A 105 4.79 -0.46 19.35
N LYS A 106 4.22 0.63 19.85
CA LYS A 106 4.49 1.10 21.20
C LYS A 106 3.39 0.65 22.16
N SER A 107 3.70 0.68 23.45
CA SER A 107 2.73 0.28 24.47
C SER A 107 2.46 1.43 25.45
N GLY A 108 1.20 1.56 25.87
CA GLY A 108 0.84 2.61 26.79
C GLY A 108 -0.67 2.82 26.87
N PRO A 109 -1.32 2.00 27.70
CA PRO A 109 -2.78 2.07 27.89
C PRO A 109 -3.21 3.33 28.63
N SER A 110 -4.52 3.57 28.67
CA SER A 110 -5.05 4.75 29.34
C SER A 110 -6.50 4.51 29.77
N SER A 111 -6.84 4.98 30.96
CA SER A 111 -8.18 4.82 31.49
C SER A 111 -8.87 6.17 31.68
N GLY A 112 -10.15 6.23 31.34
CA GLY A 112 -10.89 7.48 31.47
C GLY A 112 -12.36 7.31 31.12
N GLY A 1 -23.00 27.42 25.33
CA GLY A 1 -23.49 26.07 25.09
C GLY A 1 -22.85 25.43 23.87
N SER A 2 -22.56 24.14 23.98
CA SER A 2 -21.95 23.40 22.88
C SER A 2 -22.17 21.90 23.04
N SER A 3 -22.11 21.18 21.92
CA SER A 3 -22.31 19.73 21.93
C SER A 3 -21.38 19.05 20.92
N GLY A 4 -21.01 17.81 21.22
CA GLY A 4 -20.14 17.06 20.34
C GLY A 4 -20.46 15.58 20.31
N SER A 5 -20.48 15.00 19.12
CA SER A 5 -20.78 13.59 18.96
C SER A 5 -19.69 12.89 18.15
N SER A 6 -19.68 11.55 18.22
CA SER A 6 -18.69 10.76 17.50
C SER A 6 -19.26 10.24 16.19
N GLY A 7 -20.27 9.38 16.30
CA GLY A 7 -20.88 8.81 15.11
C GLY A 7 -19.97 7.85 14.37
N PRO A 8 -19.94 6.59 14.83
CA PRO A 8 -19.09 5.55 14.23
C PRO A 8 -19.59 5.14 12.84
N LYS A 9 -18.91 4.18 12.24
CA LYS A 9 -19.28 3.69 10.92
C LYS A 9 -18.85 2.24 10.73
N THR A 10 -19.60 1.50 9.91
CA THR A 10 -19.30 0.11 9.65
C THR A 10 -20.15 -0.44 8.51
N GLY A 11 -19.61 -1.41 7.78
CA GLY A 11 -20.34 -2.00 6.67
C GLY A 11 -19.82 -3.37 6.30
N PRO A 12 -20.30 -3.91 5.17
CA PRO A 12 -19.89 -5.22 4.68
C PRO A 12 -18.45 -5.24 4.19
N THR A 13 -18.05 -6.34 3.56
CA THR A 13 -16.69 -6.48 3.04
C THR A 13 -16.24 -5.21 2.32
N MET A 14 -14.97 -4.87 2.48
CA MET A 14 -14.42 -3.69 1.83
C MET A 14 -12.93 -3.87 1.54
N THR A 15 -12.60 -4.01 0.26
CA THR A 15 -11.21 -4.20 -0.16
C THR A 15 -10.90 -3.36 -1.39
N LYS A 16 -9.90 -2.50 -1.28
CA LYS A 16 -9.48 -1.65 -2.39
C LYS A 16 -8.44 -2.34 -3.26
N GLU A 17 -8.26 -1.84 -4.48
CA GLU A 17 -7.29 -2.41 -5.40
C GLU A 17 -6.50 -1.32 -6.11
N LEU A 18 -5.27 -1.63 -6.51
CA LEU A 18 -4.42 -0.67 -7.20
C LEU A 18 -3.37 -1.39 -8.03
N VAL A 19 -3.37 -1.12 -9.33
CA VAL A 19 -2.41 -1.73 -10.24
C VAL A 19 -2.05 -0.80 -11.38
N PHE A 20 -0.77 -0.44 -11.48
CA PHE A 20 -0.30 0.45 -12.54
C PHE A 20 1.01 -0.05 -13.12
N SER A 21 1.59 0.74 -14.03
CA SER A 21 2.85 0.38 -14.67
C SER A 21 4.02 1.02 -13.95
N SER A 22 5.08 0.24 -13.75
CA SER A 22 6.28 0.72 -13.07
C SER A 22 6.76 2.02 -13.70
N ASN A 23 6.32 2.29 -14.92
CA ASN A 23 6.72 3.50 -15.64
C ASN A 23 5.80 4.67 -15.26
N ILE A 24 5.30 4.65 -14.04
CA ILE A 24 4.41 5.70 -13.55
C ILE A 24 5.21 6.95 -13.17
N GLY A 25 6.36 6.74 -12.55
CA GLY A 25 7.20 7.86 -12.15
C GLY A 25 6.97 8.26 -10.71
N GLN A 26 7.89 9.06 -10.17
CA GLN A 26 7.78 9.51 -8.79
C GLN A 26 6.67 10.54 -8.63
N HIS A 27 6.64 11.52 -9.54
CA HIS A 27 5.62 12.57 -9.50
C HIS A 27 4.23 11.97 -9.51
N ASP A 28 4.04 10.92 -10.31
CA ASP A 28 2.75 10.26 -10.40
C ASP A 28 2.55 9.28 -9.24
N LEU A 29 3.56 8.45 -9.00
CA LEU A 29 3.51 7.48 -7.92
C LEU A 29 3.16 8.15 -6.59
N ASP A 30 3.61 9.39 -6.43
CA ASP A 30 3.35 10.14 -5.20
C ASP A 30 1.87 10.10 -4.84
N THR A 31 1.02 10.26 -5.85
CA THR A 31 -0.43 10.24 -5.64
C THR A 31 -0.90 8.87 -5.20
N LYS A 32 -0.46 7.83 -5.92
CA LYS A 32 -0.84 6.47 -5.59
C LYS A 32 -0.57 6.15 -4.13
N SER A 33 0.57 6.62 -3.62
CA SER A 33 0.95 6.39 -2.24
C SER A 33 -0.10 6.95 -1.29
N LYS A 34 -0.78 8.01 -1.73
CA LYS A 34 -1.82 8.63 -0.92
C LYS A 34 -3.08 7.78 -0.87
N GLN A 35 -3.60 7.43 -2.03
CA GLN A 35 -4.80 6.60 -2.13
C GLN A 35 -4.64 5.32 -1.32
N ILE A 36 -3.39 4.88 -1.17
CA ILE A 36 -3.09 3.67 -0.42
C ILE A 36 -3.04 3.94 1.08
N GLN A 37 -2.35 5.02 1.46
CA GLN A 37 -2.22 5.39 2.86
C GLN A 37 -3.58 5.67 3.48
N GLN A 38 -4.43 6.38 2.73
CA GLN A 38 -5.77 6.71 3.20
C GLN A 38 -6.54 5.45 3.58
N TRP A 39 -6.55 4.47 2.67
CA TRP A 39 -7.26 3.22 2.91
C TRP A 39 -6.71 2.51 4.14
N ILE A 40 -5.39 2.31 4.19
CA ILE A 40 -4.76 1.66 5.32
C ILE A 40 -5.26 2.22 6.65
N GLU A 41 -5.32 3.54 6.73
CA GLU A 41 -5.77 4.21 7.94
C GLU A 41 -7.03 3.53 8.49
N LYS A 42 -7.97 3.25 7.61
CA LYS A 42 -9.21 2.59 8.02
C LYS A 42 -9.07 1.08 7.96
N LYS A 43 -7.89 0.58 8.31
CA LYS A 43 -7.63 -0.85 8.31
C LYS A 43 -8.28 -1.52 7.10
N TYR A 44 -8.02 -0.97 5.92
CA TYR A 44 -8.58 -1.52 4.68
C TYR A 44 -7.51 -2.23 3.87
N HIS A 45 -7.77 -3.50 3.55
CA HIS A 45 -6.82 -4.30 2.78
C HIS A 45 -6.65 -3.72 1.38
N VAL A 46 -5.43 -3.33 1.05
CA VAL A 46 -5.13 -2.76 -0.26
C VAL A 46 -4.24 -3.69 -1.07
N GLN A 47 -4.75 -4.17 -2.20
CA GLN A 47 -4.01 -5.07 -3.06
C GLN A 47 -3.28 -4.30 -4.15
N VAL A 48 -1.95 -4.28 -4.07
CA VAL A 48 -1.13 -3.57 -5.06
C VAL A 48 -0.53 -4.55 -6.07
N THR A 49 -0.50 -4.13 -7.34
CA THR A 49 0.05 -4.96 -8.40
C THR A 49 0.88 -4.14 -9.37
N ILE A 50 2.08 -4.62 -9.68
CA ILE A 50 2.96 -3.91 -10.61
C ILE A 50 3.04 -4.64 -11.95
N LYS A 51 2.65 -3.94 -13.01
CA LYS A 51 2.68 -4.51 -14.35
C LYS A 51 4.02 -4.25 -15.03
N ARG A 52 4.62 -5.29 -15.58
CA ARG A 52 5.89 -5.17 -16.26
C ARG A 52 5.70 -4.92 -17.76
N ARG A 53 6.72 -4.36 -18.40
CA ARG A 53 6.67 -4.06 -19.82
C ARG A 53 7.06 -5.27 -20.66
N LYS A 54 7.04 -5.12 -21.97
CA LYS A 54 7.41 -6.20 -22.87
C LYS A 54 8.91 -6.20 -23.14
N ASP A 55 9.49 -5.02 -23.22
CA ASP A 55 10.92 -4.88 -23.48
C ASP A 55 11.66 -4.50 -22.19
N ALA A 56 11.24 -5.08 -21.08
CA ALA A 56 11.86 -4.81 -19.79
C ALA A 56 13.38 -4.71 -19.92
N GLU A 57 13.95 -3.63 -19.40
CA GLU A 57 15.39 -3.42 -19.47
C GLU A 57 15.99 -3.34 -18.07
N GLN A 58 15.63 -4.30 -17.22
CA GLN A 58 16.13 -4.34 -15.85
C GLN A 58 15.72 -5.62 -15.16
N SER A 59 16.06 -5.74 -13.88
CA SER A 59 15.73 -6.92 -13.10
C SER A 59 14.50 -6.67 -12.23
N GLU A 60 14.01 -7.72 -11.58
CA GLU A 60 12.84 -7.62 -10.72
C GLU A 60 13.11 -6.66 -9.55
N GLU A 61 14.33 -6.69 -9.04
CA GLU A 61 14.72 -5.82 -7.94
C GLU A 61 14.06 -4.45 -8.06
N GLU A 62 13.97 -3.96 -9.29
CA GLU A 62 13.37 -2.65 -9.55
C GLU A 62 11.88 -2.68 -9.25
N THR A 63 11.21 -3.75 -9.67
CA THR A 63 9.78 -3.90 -9.44
C THR A 63 9.44 -3.84 -7.96
N GLU A 64 10.25 -4.51 -7.15
CA GLU A 64 10.03 -4.54 -5.70
C GLU A 64 10.22 -3.14 -5.11
N GLU A 65 11.26 -2.44 -5.55
CA GLU A 65 11.54 -1.11 -5.06
C GLU A 65 10.26 -0.28 -4.96
N ILE A 66 9.40 -0.43 -5.95
CA ILE A 66 8.14 0.30 -5.99
C ILE A 66 7.41 0.20 -4.65
N PHE A 67 7.10 -1.04 -4.25
CA PHE A 67 6.40 -1.27 -2.99
C PHE A 67 7.02 -0.46 -1.86
N ASN A 68 8.34 -0.37 -1.86
CA ASN A 68 9.07 0.38 -0.84
C ASN A 68 8.77 1.88 -0.95
N GLN A 69 8.99 2.44 -2.13
CA GLN A 69 8.76 3.85 -2.37
C GLN A 69 7.43 4.29 -1.78
N ILE A 70 6.49 3.35 -1.67
CA ILE A 70 5.18 3.63 -1.12
C ILE A 70 5.18 3.48 0.40
N LEU A 71 5.76 2.39 0.88
CA LEU A 71 5.83 2.15 2.32
C LEU A 71 6.68 3.20 3.02
N GLN A 72 7.50 3.90 2.24
CA GLN A 72 8.36 4.94 2.79
C GLN A 72 7.53 6.11 3.32
N THR A 73 6.28 6.19 2.87
CA THR A 73 5.40 7.26 3.31
C THR A 73 4.53 6.83 4.49
N MET A 74 4.43 5.52 4.69
CA MET A 74 3.65 4.98 5.79
C MET A 74 4.43 3.90 6.54
N PRO A 75 5.71 4.19 6.82
CA PRO A 75 6.59 3.26 7.53
C PRO A 75 6.22 3.12 8.99
N ASP A 76 5.29 3.95 9.45
CA ASP A 76 4.84 3.91 10.83
C ASP A 76 3.32 3.70 10.90
N ILE A 77 2.66 3.80 9.76
CA ILE A 77 1.21 3.62 9.69
C ILE A 77 0.86 2.37 8.89
N ALA A 78 1.81 1.89 8.09
CA ALA A 78 1.59 0.71 7.27
C ALA A 78 2.81 -0.20 7.30
N THR A 79 2.60 -1.48 6.99
CA THR A 79 3.68 -2.45 6.97
C THR A 79 3.40 -3.57 5.97
N PHE A 80 4.47 -4.20 5.49
CA PHE A 80 4.34 -5.28 4.52
C PHE A 80 3.54 -6.44 5.10
N SER A 81 2.34 -6.64 4.56
CA SER A 81 1.47 -7.71 5.03
C SER A 81 1.80 -9.03 4.32
N SER A 82 2.00 -8.95 3.01
CA SER A 82 2.32 -10.13 2.21
C SER A 82 3.46 -9.85 1.25
N ARG A 83 4.64 -10.39 1.56
CA ARG A 83 5.82 -10.20 0.73
C ARG A 83 5.46 -10.27 -0.76
N PRO A 84 5.99 -9.34 -1.55
CA PRO A 84 5.74 -9.27 -3.00
C PRO A 84 6.40 -10.43 -3.74
N LYS A 85 5.59 -11.28 -4.33
CA LYS A 85 6.09 -12.43 -5.09
C LYS A 85 5.57 -12.41 -6.53
N ALA A 86 6.22 -13.18 -7.39
CA ALA A 86 5.83 -13.24 -8.80
C ALA A 86 4.57 -14.08 -8.98
N ILE A 87 3.48 -13.43 -9.36
CA ILE A 87 2.21 -14.11 -9.57
C ILE A 87 1.97 -14.39 -11.05
N ARG A 88 1.00 -15.25 -11.34
CA ARG A 88 0.67 -15.59 -12.71
C ARG A 88 1.86 -16.22 -13.42
N GLY A 89 2.66 -16.98 -12.67
CA GLY A 89 3.82 -17.63 -13.24
C GLY A 89 5.05 -16.73 -13.22
N GLY A 90 4.83 -15.43 -13.41
CA GLY A 90 5.92 -14.49 -13.41
C GLY A 90 5.75 -13.39 -14.44
N THR A 91 4.62 -12.69 -14.36
CA THR A 91 4.32 -11.61 -15.29
C THR A 91 4.18 -10.28 -14.56
N ALA A 92 3.71 -10.33 -13.32
CA ALA A 92 3.53 -9.13 -12.52
C ALA A 92 3.66 -9.45 -11.02
N SER A 93 4.03 -8.45 -10.24
CA SER A 93 4.20 -8.62 -8.81
C SER A 93 2.99 -8.07 -8.05
N MET A 94 2.64 -8.74 -6.96
CA MET A 94 1.49 -8.33 -6.15
C MET A 94 1.85 -8.32 -4.66
N CYS A 95 1.27 -7.38 -3.93
CA CYS A 95 1.54 -7.28 -2.49
C CYS A 95 0.46 -6.44 -1.80
N VAL A 96 0.08 -6.84 -0.60
CA VAL A 96 -0.95 -6.13 0.16
C VAL A 96 -0.32 -5.36 1.32
N PHE A 97 -0.95 -4.24 1.68
CA PHE A 97 -0.46 -3.40 2.77
C PHE A 97 -1.45 -3.40 3.93
N ARG A 98 -0.92 -3.35 5.15
CA ARG A 98 -1.75 -3.34 6.34
C ARG A 98 -1.16 -2.43 7.41
N HIS A 99 -1.99 -2.01 8.36
CA HIS A 99 -1.56 -1.13 9.44
C HIS A 99 -0.92 -1.93 10.57
N LEU A 100 0.27 -1.50 10.98
CA LEU A 100 0.98 -2.18 12.06
C LEU A 100 0.01 -2.73 13.10
N SER A 101 0.17 -4.01 13.42
CA SER A 101 -0.69 -4.67 14.40
C SER A 101 -0.66 -3.92 15.73
N LYS A 102 -1.41 -4.43 16.70
CA LYS A 102 -1.47 -3.82 18.03
C LYS A 102 -0.07 -3.55 18.56
N LYS A 103 0.89 -4.34 18.10
CA LYS A 103 2.28 -4.19 18.53
C LYS A 103 3.09 -3.39 17.52
N GLU A 104 4.20 -2.84 17.97
CA GLU A 104 5.06 -2.05 17.09
C GLU A 104 4.34 -0.81 16.58
N GLU A 105 3.74 -0.06 17.51
CA GLU A 105 3.01 1.15 17.15
C GLU A 105 3.93 2.19 16.53
N LYS A 106 5.07 2.43 17.20
CA LYS A 106 6.04 3.40 16.71
C LYS A 106 5.38 4.75 16.44
N SER A 107 4.56 5.20 17.38
CA SER A 107 3.86 6.47 17.25
C SER A 107 3.68 7.14 18.61
N GLY A 108 4.38 8.25 18.82
CA GLY A 108 4.28 8.97 20.08
C GLY A 108 2.86 9.02 20.61
N PRO A 109 2.56 8.15 21.59
CA PRO A 109 1.23 8.07 22.20
C PRO A 109 0.92 9.31 23.06
N SER A 110 -0.37 9.66 23.13
CA SER A 110 -0.80 10.81 23.91
C SER A 110 -1.87 10.41 24.92
N SER A 111 -1.62 9.33 25.63
CA SER A 111 -2.56 8.84 26.64
C SER A 111 -2.50 9.69 27.89
N GLY A 112 -3.63 10.29 28.25
CA GLY A 112 -3.69 11.13 29.43
C GLY A 112 -5.05 11.07 30.12
N GLY A 1 -6.40 24.74 19.80
CA GLY A 1 -6.02 24.28 18.47
C GLY A 1 -7.20 23.78 17.66
N SER A 2 -7.71 22.61 18.02
CA SER A 2 -8.84 22.03 17.31
C SER A 2 -10.11 22.09 18.17
N SER A 3 -11.25 21.82 17.56
CA SER A 3 -12.52 21.84 18.28
C SER A 3 -13.30 20.55 18.03
N GLY A 4 -13.48 20.21 16.76
CA GLY A 4 -14.22 19.00 16.43
C GLY A 4 -13.84 17.82 17.32
N SER A 5 -14.67 16.78 17.30
CA SER A 5 -14.43 15.61 18.12
C SER A 5 -14.36 14.35 17.26
N SER A 6 -13.13 13.94 16.93
CA SER A 6 -12.91 12.76 16.11
C SER A 6 -13.73 11.58 16.62
N GLY A 7 -14.25 10.78 15.70
CA GLY A 7 -15.06 9.63 16.08
C GLY A 7 -14.58 8.35 15.42
N PRO A 8 -14.77 7.22 16.10
CA PRO A 8 -14.36 5.91 15.59
C PRO A 8 -15.22 5.45 14.43
N LYS A 9 -16.15 6.30 14.00
CA LYS A 9 -17.04 5.98 12.89
C LYS A 9 -16.31 5.16 11.83
N THR A 10 -16.81 3.96 11.58
CA THR A 10 -16.21 3.08 10.58
C THR A 10 -17.28 2.41 9.72
N GLY A 11 -16.94 2.15 8.47
CA GLY A 11 -17.88 1.52 7.55
C GLY A 11 -17.67 0.02 7.46
N PRO A 12 -18.26 -0.60 6.42
CA PRO A 12 -18.15 -2.04 6.20
C PRO A 12 -16.74 -2.46 5.78
N THR A 13 -16.41 -3.73 6.02
CA THR A 13 -15.09 -4.25 5.66
C THR A 13 -14.96 -4.46 4.16
N MET A 14 -14.35 -3.49 3.47
CA MET A 14 -14.17 -3.57 2.04
C MET A 14 -12.70 -3.82 1.69
N THR A 15 -12.43 -4.06 0.41
CA THR A 15 -11.07 -4.30 -0.05
C THR A 15 -10.77 -3.52 -1.33
N LYS A 16 -9.77 -2.66 -1.26
CA LYS A 16 -9.38 -1.84 -2.41
C LYS A 16 -8.30 -2.54 -3.22
N GLU A 17 -8.28 -2.29 -4.53
CA GLU A 17 -7.29 -2.89 -5.42
C GLU A 17 -6.60 -1.82 -6.26
N LEU A 18 -5.27 -1.85 -6.25
CA LEU A 18 -4.49 -0.89 -7.03
C LEU A 18 -3.69 -1.59 -8.12
N VAL A 19 -3.78 -1.07 -9.34
CA VAL A 19 -3.06 -1.65 -10.47
C VAL A 19 -2.43 -0.56 -11.33
N PHE A 20 -1.16 -0.73 -11.65
CA PHE A 20 -0.44 0.24 -12.47
C PHE A 20 0.84 -0.36 -13.04
N SER A 21 1.49 0.38 -13.93
CA SER A 21 2.72 -0.09 -14.55
C SER A 21 3.94 0.31 -13.71
N SER A 22 5.04 -0.41 -13.90
CA SER A 22 6.27 -0.15 -13.16
C SER A 22 6.96 1.10 -13.70
N ASN A 23 6.55 1.52 -14.90
CA ASN A 23 7.15 2.69 -15.53
C ASN A 23 6.41 3.97 -15.12
N ILE A 24 6.01 4.02 -13.84
CA ILE A 24 5.30 5.18 -13.32
C ILE A 24 6.26 6.23 -12.78
N GLY A 25 6.02 7.49 -13.12
CA GLY A 25 6.88 8.56 -12.64
C GLY A 25 6.63 8.92 -11.20
N GLN A 26 7.56 9.66 -10.60
CA GLN A 26 7.43 10.06 -9.20
C GLN A 26 6.23 10.98 -9.01
N HIS A 27 5.95 11.79 -10.03
CA HIS A 27 4.83 12.72 -9.98
C HIS A 27 3.51 11.98 -9.86
N ASP A 28 3.41 10.85 -10.55
CA ASP A 28 2.19 10.04 -10.52
C ASP A 28 2.18 9.11 -9.30
N LEU A 29 3.29 8.41 -9.11
CA LEU A 29 3.41 7.49 -7.98
C LEU A 29 3.08 8.19 -6.66
N ASP A 30 3.36 9.48 -6.61
CA ASP A 30 3.09 10.28 -5.41
C ASP A 30 1.65 10.12 -4.97
N THR A 31 0.74 10.16 -5.93
CA THR A 31 -0.69 10.02 -5.64
C THR A 31 -1.02 8.63 -5.11
N LYS A 32 -0.34 7.62 -5.66
CA LYS A 32 -0.56 6.24 -5.24
C LYS A 32 -0.35 6.08 -3.75
N SER A 33 0.74 6.66 -3.25
CA SER A 33 1.08 6.57 -1.83
C SER A 33 -0.03 7.19 -0.98
N LYS A 34 -0.47 8.38 -1.37
CA LYS A 34 -1.53 9.08 -0.64
C LYS A 34 -2.83 8.29 -0.69
N GLN A 35 -3.17 7.79 -1.88
CA GLN A 35 -4.39 7.01 -2.06
C GLN A 35 -4.42 5.82 -1.11
N ILE A 36 -3.36 5.03 -1.12
CA ILE A 36 -3.27 3.85 -0.27
C ILE A 36 -3.24 4.25 1.21
N GLN A 37 -2.40 5.22 1.54
CA GLN A 37 -2.28 5.70 2.91
C GLN A 37 -3.65 5.96 3.52
N GLN A 38 -4.53 6.60 2.75
CA GLN A 38 -5.87 6.90 3.21
C GLN A 38 -6.67 5.62 3.49
N TRP A 39 -6.48 4.62 2.63
CA TRP A 39 -7.17 3.35 2.79
C TRP A 39 -6.71 2.63 4.06
N ILE A 40 -5.40 2.56 4.25
CA ILE A 40 -4.83 1.91 5.42
C ILE A 40 -5.45 2.44 6.70
N GLU A 41 -5.48 3.76 6.84
CA GLU A 41 -6.04 4.41 8.02
C GLU A 41 -7.36 3.74 8.42
N LYS A 42 -8.15 3.37 7.41
CA LYS A 42 -9.44 2.72 7.65
C LYS A 42 -9.31 1.20 7.56
N LYS A 43 -8.17 0.68 7.99
CA LYS A 43 -7.92 -0.76 7.96
C LYS A 43 -8.50 -1.38 6.69
N TYR A 44 -8.17 -0.79 5.54
CA TYR A 44 -8.66 -1.29 4.26
C TYR A 44 -7.56 -2.01 3.50
N HIS A 45 -7.69 -3.32 3.36
CA HIS A 45 -6.70 -4.12 2.65
C HIS A 45 -6.53 -3.62 1.23
N VAL A 46 -5.30 -3.23 0.89
CA VAL A 46 -4.99 -2.72 -0.44
C VAL A 46 -4.14 -3.73 -1.22
N GLN A 47 -4.70 -4.25 -2.31
CA GLN A 47 -4.00 -5.22 -3.14
C GLN A 47 -3.36 -4.54 -4.34
N VAL A 48 -2.06 -4.27 -4.24
CA VAL A 48 -1.31 -3.62 -5.31
C VAL A 48 -0.76 -4.65 -6.29
N THR A 49 -0.77 -4.29 -7.58
CA THR A 49 -0.26 -5.19 -8.62
C THR A 49 0.49 -4.41 -9.69
N ILE A 50 1.81 -4.51 -9.67
CA ILE A 50 2.65 -3.82 -10.65
C ILE A 50 2.74 -4.61 -11.95
N LYS A 51 2.37 -3.96 -13.06
CA LYS A 51 2.41 -4.59 -14.36
C LYS A 51 3.63 -4.12 -15.16
N ARG A 52 4.50 -5.05 -15.51
CA ARG A 52 5.70 -4.73 -16.27
C ARG A 52 5.40 -4.68 -17.77
N ARG A 53 6.38 -4.24 -18.55
CA ARG A 53 6.21 -4.15 -20.00
C ARG A 53 7.36 -4.87 -20.72
N LYS A 54 7.00 -5.81 -21.59
CA LYS A 54 7.99 -6.57 -22.34
C LYS A 54 8.87 -5.63 -23.18
N ASP A 55 8.28 -4.55 -23.65
CA ASP A 55 9.01 -3.58 -24.47
C ASP A 55 10.29 -3.15 -23.77
N ALA A 56 10.25 -3.10 -22.44
CA ALA A 56 11.42 -2.70 -21.66
C ALA A 56 12.34 -3.90 -21.40
N GLU A 57 13.51 -3.62 -20.84
CA GLU A 57 14.48 -4.66 -20.54
C GLU A 57 14.91 -4.62 -19.08
N GLN A 58 14.01 -4.15 -18.23
CA GLN A 58 14.29 -4.05 -16.80
C GLN A 58 14.05 -5.38 -16.10
N SER A 59 14.55 -5.50 -14.87
CA SER A 59 14.40 -6.72 -14.09
C SER A 59 13.40 -6.52 -12.95
N GLU A 60 13.21 -7.57 -12.15
CA GLU A 60 12.29 -7.51 -11.02
C GLU A 60 12.95 -6.83 -9.83
N GLU A 61 14.26 -7.03 -9.67
CA GLU A 61 15.00 -6.45 -8.57
C GLU A 61 14.58 -5.00 -8.35
N GLU A 62 14.45 -4.26 -9.45
CA GLU A 62 14.06 -2.85 -9.37
C GLU A 62 12.57 -2.72 -9.06
N THR A 63 11.77 -3.62 -9.60
CA THR A 63 10.33 -3.60 -9.39
C THR A 63 9.99 -3.68 -7.90
N GLU A 64 10.68 -4.58 -7.19
CA GLU A 64 10.46 -4.74 -5.76
C GLU A 64 10.56 -3.41 -5.03
N GLU A 65 11.61 -2.65 -5.34
CA GLU A 65 11.82 -1.35 -4.71
C GLU A 65 10.51 -0.57 -4.63
N ILE A 66 9.82 -0.46 -5.76
CA ILE A 66 8.56 0.28 -5.81
C ILE A 66 7.77 0.10 -4.51
N PHE A 67 7.43 -1.15 -4.20
CA PHE A 67 6.67 -1.45 -2.98
C PHE A 67 7.20 -0.63 -1.80
N ASN A 68 8.52 -0.60 -1.66
CA ASN A 68 9.15 0.15 -0.57
C ASN A 68 8.94 1.64 -0.74
N GLN A 69 9.29 2.16 -1.92
CA GLN A 69 9.15 3.58 -2.21
C GLN A 69 7.80 4.10 -1.71
N ILE A 70 6.81 3.21 -1.66
CA ILE A 70 5.47 3.58 -1.22
C ILE A 70 5.36 3.45 0.30
N LEU A 71 6.01 2.45 0.86
CA LEU A 71 5.99 2.21 2.30
C LEU A 71 6.87 3.22 3.03
N GLN A 72 7.77 3.85 2.30
CA GLN A 72 8.67 4.84 2.87
C GLN A 72 7.90 6.06 3.36
N THR A 73 6.63 6.14 2.96
CA THR A 73 5.78 7.27 3.36
C THR A 73 4.86 6.89 4.50
N MET A 74 4.59 5.59 4.64
CA MET A 74 3.72 5.09 5.69
C MET A 74 4.39 3.95 6.45
N PRO A 75 5.68 4.11 6.77
CA PRO A 75 6.45 3.10 7.49
C PRO A 75 6.01 2.97 8.95
N ASP A 76 5.30 3.98 9.45
CA ASP A 76 4.82 3.97 10.82
C ASP A 76 3.31 3.86 10.87
N ILE A 77 2.69 3.73 9.69
CA ILE A 77 1.24 3.61 9.59
C ILE A 77 0.85 2.37 8.80
N ALA A 78 1.79 1.84 8.03
CA ALA A 78 1.54 0.64 7.22
C ALA A 78 2.69 -0.35 7.35
N THR A 79 2.39 -1.62 7.08
CA THR A 79 3.40 -2.68 7.17
C THR A 79 3.13 -3.77 6.14
N PHE A 80 4.20 -4.36 5.62
CA PHE A 80 4.08 -5.42 4.64
C PHE A 80 3.25 -6.58 5.18
N SER A 81 2.11 -6.83 4.54
CA SER A 81 1.22 -7.91 4.96
C SER A 81 1.57 -9.21 4.25
N SER A 82 1.61 -9.17 2.92
CA SER A 82 1.94 -10.35 2.12
C SER A 82 3.13 -10.08 1.21
N ARG A 83 4.30 -10.54 1.62
CA ARG A 83 5.51 -10.36 0.83
C ARG A 83 5.20 -10.38 -0.67
N PRO A 84 5.80 -9.45 -1.41
CA PRO A 84 5.61 -9.35 -2.86
C PRO A 84 6.26 -10.50 -3.62
N LYS A 85 5.44 -11.31 -4.27
CA LYS A 85 5.94 -12.46 -5.03
C LYS A 85 5.78 -12.22 -6.53
N ALA A 86 6.39 -13.09 -7.32
CA ALA A 86 6.32 -12.97 -8.78
C ALA A 86 5.00 -13.55 -9.31
N ILE A 87 4.25 -12.71 -10.01
CA ILE A 87 2.97 -13.13 -10.57
C ILE A 87 2.92 -12.89 -12.08
N ARG A 88 1.84 -13.32 -12.71
CA ARG A 88 1.67 -13.15 -14.14
C ARG A 88 2.85 -13.73 -14.90
N GLY A 89 3.41 -14.82 -14.38
CA GLY A 89 4.55 -15.46 -15.02
C GLY A 89 5.87 -15.01 -14.43
N GLY A 90 5.82 -14.02 -13.54
CA GLY A 90 7.03 -13.52 -12.92
C GLY A 90 7.38 -12.12 -13.39
N THR A 91 6.62 -11.61 -14.36
CA THR A 91 6.87 -10.28 -14.90
C THR A 91 6.19 -9.20 -14.05
N ALA A 92 5.20 -9.62 -13.26
CA ALA A 92 4.49 -8.69 -12.39
C ALA A 92 4.68 -9.05 -10.92
N SER A 93 4.32 -8.13 -10.04
CA SER A 93 4.46 -8.34 -8.60
C SER A 93 3.21 -7.88 -7.86
N MET A 94 2.77 -8.67 -6.90
CA MET A 94 1.58 -8.34 -6.12
C MET A 94 1.89 -8.40 -4.62
N CYS A 95 1.32 -7.46 -3.86
CA CYS A 95 1.53 -7.41 -2.42
C CYS A 95 0.38 -6.67 -1.73
N VAL A 96 0.22 -6.92 -0.44
CA VAL A 96 -0.83 -6.29 0.34
C VAL A 96 -0.25 -5.43 1.46
N PHE A 97 -0.89 -4.30 1.72
CA PHE A 97 -0.44 -3.39 2.77
C PHE A 97 -1.47 -3.31 3.90
N ARG A 98 -1.03 -3.65 5.11
CA ARG A 98 -1.91 -3.62 6.27
C ARG A 98 -1.44 -2.57 7.28
N HIS A 99 -2.23 -2.38 8.33
CA HIS A 99 -1.89 -1.40 9.37
C HIS A 99 -1.17 -2.09 10.54
N LEU A 100 -0.10 -1.46 11.00
CA LEU A 100 0.68 -2.00 12.11
C LEU A 100 -0.24 -2.58 13.19
N SER A 101 0.04 -3.81 13.60
CA SER A 101 -0.76 -4.46 14.63
C SER A 101 -0.58 -3.78 15.99
N LYS A 102 -1.46 -2.82 16.27
CA LYS A 102 -1.39 -2.10 17.54
C LYS A 102 0.05 -1.89 17.98
N LYS A 103 0.91 -1.53 17.03
CA LYS A 103 2.32 -1.31 17.32
C LYS A 103 2.85 -0.09 16.56
N GLU A 104 3.93 0.49 17.06
CA GLU A 104 4.52 1.66 16.41
C GLU A 104 3.45 2.59 15.88
N GLU A 105 2.44 2.86 16.70
CA GLU A 105 1.35 3.73 16.29
C GLU A 105 0.93 4.65 17.44
N LYS A 106 0.46 5.84 17.10
CA LYS A 106 0.03 6.81 18.11
C LYS A 106 -1.44 7.17 17.91
N SER A 107 -2.22 7.06 18.98
CA SER A 107 -3.64 7.37 18.93
C SER A 107 -3.85 8.87 18.79
N GLY A 108 -3.70 9.38 17.57
CA GLY A 108 -3.88 10.79 17.31
C GLY A 108 -4.99 11.07 16.32
N PRO A 109 -4.91 12.24 15.65
CA PRO A 109 -5.91 12.64 14.65
C PRO A 109 -5.82 11.81 13.38
N SER A 110 -6.97 11.34 12.91
CA SER A 110 -7.03 10.52 11.70
C SER A 110 -7.04 11.40 10.45
N SER A 111 -5.84 11.67 9.93
CA SER A 111 -5.71 12.50 8.73
C SER A 111 -6.77 12.15 7.70
N GLY A 112 -7.55 13.15 7.28
CA GLY A 112 -8.59 12.90 6.30
C GLY A 112 -9.93 12.58 6.94
N GLY A 1 -1.25 18.80 17.04
CA GLY A 1 -2.68 18.93 17.27
C GLY A 1 -3.26 17.76 18.04
N SER A 2 -4.54 17.47 17.81
CA SER A 2 -5.20 16.37 18.51
C SER A 2 -4.32 15.14 18.54
N SER A 3 -4.18 14.53 19.72
CA SER A 3 -3.36 13.35 19.89
C SER A 3 -4.20 12.18 20.41
N GLY A 4 -3.84 10.97 19.99
CA GLY A 4 -4.56 9.79 20.42
C GLY A 4 -4.88 8.85 19.27
N SER A 5 -6.13 8.40 19.20
CA SER A 5 -6.55 7.49 18.16
C SER A 5 -7.85 7.96 17.51
N SER A 6 -8.06 9.27 17.51
CA SER A 6 -9.27 9.85 16.94
C SER A 6 -9.59 9.21 15.58
N GLY A 7 -10.41 8.17 15.62
CA GLY A 7 -10.79 7.48 14.40
C GLY A 7 -11.91 6.49 14.61
N PRO A 8 -13.16 6.98 14.55
CA PRO A 8 -14.35 6.13 14.73
C PRO A 8 -14.57 5.17 13.57
N LYS A 9 -13.64 5.18 12.62
CA LYS A 9 -13.73 4.32 11.45
C LYS A 9 -14.31 2.96 11.84
N THR A 10 -15.09 2.37 10.93
CA THR A 10 -15.69 1.06 11.18
C THR A 10 -16.29 0.49 9.90
N GLY A 11 -16.36 -0.84 9.83
CA GLY A 11 -16.91 -1.49 8.66
C GLY A 11 -16.50 -2.95 8.56
N PRO A 12 -17.39 -3.79 8.02
CA PRO A 12 -17.14 -5.22 7.86
C PRO A 12 -16.09 -5.51 6.80
N THR A 13 -15.97 -6.77 6.41
CA THR A 13 -15.00 -7.18 5.40
C THR A 13 -14.93 -6.16 4.27
N MET A 14 -13.72 -5.91 3.78
CA MET A 14 -13.51 -4.96 2.70
C MET A 14 -12.06 -5.00 2.21
N THR A 15 -11.88 -5.16 0.91
CA THR A 15 -10.55 -5.21 0.32
C THR A 15 -10.49 -4.40 -0.97
N LYS A 16 -9.59 -3.43 -1.00
CA LYS A 16 -9.43 -2.57 -2.18
C LYS A 16 -8.42 -3.18 -3.14
N GLU A 17 -8.21 -2.50 -4.28
CA GLU A 17 -7.27 -2.97 -5.29
C GLU A 17 -6.59 -1.80 -5.99
N LEU A 18 -5.38 -2.03 -6.47
CA LEU A 18 -4.62 -1.00 -7.17
C LEU A 18 -3.57 -1.61 -8.08
N VAL A 19 -3.65 -1.29 -9.37
CA VAL A 19 -2.71 -1.82 -10.35
C VAL A 19 -2.38 -0.76 -11.40
N PHE A 20 -1.09 -0.45 -11.55
CA PHE A 20 -0.65 0.54 -12.52
C PHE A 20 0.58 0.03 -13.28
N SER A 21 1.02 0.81 -14.27
CA SER A 21 2.17 0.44 -15.07
C SER A 21 3.46 0.88 -14.40
N SER A 22 4.46 0.00 -14.42
CA SER A 22 5.75 0.30 -13.81
C SER A 22 6.30 1.63 -14.30
N ASN A 23 6.00 1.96 -15.56
CA ASN A 23 6.46 3.20 -16.15
C ASN A 23 6.21 4.39 -15.22
N ILE A 24 5.14 4.29 -14.44
CA ILE A 24 4.78 5.35 -13.50
C ILE A 24 6.03 5.96 -12.86
N GLY A 25 6.22 7.26 -13.11
CA GLY A 25 7.38 7.93 -12.55
C GLY A 25 7.24 8.18 -11.06
N GLN A 26 8.11 9.04 -10.52
CA GLN A 26 8.08 9.36 -9.09
C GLN A 26 6.97 10.36 -8.78
N HIS A 27 6.84 11.39 -9.62
CA HIS A 27 5.83 12.41 -9.43
C HIS A 27 4.44 11.79 -9.39
N ASP A 28 4.16 10.88 -10.32
CA ASP A 28 2.87 10.22 -10.39
C ASP A 28 2.69 9.24 -9.22
N LEU A 29 3.73 8.45 -8.97
CA LEU A 29 3.69 7.48 -7.88
C LEU A 29 3.40 8.17 -6.54
N ASP A 30 3.87 9.40 -6.41
CA ASP A 30 3.65 10.16 -5.18
C ASP A 30 2.18 10.16 -4.80
N THR A 31 1.31 10.28 -5.79
CA THR A 31 -0.13 10.30 -5.54
C THR A 31 -0.65 8.90 -5.21
N LYS A 32 -0.31 7.94 -6.06
CA LYS A 32 -0.74 6.56 -5.86
C LYS A 32 -0.57 6.15 -4.40
N SER A 33 0.61 6.43 -3.85
CA SER A 33 0.90 6.08 -2.47
C SER A 33 -0.05 6.79 -1.51
N LYS A 34 -0.15 8.11 -1.66
CA LYS A 34 -1.03 8.90 -0.81
C LYS A 34 -2.43 8.28 -0.73
N GLN A 35 -2.99 7.96 -1.89
CA GLN A 35 -4.32 7.36 -1.96
C GLN A 35 -4.41 6.15 -1.04
N ILE A 36 -3.43 5.26 -1.15
CA ILE A 36 -3.40 4.06 -0.33
C ILE A 36 -3.39 4.40 1.15
N GLN A 37 -2.50 5.29 1.54
CA GLN A 37 -2.39 5.71 2.94
C GLN A 37 -3.77 5.90 3.56
N GLN A 38 -4.64 6.64 2.86
CA GLN A 38 -5.99 6.89 3.34
C GLN A 38 -6.72 5.59 3.61
N TRP A 39 -6.67 4.67 2.65
CA TRP A 39 -7.33 3.38 2.79
C TRP A 39 -6.81 2.62 4.00
N ILE A 40 -5.48 2.55 4.13
CA ILE A 40 -4.86 1.85 5.25
C ILE A 40 -5.43 2.34 6.57
N GLU A 41 -5.52 3.65 6.73
CA GLU A 41 -6.04 4.24 7.96
C GLU A 41 -7.35 3.57 8.36
N LYS A 42 -8.21 3.33 7.38
CA LYS A 42 -9.50 2.70 7.62
C LYS A 42 -9.37 1.18 7.67
N LYS A 43 -8.21 0.71 8.11
CA LYS A 43 -7.95 -0.72 8.21
C LYS A 43 -8.53 -1.46 7.00
N TYR A 44 -8.18 -0.99 5.81
CA TYR A 44 -8.66 -1.61 4.58
C TYR A 44 -7.52 -2.28 3.83
N HIS A 45 -7.71 -3.55 3.47
CA HIS A 45 -6.70 -4.31 2.75
C HIS A 45 -6.56 -3.79 1.32
N VAL A 46 -5.40 -3.21 1.01
CA VAL A 46 -5.14 -2.67 -0.32
C VAL A 46 -4.18 -3.56 -1.09
N GLN A 47 -4.65 -4.11 -2.20
CA GLN A 47 -3.83 -4.99 -3.03
C GLN A 47 -3.17 -4.21 -4.16
N VAL A 48 -1.84 -4.21 -4.19
CA VAL A 48 -1.09 -3.51 -5.22
C VAL A 48 -0.58 -4.46 -6.28
N THR A 49 -0.62 -4.04 -7.54
CA THR A 49 -0.16 -4.86 -8.64
C THR A 49 0.64 -4.04 -9.64
N ILE A 50 1.89 -4.43 -9.86
CA ILE A 50 2.77 -3.73 -10.80
C ILE A 50 2.99 -4.55 -12.07
N LYS A 51 2.49 -4.04 -13.19
CA LYS A 51 2.63 -4.72 -14.47
C LYS A 51 3.77 -4.12 -15.28
N ARG A 52 4.76 -4.93 -15.59
CA ARG A 52 5.91 -4.48 -16.36
C ARG A 52 5.59 -4.44 -17.86
N ARG A 53 6.44 -3.78 -18.62
CA ARG A 53 6.24 -3.66 -20.07
C ARG A 53 6.67 -4.94 -20.78
N LYS A 54 6.25 -5.08 -22.03
CA LYS A 54 6.60 -6.26 -22.83
C LYS A 54 8.09 -6.30 -23.13
N ASP A 55 8.61 -5.21 -23.70
CA ASP A 55 10.03 -5.12 -24.04
C ASP A 55 10.76 -4.23 -23.05
N ALA A 56 10.37 -4.33 -21.77
CA ALA A 56 11.00 -3.54 -20.72
C ALA A 56 12.51 -3.78 -20.68
N GLU A 57 13.22 -2.91 -19.97
CA GLU A 57 14.67 -3.03 -19.84
C GLU A 57 15.10 -2.98 -18.38
N GLN A 58 14.15 -3.22 -17.49
CA GLN A 58 14.42 -3.21 -16.06
C GLN A 58 14.63 -4.61 -15.52
N SER A 59 14.80 -4.73 -14.21
CA SER A 59 15.02 -6.02 -13.57
C SER A 59 13.93 -6.30 -12.54
N GLU A 60 13.58 -7.58 -12.39
CA GLU A 60 12.55 -7.98 -11.44
C GLU A 60 12.74 -7.25 -10.11
N GLU A 61 13.99 -7.08 -9.71
CA GLU A 61 14.31 -6.40 -8.45
C GLU A 61 13.92 -4.92 -8.52
N GLU A 62 14.15 -4.31 -9.66
CA GLU A 62 13.83 -2.90 -9.86
C GLU A 62 12.35 -2.65 -9.60
N THR A 63 11.50 -3.53 -10.12
CA THR A 63 10.06 -3.39 -9.93
C THR A 63 9.66 -3.60 -8.48
N GLU A 64 10.60 -4.12 -7.69
CA GLU A 64 10.34 -4.36 -6.27
C GLU A 64 10.60 -3.12 -5.44
N GLU A 65 11.54 -2.29 -5.90
CA GLU A 65 11.89 -1.07 -5.20
C GLU A 65 10.65 -0.23 -4.91
N ILE A 66 9.72 -0.21 -5.86
CA ILE A 66 8.49 0.55 -5.71
C ILE A 66 7.78 0.19 -4.41
N PHE A 67 7.40 -1.07 -4.29
CA PHE A 67 6.71 -1.55 -3.10
C PHE A 67 7.21 -0.83 -1.85
N ASN A 68 8.52 -0.55 -1.82
CA ASN A 68 9.13 0.13 -0.69
C ASN A 68 8.84 1.63 -0.74
N GLN A 69 9.01 2.23 -1.91
CA GLN A 69 8.76 3.65 -2.09
C GLN A 69 7.39 4.04 -1.57
N ILE A 70 6.46 3.07 -1.56
CA ILE A 70 5.11 3.31 -1.09
C ILE A 70 5.04 3.21 0.43
N LEU A 71 5.85 2.32 0.99
CA LEU A 71 5.87 2.12 2.44
C LEU A 71 6.72 3.20 3.12
N GLN A 72 7.60 3.81 2.36
CA GLN A 72 8.47 4.86 2.89
C GLN A 72 7.64 6.04 3.39
N THR A 73 6.40 6.12 2.94
CA THR A 73 5.51 7.21 3.34
C THR A 73 4.64 6.80 4.53
N MET A 74 4.46 5.49 4.70
CA MET A 74 3.66 4.97 5.81
C MET A 74 4.42 3.88 6.56
N PRO A 75 5.71 4.13 6.84
CA PRO A 75 6.56 3.19 7.56
C PRO A 75 6.17 3.06 9.02
N ASP A 76 5.35 3.98 9.50
CA ASP A 76 4.90 3.96 10.89
C ASP A 76 3.38 3.87 10.96
N ILE A 77 2.74 3.71 9.81
CA ILE A 77 1.29 3.62 9.75
C ILE A 77 0.86 2.38 8.97
N ALA A 78 1.76 1.86 8.15
CA ALA A 78 1.47 0.67 7.35
C ALA A 78 2.63 -0.32 7.40
N THR A 79 2.34 -1.58 7.10
CA THR A 79 3.34 -2.62 7.12
C THR A 79 3.04 -3.70 6.08
N PHE A 80 4.08 -4.12 5.35
CA PHE A 80 3.93 -5.14 4.32
C PHE A 80 3.01 -6.26 4.80
N SER A 81 1.76 -6.20 4.39
CA SER A 81 0.78 -7.22 4.78
C SER A 81 1.07 -8.54 4.10
N SER A 82 1.56 -8.48 2.86
CA SER A 82 1.88 -9.68 2.10
C SER A 82 3.09 -9.44 1.21
N ARG A 83 4.19 -10.12 1.54
CA ARG A 83 5.42 -9.99 0.77
C ARG A 83 5.15 -10.10 -0.73
N PRO A 84 5.76 -9.20 -1.51
CA PRO A 84 5.59 -9.18 -2.97
C PRO A 84 6.27 -10.37 -3.64
N LYS A 85 5.48 -11.17 -4.35
CA LYS A 85 6.00 -12.34 -5.05
C LYS A 85 5.69 -12.26 -6.54
N ALA A 86 6.35 -13.13 -7.31
CA ALA A 86 6.15 -13.15 -8.76
C ALA A 86 4.82 -13.81 -9.12
N ILE A 87 3.97 -13.06 -9.82
CA ILE A 87 2.66 -13.57 -10.23
C ILE A 87 2.53 -13.62 -11.74
N ARG A 88 1.49 -14.27 -12.23
CA ARG A 88 1.25 -14.39 -13.66
C ARG A 88 2.56 -14.67 -14.40
N GLY A 89 3.38 -15.56 -13.85
CA GLY A 89 4.64 -15.89 -14.47
C GLY A 89 5.82 -15.26 -13.77
N GLY A 90 5.75 -13.94 -13.57
CA GLY A 90 6.83 -13.24 -12.90
C GLY A 90 6.98 -11.82 -13.40
N THR A 91 6.38 -11.52 -14.55
CA THR A 91 6.46 -10.19 -15.14
C THR A 91 5.75 -9.17 -14.26
N ALA A 92 4.85 -9.65 -13.41
CA ALA A 92 4.10 -8.76 -12.51
C ALA A 92 4.15 -9.29 -11.08
N SER A 93 4.11 -8.36 -10.12
CA SER A 93 4.15 -8.73 -8.71
C SER A 93 2.90 -8.24 -7.99
N MET A 94 2.59 -8.88 -6.86
CA MET A 94 1.42 -8.51 -6.07
C MET A 94 1.76 -8.46 -4.59
N CYS A 95 1.37 -7.36 -3.94
CA CYS A 95 1.63 -7.19 -2.51
C CYS A 95 0.47 -6.47 -1.83
N VAL A 96 0.32 -6.71 -0.53
CA VAL A 96 -0.75 -6.10 0.24
C VAL A 96 -0.19 -5.33 1.44
N PHE A 97 -0.97 -4.37 1.93
CA PHE A 97 -0.55 -3.55 3.07
C PHE A 97 -1.60 -3.60 4.17
N ARG A 98 -1.16 -3.38 5.41
CA ARG A 98 -2.06 -3.38 6.56
C ARG A 98 -1.70 -2.28 7.55
N HIS A 99 -2.48 -2.16 8.61
CA HIS A 99 -2.24 -1.15 9.62
C HIS A 99 -1.59 -1.76 10.86
N LEU A 100 -0.87 -0.93 11.61
CA LEU A 100 -0.19 -1.39 12.83
C LEU A 100 -1.17 -1.48 14.00
N SER A 101 -2.29 -2.16 13.78
CA SER A 101 -3.30 -2.32 14.81
C SER A 101 -2.71 -2.99 16.05
N LYS A 102 -2.38 -4.27 15.92
CA LYS A 102 -1.80 -5.03 17.03
C LYS A 102 -0.28 -4.92 17.03
N LYS A 103 0.32 -5.11 15.86
CA LYS A 103 1.77 -5.03 15.72
C LYS A 103 2.20 -3.61 15.33
N GLU A 104 3.28 -3.14 15.96
CA GLU A 104 3.80 -1.81 15.68
C GLU A 104 5.32 -1.78 15.77
N GLU A 105 5.95 -0.98 14.93
CA GLU A 105 7.39 -0.86 14.92
C GLU A 105 7.91 -0.29 16.25
N LYS A 106 8.35 -1.18 17.13
CA LYS A 106 8.87 -0.77 18.43
C LYS A 106 10.04 0.19 18.28
N SER A 107 10.01 1.27 19.06
CA SER A 107 11.07 2.26 19.00
C SER A 107 12.09 2.04 20.12
N GLY A 108 11.62 2.13 21.36
CA GLY A 108 12.48 1.93 22.51
C GLY A 108 11.73 1.88 23.81
N PRO A 109 12.24 1.10 24.77
CA PRO A 109 11.61 0.94 26.09
C PRO A 109 11.74 2.21 26.93
N SER A 110 10.59 2.83 27.23
CA SER A 110 10.58 4.05 28.03
C SER A 110 9.14 4.42 28.41
N SER A 111 8.98 4.93 29.63
CA SER A 111 7.66 5.32 30.12
C SER A 111 6.91 6.11 29.05
N GLY A 112 5.69 5.67 28.76
CA GLY A 112 4.87 6.33 27.76
C GLY A 112 3.39 6.24 28.06
N GLY A 1 -25.52 31.99 12.87
CA GLY A 1 -26.31 30.81 12.57
C GLY A 1 -25.62 29.53 13.02
N SER A 2 -26.23 28.39 12.72
CA SER A 2 -25.68 27.10 13.11
C SER A 2 -26.08 26.02 12.10
N SER A 3 -25.28 24.95 12.05
CA SER A 3 -25.54 23.85 11.13
C SER A 3 -24.74 22.62 11.54
N GLY A 4 -25.11 21.48 10.95
CA GLY A 4 -24.41 20.24 11.26
C GLY A 4 -23.90 19.53 10.01
N SER A 5 -23.62 18.24 10.14
CA SER A 5 -23.11 17.45 9.01
C SER A 5 -23.32 15.96 9.26
N SER A 6 -23.02 15.16 8.25
CA SER A 6 -23.18 13.71 8.34
C SER A 6 -21.82 13.01 8.46
N GLY A 7 -21.84 11.70 8.62
CA GLY A 7 -20.62 10.94 8.74
C GLY A 7 -20.57 9.76 7.79
N PRO A 8 -19.37 9.44 7.28
CA PRO A 8 -19.18 8.32 6.35
C PRO A 8 -19.36 6.97 7.04
N LYS A 9 -19.06 5.90 6.30
CA LYS A 9 -19.19 4.55 6.83
C LYS A 9 -17.98 3.70 6.45
N THR A 10 -17.64 2.75 7.31
CA THR A 10 -16.50 1.87 7.07
C THR A 10 -16.64 0.57 7.85
N GLY A 11 -15.78 -0.40 7.54
CA GLY A 11 -15.82 -1.68 8.23
C GLY A 11 -15.51 -2.84 7.31
N PRO A 12 -15.90 -4.05 7.73
CA PRO A 12 -15.67 -5.27 6.95
C PRO A 12 -16.53 -5.32 5.68
N THR A 13 -16.21 -6.28 4.81
CA THR A 13 -16.95 -6.43 3.56
C THR A 13 -16.60 -5.33 2.57
N MET A 14 -15.31 -5.05 2.44
CA MET A 14 -14.83 -4.02 1.52
C MET A 14 -13.32 -4.10 1.34
N THR A 15 -12.89 -4.38 0.12
CA THR A 15 -11.47 -4.50 -0.19
C THR A 15 -11.09 -3.59 -1.34
N LYS A 16 -10.02 -2.81 -1.15
CA LYS A 16 -9.54 -1.89 -2.19
C LYS A 16 -8.38 -2.49 -2.96
N GLU A 17 -8.29 -2.18 -4.24
CA GLU A 17 -7.22 -2.69 -5.09
C GLU A 17 -6.53 -1.55 -5.84
N LEU A 18 -5.36 -1.85 -6.39
CA LEU A 18 -4.60 -0.86 -7.14
C LEU A 18 -3.70 -1.53 -8.17
N VAL A 19 -3.81 -1.06 -9.42
CA VAL A 19 -3.01 -1.61 -10.51
C VAL A 19 -2.33 -0.50 -11.31
N PHE A 20 -1.02 -0.63 -11.48
CA PHE A 20 -0.25 0.37 -12.22
C PHE A 20 1.07 -0.22 -12.71
N SER A 21 1.54 0.26 -13.86
CA SER A 21 2.79 -0.22 -14.43
C SER A 21 3.99 0.43 -13.76
N SER A 22 5.06 -0.34 -13.59
CA SER A 22 6.27 0.16 -12.95
C SER A 22 6.75 1.43 -13.63
N ASN A 23 6.34 1.63 -14.87
CA ASN A 23 6.74 2.80 -15.65
C ASN A 23 6.40 4.09 -14.89
N ILE A 24 5.30 4.05 -14.13
CA ILE A 24 4.86 5.20 -13.36
C ILE A 24 6.06 5.97 -12.81
N GLY A 25 5.98 7.30 -12.86
CA GLY A 25 7.06 8.13 -12.37
C GLY A 25 6.78 8.66 -10.97
N GLN A 26 7.70 9.46 -10.45
CA GLN A 26 7.55 10.04 -9.12
C GLN A 26 6.38 11.00 -9.06
N HIS A 27 6.32 11.91 -10.02
CA HIS A 27 5.24 12.89 -10.10
C HIS A 27 3.89 12.23 -9.88
N ASP A 28 3.70 11.06 -10.49
CA ASP A 28 2.46 10.32 -10.38
C ASP A 28 2.44 9.49 -9.08
N LEU A 29 3.38 8.58 -8.96
CA LEU A 29 3.47 7.72 -7.77
C LEU A 29 3.22 8.53 -6.50
N ASP A 30 3.61 9.80 -6.52
CA ASP A 30 3.42 10.68 -5.38
C ASP A 30 1.98 10.63 -4.88
N THR A 31 1.03 10.70 -5.83
CA THR A 31 -0.38 10.68 -5.49
C THR A 31 -0.79 9.30 -4.97
N LYS A 32 -0.24 8.25 -5.58
CA LYS A 32 -0.56 6.89 -5.17
C LYS A 32 -0.41 6.72 -3.66
N SER A 33 0.81 6.89 -3.17
CA SER A 33 1.08 6.75 -1.75
C SER A 33 -0.01 7.44 -0.92
N LYS A 34 -0.34 8.67 -1.30
CA LYS A 34 -1.37 9.43 -0.60
C LYS A 34 -2.71 8.71 -0.66
N GLN A 35 -3.01 8.11 -1.80
CA GLN A 35 -4.27 7.39 -1.98
C GLN A 35 -4.32 6.15 -1.08
N ILE A 36 -3.30 5.31 -1.19
CA ILE A 36 -3.23 4.09 -0.39
C ILE A 36 -3.26 4.42 1.10
N GLN A 37 -2.36 5.30 1.53
CA GLN A 37 -2.29 5.69 2.94
C GLN A 37 -3.68 5.82 3.54
N GLN A 38 -4.55 6.53 2.84
CA GLN A 38 -5.93 6.73 3.31
C GLN A 38 -6.58 5.40 3.66
N TRP A 39 -6.58 4.48 2.71
CA TRP A 39 -7.19 3.17 2.93
C TRP A 39 -6.62 2.51 4.19
N ILE A 40 -5.30 2.44 4.26
CA ILE A 40 -4.64 1.84 5.42
C ILE A 40 -5.24 2.34 6.73
N GLU A 41 -5.28 3.66 6.89
CA GLU A 41 -5.84 4.26 8.09
C GLU A 41 -7.10 3.53 8.54
N LYS A 42 -7.97 3.22 7.58
CA LYS A 42 -9.21 2.53 7.87
C LYS A 42 -9.01 1.02 7.82
N LYS A 43 -7.86 0.55 8.31
CA LYS A 43 -7.55 -0.87 8.32
C LYS A 43 -8.17 -1.57 7.11
N TYR A 44 -7.91 -1.05 5.92
CA TYR A 44 -8.46 -1.63 4.70
C TYR A 44 -7.39 -2.41 3.94
N HIS A 45 -7.75 -3.58 3.45
CA HIS A 45 -6.82 -4.43 2.71
C HIS A 45 -6.63 -3.90 1.29
N VAL A 46 -5.50 -3.24 1.06
CA VAL A 46 -5.20 -2.69 -0.26
C VAL A 46 -4.32 -3.63 -1.07
N GLN A 47 -4.88 -4.18 -2.15
CA GLN A 47 -4.13 -5.10 -3.00
C GLN A 47 -3.50 -4.36 -4.18
N VAL A 48 -2.18 -4.33 -4.21
CA VAL A 48 -1.45 -3.66 -5.28
C VAL A 48 -0.80 -4.67 -6.23
N THR A 49 -0.82 -4.36 -7.52
CA THR A 49 -0.23 -5.24 -8.53
C THR A 49 0.57 -4.45 -9.55
N ILE A 50 1.85 -4.80 -9.70
CA ILE A 50 2.72 -4.12 -10.64
C ILE A 50 2.85 -4.92 -11.93
N LYS A 51 2.38 -4.34 -13.03
CA LYS A 51 2.46 -4.99 -14.33
C LYS A 51 3.84 -4.84 -14.95
N ARG A 52 4.73 -5.77 -14.63
CA ARG A 52 6.09 -5.73 -15.16
C ARG A 52 6.16 -6.38 -16.55
N ARG A 53 6.78 -5.69 -17.49
CA ARG A 53 6.92 -6.20 -18.85
C ARG A 53 8.35 -6.03 -19.35
N LYS A 54 8.82 -7.02 -20.09
CA LYS A 54 10.18 -6.99 -20.63
C LYS A 54 10.40 -5.72 -21.45
N ASP A 55 9.33 -5.20 -22.05
CA ASP A 55 9.41 -4.00 -22.85
C ASP A 55 10.03 -2.85 -22.05
N ALA A 56 9.75 -2.82 -20.76
CA ALA A 56 10.28 -1.78 -19.88
C ALA A 56 11.74 -2.05 -19.54
N GLU A 57 12.44 -1.01 -19.10
CA GLU A 57 13.85 -1.13 -18.73
C GLU A 57 14.05 -0.98 -17.23
N GLN A 58 13.17 -1.63 -16.46
CA GLN A 58 13.24 -1.56 -15.01
C GLN A 58 13.58 -2.93 -14.41
N SER A 59 14.87 -3.24 -14.35
CA SER A 59 15.33 -4.52 -13.82
C SER A 59 14.43 -4.98 -12.68
N GLU A 60 14.30 -6.29 -12.53
CA GLU A 60 13.47 -6.87 -11.48
C GLU A 60 13.67 -6.11 -10.16
N GLU A 61 14.89 -5.66 -9.92
CA GLU A 61 15.22 -4.93 -8.70
C GLU A 61 14.24 -3.78 -8.48
N GLU A 62 13.95 -3.05 -9.56
CA GLU A 62 13.04 -1.91 -9.49
C GLU A 62 11.65 -2.36 -9.07
N THR A 63 11.11 -3.33 -9.80
CA THR A 63 9.77 -3.85 -9.51
C THR A 63 9.54 -3.96 -8.01
N GLU A 64 10.39 -4.74 -7.34
CA GLU A 64 10.27 -4.92 -5.90
C GLU A 64 10.41 -3.59 -5.16
N GLU A 65 11.48 -2.87 -5.46
CA GLU A 65 11.73 -1.57 -4.83
C GLU A 65 10.46 -0.75 -4.76
N ILE A 66 9.76 -0.66 -5.89
CA ILE A 66 8.51 0.11 -5.97
C ILE A 66 7.73 0.00 -4.67
N PHE A 67 7.22 -1.19 -4.39
CA PHE A 67 6.44 -1.44 -3.17
C PHE A 67 7.03 -0.66 -2.00
N ASN A 68 8.34 -0.80 -1.80
CA ASN A 68 9.01 -0.12 -0.70
C ASN A 68 8.91 1.40 -0.86
N GLN A 69 9.27 1.90 -2.02
CA GLN A 69 9.21 3.33 -2.30
C GLN A 69 7.90 3.92 -1.81
N ILE A 70 6.86 3.10 -1.76
CA ILE A 70 5.55 3.54 -1.30
C ILE A 70 5.41 3.37 0.21
N LEU A 71 6.12 2.40 0.76
CA LEU A 71 6.07 2.12 2.19
C LEU A 71 6.93 3.12 2.96
N GLN A 72 7.76 3.86 2.23
CA GLN A 72 8.63 4.85 2.85
C GLN A 72 7.83 6.05 3.34
N THR A 73 6.57 6.15 2.90
CA THR A 73 5.71 7.24 3.30
C THR A 73 4.79 6.83 4.45
N MET A 74 4.68 5.52 4.66
CA MET A 74 3.83 5.00 5.73
C MET A 74 4.56 3.92 6.52
N PRO A 75 5.83 4.17 6.83
CA PRO A 75 6.66 3.22 7.59
C PRO A 75 6.23 3.09 9.04
N ASP A 76 5.32 3.98 9.46
CA ASP A 76 4.81 3.96 10.83
C ASP A 76 3.30 3.79 10.84
N ILE A 77 2.71 3.66 9.66
CA ILE A 77 1.26 3.49 9.54
C ILE A 77 0.92 2.22 8.77
N ALA A 78 1.88 1.75 7.97
CA ALA A 78 1.68 0.55 7.18
C ALA A 78 2.90 -0.38 7.26
N THR A 79 2.67 -1.66 7.00
CA THR A 79 3.75 -2.65 7.05
C THR A 79 3.50 -3.79 6.07
N PHE A 80 4.55 -4.22 5.39
CA PHE A 80 4.44 -5.30 4.42
C PHE A 80 3.60 -6.44 4.97
N SER A 81 2.38 -6.57 4.47
CA SER A 81 1.47 -7.62 4.91
C SER A 81 1.79 -8.94 4.23
N SER A 82 1.65 -8.96 2.91
CA SER A 82 1.91 -10.17 2.13
C SER A 82 3.10 -9.96 1.20
N ARG A 83 4.28 -10.39 1.64
CA ARG A 83 5.49 -10.25 0.85
C ARG A 83 5.19 -10.39 -0.64
N PRO A 84 5.76 -9.49 -1.45
CA PRO A 84 5.57 -9.49 -2.91
C PRO A 84 6.25 -10.69 -3.58
N LYS A 85 5.44 -11.55 -4.19
CA LYS A 85 5.96 -12.73 -4.87
C LYS A 85 5.65 -12.67 -6.37
N ALA A 86 6.34 -13.51 -7.14
CA ALA A 86 6.13 -13.56 -8.58
C ALA A 86 4.79 -14.18 -8.92
N ILE A 87 4.02 -13.50 -9.78
CA ILE A 87 2.72 -14.00 -10.19
C ILE A 87 2.59 -14.02 -11.71
N ARG A 88 1.54 -14.68 -12.19
CA ARG A 88 1.30 -14.77 -13.63
C ARG A 88 2.59 -15.11 -14.38
N GLY A 89 3.26 -16.17 -13.92
CA GLY A 89 4.50 -16.58 -14.55
C GLY A 89 5.69 -15.77 -14.10
N GLY A 90 5.46 -14.89 -13.13
CA GLY A 90 6.53 -14.05 -12.63
C GLY A 90 6.69 -12.75 -13.40
N THR A 91 5.80 -12.55 -14.37
CA THR A 91 5.84 -11.34 -15.20
C THR A 91 5.36 -10.13 -14.42
N ALA A 92 4.70 -10.37 -13.28
CA ALA A 92 4.20 -9.29 -12.45
C ALA A 92 4.21 -9.69 -10.98
N SER A 93 4.26 -8.69 -10.10
CA SER A 93 4.28 -8.94 -8.66
C SER A 93 3.04 -8.37 -7.99
N MET A 94 2.53 -9.06 -6.99
CA MET A 94 1.34 -8.62 -6.26
C MET A 94 1.54 -8.73 -4.76
N CYS A 95 1.18 -7.69 -4.04
CA CYS A 95 1.33 -7.66 -2.58
C CYS A 95 0.26 -6.78 -1.94
N VAL A 96 0.01 -7.01 -0.66
CA VAL A 96 -0.98 -6.23 0.08
C VAL A 96 -0.34 -5.39 1.17
N PHE A 97 -0.99 -4.29 1.53
CA PHE A 97 -0.47 -3.39 2.55
C PHE A 97 -1.40 -3.37 3.77
N ARG A 98 -0.87 -3.74 4.92
CA ARG A 98 -1.64 -3.75 6.16
C ARG A 98 -1.17 -2.65 7.11
N HIS A 99 -2.03 -2.30 8.06
CA HIS A 99 -1.72 -1.26 9.03
C HIS A 99 -1.48 -1.87 10.42
N LEU A 100 -0.64 -1.21 11.20
CA LEU A 100 -0.32 -1.69 12.55
C LEU A 100 -1.53 -1.54 13.48
N SER A 101 -2.31 -2.60 13.59
CA SER A 101 -3.50 -2.58 14.44
C SER A 101 -3.12 -2.82 15.89
N LYS A 102 -2.50 -3.96 16.16
CA LYS A 102 -2.09 -4.31 17.52
C LYS A 102 -0.59 -4.59 17.58
N LYS A 103 -0.12 -5.41 16.65
CA LYS A 103 1.30 -5.76 16.59
C LYS A 103 2.11 -4.64 15.94
N GLU A 104 3.25 -4.31 16.56
CA GLU A 104 4.11 -3.25 16.05
C GLU A 104 3.38 -1.91 16.03
N GLU A 105 2.54 -1.69 17.03
CA GLU A 105 1.78 -0.45 17.13
C GLU A 105 1.90 0.15 18.53
N LYS A 106 1.52 -0.63 19.54
CA LYS A 106 1.59 -0.17 20.92
C LYS A 106 0.67 1.03 21.15
N SER A 107 -0.53 0.96 20.59
CA SER A 107 -1.50 2.04 20.73
C SER A 107 -2.54 1.71 21.78
N GLY A 108 -2.44 2.36 22.93
CA GLY A 108 -3.38 2.12 24.01
C GLY A 108 -2.73 2.16 25.38
N PRO A 109 -3.45 1.67 26.40
CA PRO A 109 -2.95 1.65 27.77
C PRO A 109 -1.81 0.65 27.97
N SER A 110 -0.98 0.89 28.98
CA SER A 110 0.14 0.02 29.27
C SER A 110 -0.11 -0.82 30.52
N SER A 111 -0.63 -0.17 31.56
CA SER A 111 -0.93 -0.85 32.81
C SER A 111 -1.69 -2.15 32.56
N GLY A 112 -1.03 -3.27 32.83
CA GLY A 112 -1.64 -4.56 32.64
C GLY A 112 -2.85 -4.77 33.53
N GLY A 1 -25.92 24.14 21.37
CA GLY A 1 -25.86 23.51 20.06
C GLY A 1 -24.67 22.58 19.93
N SER A 2 -23.80 22.87 18.96
CA SER A 2 -22.62 22.04 18.72
C SER A 2 -23.02 20.59 18.51
N SER A 3 -23.97 20.36 17.61
CA SER A 3 -24.45 19.01 17.31
C SER A 3 -24.38 18.73 15.82
N GLY A 4 -23.79 17.60 15.46
CA GLY A 4 -23.66 17.22 14.06
C GLY A 4 -24.26 15.87 13.77
N SER A 5 -25.55 15.85 13.45
CA SER A 5 -26.25 14.60 13.15
C SER A 5 -25.52 13.81 12.07
N SER A 6 -25.06 12.62 12.41
CA SER A 6 -24.35 11.77 11.47
C SER A 6 -24.78 10.32 11.60
N GLY A 7 -24.31 9.48 10.68
CA GLY A 7 -24.67 8.07 10.71
C GLY A 7 -23.69 7.22 9.93
N PRO A 8 -22.43 7.21 10.36
CA PRO A 8 -21.37 6.43 9.71
C PRO A 8 -21.55 4.93 9.91
N LYS A 9 -21.66 4.19 8.80
CA LYS A 9 -21.84 2.74 8.87
C LYS A 9 -20.65 2.03 8.24
N THR A 10 -20.62 0.71 8.38
CA THR A 10 -19.54 -0.10 7.82
C THR A 10 -20.07 -1.39 7.21
N GLY A 11 -19.74 -1.61 5.94
CA GLY A 11 -20.19 -2.81 5.26
C GLY A 11 -19.37 -4.03 5.63
N PRO A 12 -20.01 -5.22 5.58
CA PRO A 12 -19.35 -6.48 5.91
C PRO A 12 -18.33 -6.89 4.87
N THR A 13 -18.35 -6.21 3.73
CA THR A 13 -17.42 -6.50 2.64
C THR A 13 -16.90 -5.23 1.99
N MET A 14 -15.60 -4.99 2.12
CA MET A 14 -14.98 -3.80 1.55
C MET A 14 -13.48 -4.00 1.40
N THR A 15 -13.01 -4.13 0.16
CA THR A 15 -11.61 -4.32 -0.12
C THR A 15 -11.15 -3.44 -1.28
N LYS A 16 -10.01 -2.78 -1.10
CA LYS A 16 -9.46 -1.90 -2.14
C LYS A 16 -8.39 -2.63 -2.95
N GLU A 17 -8.25 -2.24 -4.21
CA GLU A 17 -7.26 -2.84 -5.10
C GLU A 17 -6.68 -1.81 -6.05
N LEU A 18 -5.36 -1.65 -6.00
CA LEU A 18 -4.67 -0.70 -6.87
C LEU A 18 -3.79 -1.41 -7.88
N VAL A 19 -3.92 -1.03 -9.15
CA VAL A 19 -3.12 -1.63 -10.22
C VAL A 19 -2.47 -0.56 -11.08
N PHE A 20 -1.14 -0.56 -11.11
CA PHE A 20 -0.41 0.42 -11.90
C PHE A 20 0.88 -0.20 -12.47
N SER A 21 1.68 0.61 -13.13
CA SER A 21 2.93 0.14 -13.72
C SER A 21 4.12 0.56 -12.87
N SER A 22 5.26 -0.07 -13.12
CA SER A 22 6.48 0.22 -12.37
C SER A 22 7.17 1.47 -12.93
N ASN A 23 6.61 2.03 -14.00
CA ASN A 23 7.17 3.22 -14.62
C ASN A 23 6.36 4.45 -14.25
N ILE A 24 5.43 4.29 -13.31
CA ILE A 24 4.59 5.39 -12.87
C ILE A 24 5.43 6.64 -12.59
N GLY A 25 6.53 6.46 -11.87
CA GLY A 25 7.40 7.58 -11.54
C GLY A 25 7.21 8.06 -10.12
N GLN A 26 8.08 8.96 -9.69
CA GLN A 26 8.01 9.51 -8.33
C GLN A 26 6.89 10.55 -8.22
N HIS A 27 6.92 11.53 -9.11
CA HIS A 27 5.91 12.58 -9.11
C HIS A 27 4.51 11.99 -9.16
N ASP A 28 4.33 10.98 -10.01
CA ASP A 28 3.03 10.33 -10.16
C ASP A 28 2.74 9.44 -8.94
N LEU A 29 3.60 8.45 -8.72
CA LEU A 29 3.43 7.53 -7.60
C LEU A 29 3.01 8.28 -6.33
N ASP A 30 3.50 9.51 -6.19
CA ASP A 30 3.18 10.32 -5.03
C ASP A 30 1.69 10.26 -4.72
N THR A 31 0.87 10.46 -5.75
CA THR A 31 -0.58 10.43 -5.59
C THR A 31 -1.05 9.07 -5.10
N LYS A 32 -0.60 8.01 -5.77
CA LYS A 32 -0.98 6.65 -5.41
C LYS A 32 -0.74 6.41 -3.93
N SER A 33 0.42 6.81 -3.43
CA SER A 33 0.78 6.63 -2.03
C SER A 33 -0.33 7.15 -1.13
N LYS A 34 -0.74 8.39 -1.35
CA LYS A 34 -1.79 9.01 -0.56
C LYS A 34 -3.09 8.20 -0.64
N GLN A 35 -3.55 7.97 -1.87
CA GLN A 35 -4.78 7.21 -2.07
C GLN A 35 -4.77 5.92 -1.26
N ILE A 36 -3.64 5.23 -1.25
CA ILE A 36 -3.49 3.99 -0.51
C ILE A 36 -3.55 4.24 0.99
N GLN A 37 -2.77 5.22 1.45
CA GLN A 37 -2.74 5.56 2.87
C GLN A 37 -4.15 5.79 3.41
N GLN A 38 -4.91 6.65 2.74
CA GLN A 38 -6.27 6.95 3.16
C GLN A 38 -7.03 5.67 3.48
N TRP A 39 -6.88 4.66 2.64
CA TRP A 39 -7.56 3.39 2.83
C TRP A 39 -6.99 2.65 4.05
N ILE A 40 -5.69 2.37 4.00
CA ILE A 40 -5.02 1.68 5.09
C ILE A 40 -5.50 2.17 6.44
N GLU A 41 -5.70 3.48 6.54
CA GLU A 41 -6.16 4.10 7.79
C GLU A 41 -7.37 3.36 8.34
N LYS A 42 -8.29 3.00 7.45
CA LYS A 42 -9.50 2.28 7.85
C LYS A 42 -9.29 0.78 7.80
N LYS A 43 -8.10 0.34 8.20
CA LYS A 43 -7.77 -1.08 8.19
C LYS A 43 -8.32 -1.77 6.95
N TYR A 44 -8.08 -1.16 5.79
CA TYR A 44 -8.56 -1.71 4.53
C TYR A 44 -7.44 -2.46 3.81
N HIS A 45 -7.75 -3.65 3.32
CA HIS A 45 -6.78 -4.47 2.60
C HIS A 45 -6.59 -3.96 1.18
N VAL A 46 -5.49 -3.26 0.94
CA VAL A 46 -5.18 -2.73 -0.38
C VAL A 46 -4.28 -3.67 -1.17
N GLN A 47 -4.79 -4.17 -2.29
CA GLN A 47 -4.03 -5.08 -3.13
C GLN A 47 -3.31 -4.33 -4.24
N VAL A 48 -1.98 -4.35 -4.20
CA VAL A 48 -1.17 -3.67 -5.20
C VAL A 48 -0.56 -4.67 -6.18
N THR A 49 -0.76 -4.42 -7.47
CA THR A 49 -0.23 -5.29 -8.51
C THR A 49 0.53 -4.49 -9.57
N ILE A 50 1.86 -4.58 -9.52
CA ILE A 50 2.70 -3.85 -10.47
C ILE A 50 2.88 -4.66 -11.75
N LYS A 51 2.46 -4.08 -12.87
CA LYS A 51 2.59 -4.73 -14.17
C LYS A 51 3.98 -4.55 -14.75
N ARG A 52 4.76 -5.62 -14.80
CA ARG A 52 6.11 -5.57 -15.33
C ARG A 52 6.17 -6.19 -16.72
N ARG A 53 7.06 -5.68 -17.57
CA ARG A 53 7.22 -6.18 -18.92
C ARG A 53 8.37 -7.18 -18.99
N LYS A 54 8.62 -7.70 -20.19
CA LYS A 54 9.69 -8.67 -20.40
C LYS A 54 10.92 -7.99 -21.00
N ASP A 55 10.69 -6.98 -21.83
CA ASP A 55 11.77 -6.25 -22.47
C ASP A 55 11.65 -4.75 -22.22
N ALA A 56 11.26 -4.39 -21.00
CA ALA A 56 11.09 -2.99 -20.63
C ALA A 56 12.44 -2.36 -20.28
N GLU A 57 13.47 -2.70 -21.03
CA GLU A 57 14.80 -2.17 -20.80
C GLU A 57 15.02 -1.88 -19.32
N GLN A 58 14.55 -2.78 -18.47
CA GLN A 58 14.69 -2.62 -17.03
C GLN A 58 14.97 -3.96 -16.35
N SER A 59 15.21 -3.92 -15.04
CA SER A 59 15.50 -5.12 -14.28
C SER A 59 14.39 -5.41 -13.27
N GLU A 60 14.30 -6.66 -12.84
CA GLU A 60 13.28 -7.06 -11.87
C GLU A 60 13.37 -6.20 -10.61
N GLU A 61 14.59 -5.79 -10.26
CA GLU A 61 14.80 -4.97 -9.07
C GLU A 61 13.89 -3.75 -9.08
N GLU A 62 13.91 -3.01 -10.19
CA GLU A 62 13.09 -1.81 -10.33
C GLU A 62 11.65 -2.09 -9.87
N THR A 63 11.14 -3.25 -10.24
CA THR A 63 9.77 -3.64 -9.88
C THR A 63 9.60 -3.67 -8.37
N GLU A 64 10.47 -4.41 -7.69
CA GLU A 64 10.41 -4.52 -6.24
C GLU A 64 10.63 -3.16 -5.58
N GLU A 65 11.66 -2.45 -6.02
CA GLU A 65 11.96 -1.14 -5.47
C GLU A 65 10.69 -0.36 -5.16
N ILE A 66 9.70 -0.49 -6.04
CA ILE A 66 8.42 0.19 -5.87
C ILE A 66 7.83 -0.06 -4.48
N PHE A 67 7.52 -1.33 -4.20
CA PHE A 67 6.97 -1.71 -2.90
C PHE A 67 7.62 -0.93 -1.78
N ASN A 68 8.95 -0.91 -1.77
CA ASN A 68 9.70 -0.20 -0.74
C ASN A 68 9.40 1.30 -0.78
N GLN A 69 9.72 1.93 -1.89
CA GLN A 69 9.47 3.36 -2.06
C GLN A 69 8.14 3.76 -1.44
N ILE A 70 7.06 3.17 -1.94
CA ILE A 70 5.72 3.46 -1.44
C ILE A 70 5.65 3.28 0.07
N LEU A 71 6.38 2.29 0.57
CA LEU A 71 6.39 2.00 2.00
C LEU A 71 7.11 3.11 2.77
N GLN A 72 8.05 3.77 2.09
CA GLN A 72 8.81 4.85 2.71
C GLN A 72 7.90 6.02 3.08
N THR A 73 6.63 5.93 2.68
CA THR A 73 5.66 6.97 2.97
C THR A 73 4.83 6.62 4.21
N MET A 74 4.65 5.33 4.44
CA MET A 74 3.89 4.86 5.59
C MET A 74 4.68 3.84 6.40
N PRO A 75 5.97 4.15 6.65
CA PRO A 75 6.86 3.28 7.41
C PRO A 75 6.50 3.22 8.89
N ASP A 76 5.51 4.02 9.28
CA ASP A 76 5.07 4.06 10.66
C ASP A 76 3.54 3.91 10.75
N ILE A 77 2.89 3.87 9.59
CA ILE A 77 1.44 3.73 9.54
C ILE A 77 1.04 2.47 8.77
N ALA A 78 1.97 1.95 7.97
CA ALA A 78 1.71 0.75 7.20
C ALA A 78 2.89 -0.20 7.23
N THR A 79 2.64 -1.47 6.95
CA THR A 79 3.69 -2.48 6.96
C THR A 79 3.38 -3.61 5.97
N PHE A 80 4.43 -4.29 5.51
CA PHE A 80 4.27 -5.38 4.56
C PHE A 80 3.30 -6.43 5.10
N SER A 81 2.12 -6.49 4.52
CA SER A 81 1.09 -7.44 4.94
C SER A 81 1.32 -8.80 4.29
N SER A 82 1.44 -8.81 2.97
CA SER A 82 1.67 -10.05 2.23
C SER A 82 2.90 -9.93 1.34
N ARG A 83 4.00 -10.53 1.79
CA ARG A 83 5.25 -10.50 1.04
C ARG A 83 4.98 -10.53 -0.46
N PRO A 84 5.74 -9.71 -1.21
CA PRO A 84 5.61 -9.62 -2.67
C PRO A 84 6.09 -10.88 -3.37
N LYS A 85 5.15 -11.66 -3.89
CA LYS A 85 5.49 -12.89 -4.60
C LYS A 85 5.44 -12.69 -6.11
N ALA A 86 5.98 -13.65 -6.85
CA ALA A 86 5.99 -13.58 -8.30
C ALA A 86 4.68 -14.08 -8.89
N ILE A 87 3.96 -13.19 -9.56
CA ILE A 87 2.68 -13.56 -10.18
C ILE A 87 2.69 -13.27 -11.67
N ARG A 88 1.63 -13.70 -12.36
CA ARG A 88 1.53 -13.50 -13.80
C ARG A 88 2.59 -14.29 -14.55
N GLY A 89 2.90 -15.48 -14.05
CA GLY A 89 3.91 -16.31 -14.69
C GLY A 89 5.31 -15.82 -14.43
N GLY A 90 5.55 -15.30 -13.23
CA GLY A 90 6.86 -14.80 -12.88
C GLY A 90 7.23 -13.55 -13.65
N THR A 91 6.27 -12.65 -13.81
CA THR A 91 6.49 -11.41 -14.55
C THR A 91 6.13 -10.20 -13.69
N ALA A 92 4.93 -10.21 -13.13
CA ALA A 92 4.46 -9.12 -12.29
C ALA A 92 4.49 -9.50 -10.82
N SER A 93 4.65 -8.51 -9.95
CA SER A 93 4.71 -8.74 -8.51
C SER A 93 3.46 -8.19 -7.83
N MET A 94 2.94 -8.93 -6.86
CA MET A 94 1.75 -8.52 -6.13
C MET A 94 2.00 -8.55 -4.62
N CYS A 95 1.42 -7.60 -3.91
CA CYS A 95 1.58 -7.51 -2.47
C CYS A 95 0.45 -6.70 -1.84
N VAL A 96 0.27 -6.87 -0.53
CA VAL A 96 -0.79 -6.15 0.19
C VAL A 96 -0.20 -5.33 1.33
N PHE A 97 -0.93 -4.30 1.75
CA PHE A 97 -0.49 -3.44 2.83
C PHE A 97 -1.52 -3.40 3.96
N ARG A 98 -1.05 -3.30 5.19
CA ARG A 98 -1.92 -3.25 6.35
C ARG A 98 -1.44 -2.22 7.36
N HIS A 99 -2.29 -1.90 8.33
CA HIS A 99 -1.95 -0.92 9.37
C HIS A 99 -1.20 -1.59 10.51
N LEU A 100 -0.11 -0.95 10.95
CA LEU A 100 0.69 -1.49 12.04
C LEU A 100 -0.15 -1.71 13.29
N SER A 101 0.32 -2.58 14.17
CA SER A 101 -0.40 -2.89 15.41
C SER A 101 -0.07 -1.87 16.49
N LYS A 102 -1.08 -1.49 17.27
CA LYS A 102 -0.90 -0.53 18.34
C LYS A 102 0.45 -0.71 19.02
N LYS A 103 0.74 -1.94 19.44
CA LYS A 103 2.00 -2.25 20.09
C LYS A 103 3.16 -1.49 19.44
N GLU A 104 3.18 -1.51 18.11
CA GLU A 104 4.23 -0.83 17.35
C GLU A 104 3.91 0.66 17.18
N GLU A 105 2.75 0.94 16.59
CA GLU A 105 2.33 2.32 16.38
C GLU A 105 1.61 2.88 17.60
N LYS A 106 2.14 3.97 18.14
CA LYS A 106 1.55 4.60 19.32
C LYS A 106 0.97 5.97 18.97
N SER A 107 0.04 6.44 19.80
CA SER A 107 -0.60 7.72 19.57
C SER A 107 -1.02 7.88 18.11
N GLY A 108 -1.47 6.78 17.51
CA GLY A 108 -1.89 6.82 16.12
C GLY A 108 -3.35 7.22 15.98
N PRO A 109 -4.26 6.26 16.20
CA PRO A 109 -5.70 6.49 16.09
C PRO A 109 -6.23 7.38 17.20
N SER A 110 -6.65 8.58 16.85
CA SER A 110 -7.17 9.54 17.82
C SER A 110 -8.66 9.79 17.59
N SER A 111 -9.46 9.60 18.64
CA SER A 111 -10.90 9.80 18.55
C SER A 111 -11.46 9.17 17.27
N GLY A 112 -10.96 7.99 16.93
CA GLY A 112 -11.42 7.30 15.74
C GLY A 112 -12.70 6.54 15.97
N GLY A 1 -14.15 27.91 3.25
CA GLY A 1 -15.38 27.16 3.46
C GLY A 1 -15.31 26.26 4.68
N SER A 2 -16.33 26.32 5.52
CA SER A 2 -16.38 25.50 6.72
C SER A 2 -17.81 25.07 7.03
N SER A 3 -17.96 23.87 7.59
CA SER A 3 -19.27 23.34 7.94
C SER A 3 -19.15 22.02 8.69
N GLY A 4 -20.27 21.53 9.20
CA GLY A 4 -20.26 20.28 9.94
C GLY A 4 -21.34 19.33 9.46
N SER A 5 -20.97 18.08 9.21
CA SER A 5 -21.90 17.07 8.74
C SER A 5 -21.60 15.71 9.37
N SER A 6 -22.65 15.04 9.84
CA SER A 6 -22.49 13.73 10.47
C SER A 6 -23.27 12.67 9.69
N GLY A 7 -22.99 11.40 10.00
CA GLY A 7 -23.67 10.30 9.33
C GLY A 7 -22.70 9.29 8.76
N PRO A 8 -22.07 8.50 9.65
CA PRO A 8 -21.11 7.48 9.25
C PRO A 8 -21.78 6.30 8.55
N LYS A 9 -21.00 5.55 7.78
CA LYS A 9 -21.51 4.39 7.06
C LYS A 9 -20.66 3.16 7.33
N THR A 10 -21.32 2.01 7.43
CA THR A 10 -20.63 0.75 7.69
C THR A 10 -20.86 -0.25 6.57
N GLY A 11 -20.02 -1.29 6.52
CA GLY A 11 -20.16 -2.29 5.48
C GLY A 11 -19.64 -3.64 5.93
N PRO A 12 -20.24 -4.72 5.38
CA PRO A 12 -19.85 -6.10 5.72
C PRO A 12 -18.47 -6.46 5.18
N THR A 13 -18.07 -5.77 4.10
CA THR A 13 -16.78 -6.03 3.48
C THR A 13 -16.34 -4.85 2.62
N MET A 14 -15.08 -4.45 2.74
CA MET A 14 -14.54 -3.34 1.96
C MET A 14 -13.08 -3.58 1.61
N THR A 15 -12.78 -3.60 0.32
CA THR A 15 -11.41 -3.81 -0.15
C THR A 15 -11.06 -2.86 -1.27
N LYS A 16 -9.86 -2.27 -1.20
CA LYS A 16 -9.41 -1.33 -2.21
C LYS A 16 -8.00 -1.69 -2.68
N GLU A 17 -7.87 -1.94 -3.99
CA GLU A 17 -6.58 -2.29 -4.56
C GLU A 17 -6.09 -1.21 -5.52
N LEU A 18 -4.84 -1.32 -5.95
CA LEU A 18 -4.25 -0.35 -6.87
C LEU A 18 -3.19 -1.01 -7.76
N VAL A 19 -3.18 -0.60 -9.02
CA VAL A 19 -2.21 -1.16 -9.98
C VAL A 19 -1.80 -0.10 -11.00
N PHE A 20 -0.54 -0.16 -11.42
CA PHE A 20 -0.02 0.78 -12.39
C PHE A 20 1.21 0.21 -13.11
N SER A 21 1.63 0.88 -14.17
CA SER A 21 2.78 0.45 -14.95
C SER A 21 4.09 0.77 -14.23
N SER A 22 5.04 -0.14 -14.30
CA SER A 22 6.34 0.06 -13.66
C SER A 22 6.97 1.37 -14.11
N ASN A 23 6.46 1.93 -15.20
CA ASN A 23 6.98 3.18 -15.72
C ASN A 23 6.11 4.36 -15.28
N ILE A 24 5.35 4.15 -14.21
CA ILE A 24 4.48 5.20 -13.68
C ILE A 24 5.27 6.47 -13.38
N GLY A 25 6.39 6.32 -12.69
CA GLY A 25 7.22 7.45 -12.36
C GLY A 25 7.14 7.82 -10.88
N GLN A 26 8.07 8.64 -10.42
CA GLN A 26 8.10 9.06 -9.03
C GLN A 26 7.08 10.16 -8.77
N HIS A 27 6.91 11.06 -9.74
CA HIS A 27 5.97 12.16 -9.62
C HIS A 27 4.53 11.63 -9.60
N ASP A 28 4.26 10.61 -10.41
CA ASP A 28 2.94 10.02 -10.48
C ASP A 28 2.67 9.13 -9.26
N LEU A 29 3.57 8.19 -9.02
CA LEU A 29 3.43 7.27 -7.89
C LEU A 29 3.17 8.04 -6.60
N ASP A 30 3.81 9.20 -6.46
CA ASP A 30 3.65 10.02 -5.27
C ASP A 30 2.17 10.10 -4.87
N THR A 31 1.33 10.56 -5.79
CA THR A 31 -0.10 10.68 -5.52
C THR A 31 -0.68 9.35 -5.07
N LYS A 32 -0.50 8.32 -5.88
CA LYS A 32 -1.01 6.99 -5.56
C LYS A 32 -0.82 6.68 -4.07
N SER A 33 0.41 6.86 -3.59
CA SER A 33 0.73 6.58 -2.19
C SER A 33 -0.33 7.20 -1.27
N LYS A 34 -0.52 8.51 -1.39
CA LYS A 34 -1.50 9.22 -0.57
C LYS A 34 -2.86 8.54 -0.65
N GLN A 35 -3.26 8.16 -1.86
CA GLN A 35 -4.54 7.50 -2.07
C GLN A 35 -4.62 6.19 -1.28
N ILE A 36 -3.57 5.39 -1.37
CA ILE A 36 -3.52 4.11 -0.65
C ILE A 36 -3.64 4.32 0.85
N GLN A 37 -2.85 5.24 1.38
CA GLN A 37 -2.87 5.53 2.81
C GLN A 37 -4.30 5.67 3.32
N GLN A 38 -5.10 6.47 2.62
CA GLN A 38 -6.49 6.69 3.01
C GLN A 38 -7.17 5.37 3.34
N TRP A 39 -6.79 4.32 2.62
CA TRP A 39 -7.37 2.99 2.83
C TRP A 39 -6.84 2.38 4.11
N ILE A 40 -5.54 2.09 4.14
CA ILE A 40 -4.91 1.50 5.32
C ILE A 40 -5.51 2.05 6.60
N GLU A 41 -5.88 3.33 6.58
CA GLU A 41 -6.46 3.99 7.73
C GLU A 41 -7.57 3.13 8.34
N LYS A 42 -8.50 2.70 7.49
CA LYS A 42 -9.61 1.87 7.95
C LYS A 42 -9.23 0.40 7.98
N LYS A 43 -7.93 0.13 8.11
CA LYS A 43 -7.43 -1.24 8.15
C LYS A 43 -8.02 -2.06 7.02
N TYR A 44 -7.97 -1.53 5.80
CA TYR A 44 -8.50 -2.22 4.64
C TYR A 44 -7.39 -2.94 3.88
N HIS A 45 -7.64 -4.20 3.52
CA HIS A 45 -6.67 -5.00 2.79
C HIS A 45 -6.39 -4.39 1.42
N VAL A 46 -5.26 -3.70 1.30
CA VAL A 46 -4.88 -3.07 0.04
C VAL A 46 -3.97 -3.99 -0.77
N GLN A 47 -4.51 -4.54 -1.85
CA GLN A 47 -3.75 -5.43 -2.72
C GLN A 47 -3.19 -4.68 -3.93
N VAL A 48 -1.91 -4.34 -3.87
CA VAL A 48 -1.26 -3.63 -4.96
C VAL A 48 -0.71 -4.59 -6.01
N THR A 49 -0.73 -4.16 -7.26
CA THR A 49 -0.24 -4.99 -8.36
C THR A 49 0.54 -4.16 -9.37
N ILE A 50 1.73 -4.62 -9.72
CA ILE A 50 2.57 -3.92 -10.69
C ILE A 50 2.75 -4.74 -11.97
N LYS A 51 2.61 -4.07 -13.10
CA LYS A 51 2.75 -4.73 -14.39
C LYS A 51 4.05 -4.32 -15.07
N ARG A 52 4.71 -5.28 -15.72
CA ARG A 52 5.97 -5.02 -16.41
C ARG A 52 5.78 -5.11 -17.92
N ARG A 53 6.88 -4.94 -18.65
CA ARG A 53 6.84 -5.00 -20.11
C ARG A 53 8.03 -5.79 -20.65
N LYS A 54 7.85 -6.40 -21.82
CA LYS A 54 8.90 -7.19 -22.44
C LYS A 54 10.21 -6.41 -22.49
N ASP A 55 11.32 -7.13 -22.57
CA ASP A 55 12.63 -6.51 -22.63
C ASP A 55 12.70 -5.30 -21.71
N ALA A 56 11.98 -5.37 -20.59
CA ALA A 56 11.97 -4.28 -19.62
C ALA A 56 13.37 -3.94 -19.14
N GLU A 57 13.92 -2.85 -19.67
CA GLU A 57 15.27 -2.42 -19.29
C GLU A 57 15.55 -2.73 -17.83
N GLN A 58 14.97 -1.92 -16.94
CA GLN A 58 15.16 -2.11 -15.51
C GLN A 58 14.92 -3.56 -15.10
N SER A 59 15.89 -4.14 -14.41
CA SER A 59 15.79 -5.54 -13.97
C SER A 59 14.53 -5.75 -13.14
N GLU A 60 14.23 -7.01 -12.84
CA GLU A 60 13.05 -7.35 -12.06
C GLU A 60 13.18 -6.84 -10.62
N GLU A 61 14.41 -6.89 -10.09
CA GLU A 61 14.67 -6.43 -8.73
C GLU A 61 14.18 -5.00 -8.54
N GLU A 62 14.26 -4.20 -9.60
CA GLU A 62 13.83 -2.81 -9.54
C GLU A 62 12.32 -2.71 -9.32
N THR A 63 11.59 -3.70 -9.81
CA THR A 63 10.14 -3.73 -9.65
C THR A 63 9.75 -3.82 -8.18
N GLU A 64 10.64 -4.35 -7.36
CA GLU A 64 10.38 -4.49 -5.93
C GLU A 64 10.45 -3.14 -5.24
N GLU A 65 11.49 -2.37 -5.53
CA GLU A 65 11.66 -1.06 -4.94
C GLU A 65 10.34 -0.29 -4.90
N ILE A 66 9.55 -0.44 -5.95
CA ILE A 66 8.26 0.23 -6.03
C ILE A 66 7.49 0.12 -4.72
N PHE A 67 7.19 -1.11 -4.33
CA PHE A 67 6.46 -1.36 -3.09
C PHE A 67 7.03 -0.54 -1.95
N ASN A 68 8.36 -0.51 -1.86
CA ASN A 68 9.04 0.25 -0.81
C ASN A 68 8.72 1.73 -0.92
N GLN A 69 8.95 2.29 -2.10
CA GLN A 69 8.69 3.71 -2.34
C GLN A 69 7.31 4.11 -1.81
N ILE A 70 6.37 3.18 -1.88
CA ILE A 70 5.01 3.44 -1.41
C ILE A 70 4.92 3.29 0.10
N LEU A 71 5.70 2.37 0.65
CA LEU A 71 5.71 2.13 2.10
C LEU A 71 6.46 3.24 2.83
N GLN A 72 7.38 3.90 2.11
CA GLN A 72 8.17 4.97 2.69
C GLN A 72 7.28 6.13 3.13
N THR A 73 6.01 6.08 2.73
CA THR A 73 5.05 7.11 3.08
C THR A 73 4.23 6.72 4.30
N MET A 74 4.11 5.41 4.54
CA MET A 74 3.35 4.90 5.68
C MET A 74 4.19 3.93 6.49
N PRO A 75 5.45 4.29 6.75
CA PRO A 75 6.38 3.45 7.51
C PRO A 75 6.01 3.37 8.99
N ASP A 76 5.03 4.19 9.39
CA ASP A 76 4.58 4.22 10.78
C ASP A 76 3.07 3.97 10.86
N ILE A 77 2.45 3.77 9.70
CA ILE A 77 1.01 3.51 9.64
C ILE A 77 0.71 2.22 8.91
N ALA A 78 1.68 1.75 8.12
CA ALA A 78 1.52 0.51 7.36
C ALA A 78 2.81 -0.27 7.31
N THR A 79 2.71 -1.58 7.05
CA THR A 79 3.87 -2.44 6.99
C THR A 79 3.65 -3.59 6.01
N PHE A 80 4.74 -4.12 5.46
CA PHE A 80 4.66 -5.21 4.51
C PHE A 80 3.88 -6.39 5.09
N SER A 81 2.65 -6.57 4.62
CA SER A 81 1.79 -7.65 5.10
C SER A 81 2.03 -8.92 4.30
N SER A 82 1.93 -8.81 2.98
CA SER A 82 2.12 -9.96 2.10
C SER A 82 3.28 -9.71 1.13
N ARG A 83 4.44 -10.25 1.46
CA ARG A 83 5.63 -10.08 0.62
C ARG A 83 5.25 -10.12 -0.86
N PRO A 84 5.80 -9.17 -1.62
CA PRO A 84 5.55 -9.06 -3.06
C PRO A 84 6.18 -10.20 -3.85
N LYS A 85 5.44 -11.29 -4.03
CA LYS A 85 5.92 -12.45 -4.76
C LYS A 85 5.63 -12.31 -6.25
N ALA A 86 6.22 -13.19 -7.05
CA ALA A 86 6.01 -13.17 -8.49
C ALA A 86 4.67 -13.78 -8.85
N ILE A 87 3.92 -13.07 -9.70
CA ILE A 87 2.61 -13.53 -10.14
C ILE A 87 2.54 -13.67 -11.65
N ARG A 88 1.52 -14.36 -12.14
CA ARG A 88 1.35 -14.55 -13.58
C ARG A 88 2.65 -14.98 -14.23
N GLY A 89 3.38 -15.88 -13.58
CA GLY A 89 4.63 -16.35 -14.11
C GLY A 89 5.83 -15.61 -13.54
N GLY A 90 5.62 -14.34 -13.19
CA GLY A 90 6.69 -13.54 -12.62
C GLY A 90 6.73 -12.14 -13.20
N THR A 91 6.24 -12.00 -14.43
CA THR A 91 6.22 -10.71 -15.10
C THR A 91 5.66 -9.62 -14.19
N ALA A 92 4.63 -9.97 -13.43
CA ALA A 92 4.00 -9.02 -12.51
C ALA A 92 4.20 -9.46 -11.06
N SER A 93 3.84 -8.57 -10.13
CA SER A 93 4.00 -8.85 -8.71
C SER A 93 2.76 -8.41 -7.94
N MET A 94 2.51 -9.05 -6.80
CA MET A 94 1.36 -8.71 -5.97
C MET A 94 1.74 -8.69 -4.49
N CYS A 95 1.28 -7.67 -3.78
CA CYS A 95 1.57 -7.52 -2.36
C CYS A 95 0.43 -6.80 -1.64
N VAL A 96 0.31 -7.08 -0.34
CA VAL A 96 -0.74 -6.46 0.46
C VAL A 96 -0.14 -5.61 1.58
N PHE A 97 -0.84 -4.53 1.93
CA PHE A 97 -0.38 -3.63 2.97
C PHE A 97 -1.35 -3.62 4.15
N ARG A 98 -0.81 -3.72 5.36
CA ARG A 98 -1.63 -3.72 6.57
C ARG A 98 -1.13 -2.69 7.58
N HIS A 99 -2.00 -2.29 8.49
CA HIS A 99 -1.64 -1.31 9.51
C HIS A 99 -0.90 -1.97 10.66
N LEU A 100 0.06 -1.24 11.23
CA LEU A 100 0.85 -1.76 12.35
C LEU A 100 -0.04 -2.20 13.49
N SER A 101 -0.29 -3.51 13.57
CA SER A 101 -1.14 -4.06 14.61
C SER A 101 -0.41 -4.10 15.95
N LYS A 102 0.78 -4.69 15.96
CA LYS A 102 1.59 -4.78 17.17
C LYS A 102 1.90 -3.39 17.72
N LYS A 103 2.66 -3.35 18.81
CA LYS A 103 3.04 -2.09 19.43
C LYS A 103 4.26 -1.49 18.74
N GLU A 104 4.33 -1.66 17.43
CA GLU A 104 5.46 -1.13 16.66
C GLU A 104 5.51 0.39 16.75
N GLU A 105 4.59 1.06 16.05
CA GLU A 105 4.54 2.51 16.06
C GLU A 105 3.09 3.00 16.06
N LYS A 106 2.82 4.02 16.86
CA LYS A 106 1.48 4.59 16.96
C LYS A 106 1.31 5.76 16.00
N SER A 107 0.07 6.22 15.83
CA SER A 107 -0.22 7.33 14.94
C SER A 107 -1.06 8.39 15.65
N GLY A 108 -0.76 9.65 15.36
CA GLY A 108 -1.50 10.74 15.98
C GLY A 108 -2.98 10.69 15.68
N PRO A 109 -3.66 11.84 15.81
CA PRO A 109 -5.10 11.93 15.56
C PRO A 109 -5.44 11.77 14.08
N SER A 110 -6.71 11.45 13.80
CA SER A 110 -7.17 11.26 12.44
C SER A 110 -8.61 11.73 12.27
N SER A 111 -9.09 11.74 11.03
CA SER A 111 -10.46 12.16 10.74
C SER A 111 -11.05 11.35 9.59
N GLY A 112 -12.15 10.66 9.86
CA GLY A 112 -12.80 9.86 8.83
C GLY A 112 -13.65 10.69 7.91
#